data_4OMN
# 
_entry.id   4OMN 
# 
_audit_conform.dict_name       mmcif_pdbx.dic 
_audit_conform.dict_version    5.379 
_audit_conform.dict_location   http://mmcif.pdb.org/dictionaries/ascii/mmcif_pdbx.dic 
# 
loop_
_database_2.database_id 
_database_2.database_code 
_database_2.pdbx_database_accession 
_database_2.pdbx_DOI 
PDB   4OMN         pdb_00004omn 10.2210/pdb4omn/pdb 
RCSB  RCSB084684   ?            ?                   
WWPDB D_1000084684 ?            ?                   
# 
loop_
_pdbx_database_related.db_name 
_pdbx_database_related.db_id 
_pdbx_database_related.details 
_pdbx_database_related.content_type 
PDB 4JZ3 'CRYSTAL STRUCTURE OF THE CHICKEN C-SRC-SH3 DOMAIN INTERTWINED DIMER'                                   unspecified 
PDB 4JZ4 'CRYSTAL STRUCTURE OF CHICKEN C-SRC-SH3 DOMAIN: MONOMERIC FORM'                                         unspecified 
PDB 4HVU 'Crystal structure of the T98D c-Src-SH3 domain mutant in complex with the high affinity peptide APP12' unspecified 
PDB 4HVV 'Crystal structure of the T98E c-Src-SH3 domain mutant in complex with the high affinity peptide APP12' unspecified 
PDB 4HVW 'Crystal structure of the T98E c-Src-SH3 domain mutant in complex with the high affinity peptide VSL12' unspecified 
PDB 3FJ5 'Crystal structure of the c-src-SH3 domain.'                                                            unspecified 
PDB 4OML .                                                                                                       unspecified 
PDB 4OMM .                                                                                                       unspecified 
PDB 4OMO .                                                                                                       unspecified 
PDB 4OMP .                                                                                                       unspecified 
PDB 4OMQ .                                                                                                       unspecified 
# 
_pdbx_database_status.entry_id                        4OMN 
_pdbx_database_status.status_code                     REL 
_pdbx_database_status.deposit_site                    RCSB 
_pdbx_database_status.process_site                    RCSB 
_pdbx_database_status.recvd_initial_deposition_date   2014-01-27 
_pdbx_database_status.status_code_sf                  REL 
_pdbx_database_status.status_code_mr                  ? 
_pdbx_database_status.SG_entry                        ? 
_pdbx_database_status.status_code_cs                  ? 
_pdbx_database_status.methods_development_category    ? 
_pdbx_database_status.pdb_format_compatible           Y 
_pdbx_database_status.status_code_nmr_data            ? 
# 
loop_
_audit_author.name 
_audit_author.pdbx_ordinal 
'Camara-Artigas, A.' 1 
'Bacarizo, J.'       2 
# 
_citation.id                        primary 
_citation.title                     
;Electrostatic Effects in the Folding of the SH3 Domain of the c-Src Tyrosine Kinase: pH-Dependence in 3D-Domain Swapping and Amyloid Formation.
;
_citation.journal_abbrev            'Plos One' 
_citation.journal_volume            9 
_citation.page_first                e113224 
_citation.page_last                 e113224 
_citation.year                      2014 
_citation.journal_id_ASTM           ? 
_citation.country                   US 
_citation.journal_id_ISSN           1932-6203 
_citation.journal_id_CSD            ? 
_citation.book_publisher            ? 
_citation.pdbx_database_id_PubMed   25490095 
_citation.pdbx_database_id_DOI      10.1371/journal.pone.0113224 
# 
loop_
_citation_author.citation_id 
_citation_author.name 
_citation_author.ordinal 
_citation_author.identifier_ORCID 
primary 'Bacarizo, J.'           1 ? 
primary 'Martinez-Rodriguez, S.' 2 ? 
primary 'Martin-Garcia, J.M.'    3 ? 
primary 'Andujar-Sanchez, M.'    4 ? 
primary 'Ortiz-Salmeron, E.'     5 ? 
primary 'Neira, J.L.'            6 ? 
primary 'Camara-Artigas, A.'     7 ? 
# 
_cell.entry_id           4OMN 
_cell.length_a           46.688 
_cell.length_b           46.688 
_cell.length_c           127.683 
_cell.angle_alpha        90.00 
_cell.angle_beta         90.00 
_cell.angle_gamma        120.00 
_cell.Z_PDB              12 
_cell.pdbx_unique_axis   ? 
_cell.length_a_esd       ? 
_cell.length_b_esd       ? 
_cell.length_c_esd       ? 
_cell.angle_alpha_esd    ? 
_cell.angle_beta_esd     ? 
_cell.angle_gamma_esd    ? 
# 
_symmetry.entry_id                         4OMN 
_symmetry.space_group_name_H-M             'P 65 2 2' 
_symmetry.pdbx_full_space_group_name_H-M   ? 
_symmetry.cell_setting                     ? 
_symmetry.Int_Tables_number                179 
_symmetry.space_group_name_Hall            ? 
# 
loop_
_entity.id 
_entity.type 
_entity.src_method 
_entity.pdbx_description 
_entity.formula_weight 
_entity.pdbx_number_of_molecules 
_entity.pdbx_ec 
_entity.pdbx_mutation 
_entity.pdbx_fragment 
_entity.details 
1 polymer     man 'Proto-oncogene tyrosine-protein kinase Src' 8680.484 1  2.7.10.2 Q128E 'SH3 domain' ? 
2 non-polymer syn 'TRIETHYLENE GLYCOL'                         150.173  1  ?        ?     ?            ? 
3 non-polymer syn 'DI(HYDROXYETHYL)ETHER'                      106.120  2  ?        ?     ?            ? 
4 non-polymer syn 'SULFATE ION'                                96.063   1  ?        ?     ?            ? 
5 non-polymer syn GLYCEROL                                     92.094   1  ?        ?     ?            ? 
6 water       nat water                                        18.015   30 ?        ?     ?            ? 
# 
_entity_name_com.entity_id   1 
_entity_name_com.name        'Proto-oncogene c-Src, pp60c-src, p60-Src' 
# 
_entity_poly.entity_id                      1 
_entity_poly.type                           'polypeptide(L)' 
_entity_poly.nstd_linkage                   no 
_entity_poly.nstd_monomer                   no 
_entity_poly.pdbx_seq_one_letter_code       MGSSHHHHHHSSGLVPRGSHMTFVALYDYESRTETDLSFKKGERLQIVNNTEGDWWLAHSLTTGETGYIPSNYVAPS 
_entity_poly.pdbx_seq_one_letter_code_can   MGSSHHHHHHSSGLVPRGSHMTFVALYDYESRTETDLSFKKGERLQIVNNTEGDWWLAHSLTTGETGYIPSNYVAPS 
_entity_poly.pdbx_strand_id                 A 
_entity_poly.pdbx_target_identifier         ? 
# 
loop_
_entity_poly_seq.entity_id 
_entity_poly_seq.num 
_entity_poly_seq.mon_id 
_entity_poly_seq.hetero 
1 1  MET n 
1 2  GLY n 
1 3  SER n 
1 4  SER n 
1 5  HIS n 
1 6  HIS n 
1 7  HIS n 
1 8  HIS n 
1 9  HIS n 
1 10 HIS n 
1 11 SER n 
1 12 SER n 
1 13 GLY n 
1 14 LEU n 
1 15 VAL n 
1 16 PRO n 
1 17 ARG n 
1 18 GLY n 
1 19 SER n 
1 20 HIS n 
1 21 MET n 
1 22 THR n 
1 23 PHE n 
1 24 VAL n 
1 25 ALA n 
1 26 LEU n 
1 27 TYR n 
1 28 ASP n 
1 29 TYR n 
1 30 GLU n 
1 31 SER n 
1 32 ARG n 
1 33 THR n 
1 34 GLU n 
1 35 THR n 
1 36 ASP n 
1 37 LEU n 
1 38 SER n 
1 39 PHE n 
1 40 LYS n 
1 41 LYS n 
1 42 GLY n 
1 43 GLU n 
1 44 ARG n 
1 45 LEU n 
1 46 GLN n 
1 47 ILE n 
1 48 VAL n 
1 49 ASN n 
1 50 ASN n 
1 51 THR n 
1 52 GLU n 
1 53 GLY n 
1 54 ASP n 
1 55 TRP n 
1 56 TRP n 
1 57 LEU n 
1 58 ALA n 
1 59 HIS n 
1 60 SER n 
1 61 LEU n 
1 62 THR n 
1 63 THR n 
1 64 GLY n 
1 65 GLU n 
1 66 THR n 
1 67 GLY n 
1 68 TYR n 
1 69 ILE n 
1 70 PRO n 
1 71 SER n 
1 72 ASN n 
1 73 TYR n 
1 74 VAL n 
1 75 ALA n 
1 76 PRO n 
1 77 SER n 
# 
_entity_src_gen.entity_id                          1 
_entity_src_gen.pdbx_src_id                        1 
_entity_src_gen.pdbx_alt_source_flag               sample 
_entity_src_gen.pdbx_seq_type                      ? 
_entity_src_gen.pdbx_beg_seq_num                   ? 
_entity_src_gen.pdbx_end_seq_num                   ? 
_entity_src_gen.gene_src_common_name               bantam,chickens 
_entity_src_gen.gene_src_genus                     ? 
_entity_src_gen.pdbx_gene_src_gene                 SRC 
_entity_src_gen.gene_src_species                   ? 
_entity_src_gen.gene_src_strain                    ? 
_entity_src_gen.gene_src_tissue                    ? 
_entity_src_gen.gene_src_tissue_fraction           ? 
_entity_src_gen.gene_src_details                   ? 
_entity_src_gen.pdbx_gene_src_fragment             ? 
_entity_src_gen.pdbx_gene_src_scientific_name      'Gallus gallus' 
_entity_src_gen.pdbx_gene_src_ncbi_taxonomy_id     9031 
_entity_src_gen.pdbx_gene_src_variant              ? 
_entity_src_gen.pdbx_gene_src_cell_line            ? 
_entity_src_gen.pdbx_gene_src_atcc                 ? 
_entity_src_gen.pdbx_gene_src_organ                ? 
_entity_src_gen.pdbx_gene_src_organelle            ? 
_entity_src_gen.pdbx_gene_src_cell                 ? 
_entity_src_gen.pdbx_gene_src_cellular_location    ? 
_entity_src_gen.host_org_common_name               ? 
_entity_src_gen.pdbx_host_org_scientific_name      'Escherichia coli' 
_entity_src_gen.pdbx_host_org_ncbi_taxonomy_id     469008 
_entity_src_gen.host_org_genus                     ? 
_entity_src_gen.pdbx_host_org_gene                 ? 
_entity_src_gen.pdbx_host_org_organ                ? 
_entity_src_gen.host_org_species                   ? 
_entity_src_gen.pdbx_host_org_tissue               ? 
_entity_src_gen.pdbx_host_org_tissue_fraction      ? 
_entity_src_gen.pdbx_host_org_strain               'BL21(DE3)' 
_entity_src_gen.pdbx_host_org_variant              ? 
_entity_src_gen.pdbx_host_org_cell_line            ? 
_entity_src_gen.pdbx_host_org_atcc                 ? 
_entity_src_gen.pdbx_host_org_culture_collection   ? 
_entity_src_gen.pdbx_host_org_cell                 ? 
_entity_src_gen.pdbx_host_org_organelle            ? 
_entity_src_gen.pdbx_host_org_cellular_location    ? 
_entity_src_gen.pdbx_host_org_vector_type          plasmid 
_entity_src_gen.pdbx_host_org_vector               ? 
_entity_src_gen.host_org_details                   ? 
_entity_src_gen.expression_system_id               ? 
_entity_src_gen.plasmid_name                       pET15b 
_entity_src_gen.plasmid_details                    ? 
_entity_src_gen.pdbx_description                   ? 
# 
_struct_ref.id                         1 
_struct_ref.db_name                    UNP 
_struct_ref.db_code                    SRC_CHICK 
_struct_ref.pdbx_db_accession          P00523 
_struct_ref.entity_id                  1 
_struct_ref.pdbx_seq_one_letter_code   TFVALYDYESRTETDLSFKKGERLQIVNNTEGDWWLAHSLTTGQTGYIPSNYVAPS 
_struct_ref.pdbx_align_begin           85 
_struct_ref.pdbx_db_isoform            ? 
# 
_struct_ref_seq.align_id                      1 
_struct_ref_seq.ref_id                        1 
_struct_ref_seq.pdbx_PDB_id_code              4OMN 
_struct_ref_seq.pdbx_strand_id                A 
_struct_ref_seq.seq_align_beg                 22 
_struct_ref_seq.pdbx_seq_align_beg_ins_code   ? 
_struct_ref_seq.seq_align_end                 77 
_struct_ref_seq.pdbx_seq_align_end_ins_code   ? 
_struct_ref_seq.pdbx_db_accession             P00523 
_struct_ref_seq.db_align_beg                  85 
_struct_ref_seq.pdbx_db_align_beg_ins_code    ? 
_struct_ref_seq.db_align_end                  140 
_struct_ref_seq.pdbx_db_align_end_ins_code    ? 
_struct_ref_seq.pdbx_auth_seq_align_beg       85 
_struct_ref_seq.pdbx_auth_seq_align_end       140 
# 
loop_
_struct_ref_seq_dif.align_id 
_struct_ref_seq_dif.pdbx_pdb_id_code 
_struct_ref_seq_dif.mon_id 
_struct_ref_seq_dif.pdbx_pdb_strand_id 
_struct_ref_seq_dif.seq_num 
_struct_ref_seq_dif.pdbx_pdb_ins_code 
_struct_ref_seq_dif.pdbx_seq_db_name 
_struct_ref_seq_dif.pdbx_seq_db_accession_code 
_struct_ref_seq_dif.db_mon_id 
_struct_ref_seq_dif.pdbx_seq_db_seq_num 
_struct_ref_seq_dif.details 
_struct_ref_seq_dif.pdbx_auth_seq_num 
_struct_ref_seq_dif.pdbx_ordinal 
1 4OMN MET A 1  ? UNP P00523 ?   ?   'initiating methionine' 64  1  
1 4OMN GLY A 2  ? UNP P00523 ?   ?   'expression tag'        65  2  
1 4OMN SER A 3  ? UNP P00523 ?   ?   'expression tag'        66  3  
1 4OMN SER A 4  ? UNP P00523 ?   ?   'expression tag'        67  4  
1 4OMN HIS A 5  ? UNP P00523 ?   ?   'expression tag'        68  5  
1 4OMN HIS A 6  ? UNP P00523 ?   ?   'expression tag'        69  6  
1 4OMN HIS A 7  ? UNP P00523 ?   ?   'expression tag'        70  7  
1 4OMN HIS A 8  ? UNP P00523 ?   ?   'expression tag'        71  8  
1 4OMN HIS A 9  ? UNP P00523 ?   ?   'expression tag'        72  9  
1 4OMN HIS A 10 ? UNP P00523 ?   ?   'expression tag'        73  10 
1 4OMN SER A 11 ? UNP P00523 ?   ?   'expression tag'        74  11 
1 4OMN SER A 12 ? UNP P00523 ?   ?   'expression tag'        75  12 
1 4OMN GLY A 13 ? UNP P00523 ?   ?   'expression tag'        76  13 
1 4OMN LEU A 14 ? UNP P00523 ?   ?   'expression tag'        77  14 
1 4OMN VAL A 15 ? UNP P00523 ?   ?   'expression tag'        78  15 
1 4OMN PRO A 16 ? UNP P00523 ?   ?   'expression tag'        79  16 
1 4OMN ARG A 17 ? UNP P00523 ?   ?   'expression tag'        80  17 
1 4OMN GLY A 18 ? UNP P00523 ?   ?   'expression tag'        81  18 
1 4OMN SER A 19 ? UNP P00523 ?   ?   'expression tag'        82  19 
1 4OMN HIS A 20 ? UNP P00523 ?   ?   'expression tag'        83  20 
1 4OMN MET A 21 ? UNP P00523 ?   ?   'expression tag'        84  21 
1 4OMN GLU A 65 ? UNP P00523 GLN 128 'engineered mutation'   128 22 
# 
loop_
_chem_comp.id 
_chem_comp.type 
_chem_comp.mon_nstd_flag 
_chem_comp.name 
_chem_comp.pdbx_synonyms 
_chem_comp.formula 
_chem_comp.formula_weight 
ALA 'L-peptide linking' y ALANINE                 ?                               'C3 H7 N O2'     89.093  
ARG 'L-peptide linking' y ARGININE                ?                               'C6 H15 N4 O2 1' 175.209 
ASN 'L-peptide linking' y ASPARAGINE              ?                               'C4 H8 N2 O3'    132.118 
ASP 'L-peptide linking' y 'ASPARTIC ACID'         ?                               'C4 H7 N O4'     133.103 
GLN 'L-peptide linking' y GLUTAMINE               ?                               'C5 H10 N2 O3'   146.144 
GLU 'L-peptide linking' y 'GLUTAMIC ACID'         ?                               'C5 H9 N O4'     147.129 
GLY 'peptide linking'   y GLYCINE                 ?                               'C2 H5 N O2'     75.067  
GOL non-polymer         . GLYCEROL                'GLYCERIN; PROPANE-1,2,3-TRIOL' 'C3 H8 O3'       92.094  
HIS 'L-peptide linking' y HISTIDINE               ?                               'C6 H10 N3 O2 1' 156.162 
HOH non-polymer         . WATER                   ?                               'H2 O'           18.015  
ILE 'L-peptide linking' y ISOLEUCINE              ?                               'C6 H13 N O2'    131.173 
LEU 'L-peptide linking' y LEUCINE                 ?                               'C6 H13 N O2'    131.173 
LYS 'L-peptide linking' y LYSINE                  ?                               'C6 H15 N2 O2 1' 147.195 
MET 'L-peptide linking' y METHIONINE              ?                               'C5 H11 N O2 S'  149.211 
PEG non-polymer         . 'DI(HYDROXYETHYL)ETHER' ?                               'C4 H10 O3'      106.120 
PGE non-polymer         . 'TRIETHYLENE GLYCOL'    ?                               'C6 H14 O4'      150.173 
PHE 'L-peptide linking' y PHENYLALANINE           ?                               'C9 H11 N O2'    165.189 
PRO 'L-peptide linking' y PROLINE                 ?                               'C5 H9 N O2'     115.130 
SER 'L-peptide linking' y SERINE                  ?                               'C3 H7 N O3'     105.093 
SO4 non-polymer         . 'SULFATE ION'           ?                               'O4 S -2'        96.063  
THR 'L-peptide linking' y THREONINE               ?                               'C4 H9 N O3'     119.119 
TRP 'L-peptide linking' y TRYPTOPHAN              ?                               'C11 H12 N2 O2'  204.225 
TYR 'L-peptide linking' y TYROSINE                ?                               'C9 H11 N O3'    181.189 
VAL 'L-peptide linking' y VALINE                  ?                               'C5 H11 N O2'    117.146 
# 
_exptl.entry_id          4OMN 
_exptl.method            'X-RAY DIFFRACTION' 
_exptl.crystals_number   1 
# 
_exptl_crystal.id                    1 
_exptl_crystal.density_meas          ? 
_exptl_crystal.density_Matthews      2.31 
_exptl_crystal.density_percent_sol   46.84 
_exptl_crystal.description           ? 
_exptl_crystal.F_000                 ? 
_exptl_crystal.preparation           ? 
# 
_exptl_crystal_grow.crystal_id      1 
_exptl_crystal_grow.method          ? 
_exptl_crystal_grow.temp            298 
_exptl_crystal_grow.temp_details    ? 
_exptl_crystal_grow.pH              5.0 
_exptl_crystal_grow.pdbx_pH_range   ? 
_exptl_crystal_grow.pdbx_details    
;0.1M sodium acetate, 1.8 M ammonium sulphate, 10%PEG 200, 10%Glicerol, 10mM NDSB, pH 5.0, vapor diffusion, hanging drop, temperature 298K
;
# 
_diffrn.id                     1 
_diffrn.ambient_temp           100 
_diffrn.ambient_temp_details   ? 
_diffrn.crystal_id             1 
# 
_diffrn_detector.diffrn_id              1 
_diffrn_detector.detector               PIXEL 
_diffrn_detector.type                   'DECTRIS PILATUS 6M' 
_diffrn_detector.pdbx_collection_date   2013-03-14 
_diffrn_detector.details                'CHANNEL-CUT SI(111) + KB FOCUSING MIRRORS' 
# 
_diffrn_radiation.diffrn_id                        1 
_diffrn_radiation.wavelength_id                    1 
_diffrn_radiation.pdbx_monochromatic_or_laue_m_l   M 
_diffrn_radiation.monochromator                    'SI(111) CHANNEL-CUT, CRYOCOOLED' 
_diffrn_radiation.pdbx_diffrn_protocol             'SINGLE WAVELENGTH' 
_diffrn_radiation.pdbx_scattering_type             x-ray 
# 
_diffrn_radiation_wavelength.id           1 
_diffrn_radiation_wavelength.wavelength   0.979491 
_diffrn_radiation_wavelength.wt           1.0 
# 
_diffrn_source.diffrn_id                   1 
_diffrn_source.source                      SYNCHROTRON 
_diffrn_source.type                        'ALBA BEAMLINE XALOC' 
_diffrn_source.pdbx_synchrotron_site       ALBA 
_diffrn_source.pdbx_synchrotron_beamline   XALOC 
_diffrn_source.pdbx_wavelength             0.979491 
_diffrn_source.pdbx_wavelength_list        ? 
# 
_reflns.pdbx_diffrn_id               1 
_reflns.pdbx_ordinal                 1 
_reflns.entry_id                     4OMN 
_reflns.observed_criterion_sigma_I   0.000 
_reflns.observed_criterion_sigma_F   ? 
_reflns.d_resolution_low             42.560 
_reflns.d_resolution_high            1.500 
_reflns.number_obs                   14008 
_reflns.number_all                   ? 
_reflns.percent_possible_obs         99.9 
_reflns.pdbx_Rmerge_I_obs            0.05400 
_reflns.pdbx_Rsym_value              0.05400 
_reflns.pdbx_netI_over_sigmaI        26.9000 
_reflns.B_iso_Wilson_estimate        17.10 
_reflns.pdbx_redundancy              12.100 
_reflns.R_free_details               ? 
_reflns.limit_h_max                  ? 
_reflns.limit_h_min                  ? 
_reflns.limit_k_max                  ? 
_reflns.limit_k_min                  ? 
_reflns.limit_l_max                  ? 
_reflns.limit_l_min                  ? 
_reflns.observed_criterion_F_max     ? 
_reflns.observed_criterion_F_min     ? 
_reflns.pdbx_chi_squared             ? 
_reflns.pdbx_scaling_rejects         ? 
# 
_reflns_shell.pdbx_diffrn_id         1 
_reflns_shell.pdbx_ordinal           1 
_reflns_shell.d_res_high             1.50 
_reflns_shell.d_res_low              1.53 
_reflns_shell.percent_possible_all   98.9 
_reflns_shell.Rmerge_I_obs           0.70800 
_reflns_shell.pdbx_Rsym_value        ? 
_reflns_shell.meanI_over_sigI_obs    4.600 
_reflns_shell.pdbx_redundancy        12.00 
_reflns_shell.percent_possible_obs   ? 
_reflns_shell.number_unique_all      ? 
_reflns_shell.number_measured_all    ? 
_reflns_shell.number_measured_obs    ? 
_reflns_shell.number_unique_obs      ? 
_reflns_shell.pdbx_chi_squared       ? 
# 
_refine.pdbx_refine_id                           'X-RAY DIFFRACTION' 
_refine.entry_id                                 4OMN 
_refine.pdbx_diffrn_id                           1 
_refine.pdbx_TLS_residual_ADP_flag               ? 
_refine.ls_number_reflns_obs                     13935 
_refine.ls_number_reflns_all                     ? 
_refine.pdbx_ls_sigma_I                          ? 
_refine.pdbx_ls_sigma_F                          0.430 
_refine.pdbx_data_cutoff_high_absF               ? 
_refine.pdbx_data_cutoff_low_absF                ? 
_refine.pdbx_data_cutoff_high_rms_absF           ? 
_refine.ls_d_res_low                             38.55 
_refine.ls_d_res_high                            1.50 
_refine.ls_percent_reflns_obs                    99.9 
_refine.ls_R_factor_obs                          0.157 
_refine.ls_R_factor_all                          ? 
_refine.ls_R_factor_R_work                       0.156 
_refine.ls_R_factor_R_free                       0.168 
_refine.ls_R_factor_R_free_error                 ? 
_refine.ls_R_factor_R_free_error_details         ? 
_refine.ls_percent_reflns_R_free                 5.010 
_refine.ls_number_reflns_R_free                  695 
_refine.ls_number_parameters                     ? 
_refine.ls_number_restraints                     ? 
_refine.occupancy_min                            ? 
_refine.occupancy_max                            ? 
_refine.correlation_coeff_Fo_to_Fc               ? 
_refine.correlation_coeff_Fo_to_Fc_free          ? 
_refine.B_iso_mean                               29.92 
_refine.aniso_B[1][1]                            ? 
_refine.aniso_B[2][2]                            ? 
_refine.aniso_B[3][3]                            ? 
_refine.aniso_B[1][2]                            ? 
_refine.aniso_B[1][3]                            ? 
_refine.aniso_B[2][3]                            ? 
_refine.solvent_model_details                    'FLAT BULK SOLVENT MODEL' 
_refine.solvent_model_param_ksol                 ? 
_refine.solvent_model_param_bsol                 ? 
_refine.pdbx_solvent_vdw_probe_radii             1.11 
_refine.pdbx_solvent_ion_probe_radii             ? 
_refine.pdbx_solvent_shrinkage_radii             0.90 
_refine.pdbx_ls_cross_valid_method               ? 
_refine.details                                  ? 
_refine.pdbx_starting_model                      'PDB ENTRY 4JZ4' 
_refine.pdbx_method_to_determine_struct          'MOLECULAR REPLACEMENT' 
_refine.pdbx_isotropic_thermal_model             anisotropic 
_refine.pdbx_stereochemistry_target_values       ML 
_refine.pdbx_stereochem_target_val_spec_case     ? 
_refine.pdbx_R_Free_selection_details            ? 
_refine.pdbx_overall_ESU_R                       ? 
_refine.pdbx_overall_ESU_R_Free                  ? 
_refine.overall_SU_ML                            0.120 
_refine.pdbx_overall_phase_error                 15.710 
_refine.overall_SU_B                             ? 
_refine.overall_SU_R_Cruickshank_DPI             ? 
_refine.pdbx_overall_SU_R_free_Cruickshank_DPI   ? 
_refine.pdbx_overall_SU_R_Blow_DPI               ? 
_refine.pdbx_overall_SU_R_free_Blow_DPI          ? 
_refine.ls_redundancy_reflns_obs                 ? 
_refine.B_iso_min                                ? 
_refine.B_iso_max                                ? 
_refine.overall_SU_R_free                        ? 
_refine.ls_wR_factor_R_free                      ? 
_refine.ls_wR_factor_R_work                      ? 
_refine.overall_FOM_free_R_set                   ? 
_refine.overall_FOM_work_R_set                   ? 
# 
_refine_hist.pdbx_refine_id                   'X-RAY DIFFRACTION' 
_refine_hist.cycle_id                         LAST 
_refine_hist.pdbx_number_atoms_protein        459 
_refine_hist.pdbx_number_atoms_nucleic_acid   0 
_refine_hist.pdbx_number_atoms_ligand         35 
_refine_hist.number_atoms_solvent             30 
_refine_hist.number_atoms_total               524 
_refine_hist.d_res_high                       1.50 
_refine_hist.d_res_low                        38.55 
# 
loop_
_refine_ls_restr.type 
_refine_ls_restr.dev_ideal 
_refine_ls_restr.dev_ideal_target 
_refine_ls_restr.weight 
_refine_ls_restr.number 
_refine_ls_restr.pdbx_refine_id 
_refine_ls_restr.pdbx_restraint_function 
f_bond_d           0.005  ? ? 539 'X-RAY DIFFRACTION' ? 
f_angle_d          0.972  ? ? 726 'X-RAY DIFFRACTION' ? 
f_dihedral_angle_d 12.699 ? ? 200 'X-RAY DIFFRACTION' ? 
f_chiral_restr     0.070  ? ? 74  'X-RAY DIFFRACTION' ? 
f_plane_restr      0.004  ? ? 91  'X-RAY DIFFRACTION' ? 
# 
loop_
_refine_ls_shell.pdbx_refine_id 
_refine_ls_shell.pdbx_total_number_of_bins_used 
_refine_ls_shell.d_res_high 
_refine_ls_shell.d_res_low 
_refine_ls_shell.number_reflns_R_work 
_refine_ls_shell.R_factor_R_work 
_refine_ls_shell.percent_reflns_obs 
_refine_ls_shell.R_factor_R_free 
_refine_ls_shell.R_factor_R_free_error 
_refine_ls_shell.percent_reflns_R_free 
_refine_ls_shell.number_reflns_R_free 
_refine_ls_shell.number_reflns_all 
_refine_ls_shell.R_factor_all 
_refine_ls_shell.redundancy_reflns_obs 
_refine_ls_shell.number_reflns_obs 
'X-RAY DIFFRACTION' . 1.5007 1.5608  2605 0.1870 100.00 0.2405 . . 150 . . . . 
'X-RAY DIFFRACTION' . 1.5608 1.6318  2594 0.1602 100.00 0.2153 . . 156 . . . . 
'X-RAY DIFFRACTION' . 1.6318 1.7179  2650 0.1375 100.00 0.1686 . . 148 . . . . 
'X-RAY DIFFRACTION' . 1.7179 1.8255  2604 0.1193 100.00 0.1445 . . 123 . . . . 
'X-RAY DIFFRACTION' . 1.8255 1.9664  2653 0.1174 100.00 0.1856 . . 128 . . . . 
'X-RAY DIFFRACTION' . 1.9664 2.1643  2649 0.1142 100.00 0.1292 . . 132 . . . . 
'X-RAY DIFFRACTION' . 2.1643 2.4774  2623 0.1347 100.00 0.1607 . . 142 . . . . 
'X-RAY DIFFRACTION' . 2.4774 3.1211  2665 0.1662 100.00 0.2018 . . 112 . . . . 
'X-RAY DIFFRACTION' . 3.1211 38.5592 2600 0.1862 100.00 0.1571 . . 157 . . . . 
# 
_struct.entry_id                  4OMN 
_struct.title                     'Crystal structure of the intertwined dimer of the c-Src tyrosine kinase SH3 domain mutant Q128E' 
_struct.pdbx_model_details        ? 
_struct.pdbx_CASP_flag            ? 
_struct.pdbx_model_type_details   ? 
# 
_struct_keywords.entry_id        4OMN 
_struct_keywords.text            'beta-barrel sandwich, kinase, proline rich motifs, TRANSFERASE' 
_struct_keywords.pdbx_keywords   TRANSFERASE 
# 
loop_
_struct_asym.id 
_struct_asym.pdbx_blank_PDB_chainid_flag 
_struct_asym.pdbx_modified 
_struct_asym.entity_id 
_struct_asym.details 
A N N 1 ? 
B N N 2 ? 
C N N 3 ? 
D N N 3 ? 
E N N 4 ? 
F N N 5 ? 
G N N 6 ? 
# 
_struct_biol.id        1 
_struct_biol.details   ? 
# 
_struct_conf.conf_type_id            HELX_P 
_struct_conf.id                      HELX_P1 
_struct_conf.pdbx_PDB_helix_id       1 
_struct_conf.beg_label_comp_id       ASN 
_struct_conf.beg_label_asym_id       A 
_struct_conf.beg_label_seq_id        72 
_struct_conf.pdbx_beg_PDB_ins_code   ? 
_struct_conf.end_label_comp_id       VAL 
_struct_conf.end_label_asym_id       A 
_struct_conf.end_label_seq_id        74 
_struct_conf.pdbx_end_PDB_ins_code   ? 
_struct_conf.beg_auth_comp_id        ASN 
_struct_conf.beg_auth_asym_id        A 
_struct_conf.beg_auth_seq_id         135 
_struct_conf.end_auth_comp_id        VAL 
_struct_conf.end_auth_asym_id        A 
_struct_conf.end_auth_seq_id         137 
_struct_conf.pdbx_PDB_helix_class    5 
_struct_conf.details                 ? 
_struct_conf.pdbx_PDB_helix_length   3 
# 
_struct_conf_type.id          HELX_P 
_struct_conf_type.criteria    ? 
_struct_conf_type.reference   ? 
# 
loop_
_struct_sheet.id 
_struct_sheet.type 
_struct_sheet.number_strands 
_struct_sheet.details 
A ? 2 ? 
B ? 2 ? 
# 
loop_
_struct_sheet_order.sheet_id 
_struct_sheet_order.range_id_1 
_struct_sheet_order.range_id_2 
_struct_sheet_order.offset 
_struct_sheet_order.sense 
A 1 2 ? anti-parallel 
B 1 2 ? anti-parallel 
# 
loop_
_struct_sheet_range.sheet_id 
_struct_sheet_range.id 
_struct_sheet_range.beg_label_comp_id 
_struct_sheet_range.beg_label_asym_id 
_struct_sheet_range.beg_label_seq_id 
_struct_sheet_range.pdbx_beg_PDB_ins_code 
_struct_sheet_range.end_label_comp_id 
_struct_sheet_range.end_label_asym_id 
_struct_sheet_range.end_label_seq_id 
_struct_sheet_range.pdbx_end_PDB_ins_code 
_struct_sheet_range.beg_auth_comp_id 
_struct_sheet_range.beg_auth_asym_id 
_struct_sheet_range.beg_auth_seq_id 
_struct_sheet_range.end_auth_comp_id 
_struct_sheet_range.end_auth_asym_id 
_struct_sheet_range.end_auth_seq_id 
A 1 THR A 22 ? VAL A 24 ? THR A 85  VAL A 87  
A 2 ARG A 44 ? GLN A 46 ? ARG A 107 GLN A 109 
B 1 TRP A 55 ? HIS A 59 ? TRP A 118 HIS A 122 
B 2 THR A 66 ? PRO A 70 ? THR A 129 PRO A 133 
# 
loop_
_pdbx_struct_sheet_hbond.sheet_id 
_pdbx_struct_sheet_hbond.range_id_1 
_pdbx_struct_sheet_hbond.range_id_2 
_pdbx_struct_sheet_hbond.range_1_label_atom_id 
_pdbx_struct_sheet_hbond.range_1_label_comp_id 
_pdbx_struct_sheet_hbond.range_1_label_asym_id 
_pdbx_struct_sheet_hbond.range_1_label_seq_id 
_pdbx_struct_sheet_hbond.range_1_PDB_ins_code 
_pdbx_struct_sheet_hbond.range_1_auth_atom_id 
_pdbx_struct_sheet_hbond.range_1_auth_comp_id 
_pdbx_struct_sheet_hbond.range_1_auth_asym_id 
_pdbx_struct_sheet_hbond.range_1_auth_seq_id 
_pdbx_struct_sheet_hbond.range_2_label_atom_id 
_pdbx_struct_sheet_hbond.range_2_label_comp_id 
_pdbx_struct_sheet_hbond.range_2_label_asym_id 
_pdbx_struct_sheet_hbond.range_2_label_seq_id 
_pdbx_struct_sheet_hbond.range_2_PDB_ins_code 
_pdbx_struct_sheet_hbond.range_2_auth_atom_id 
_pdbx_struct_sheet_hbond.range_2_auth_comp_id 
_pdbx_struct_sheet_hbond.range_2_auth_asym_id 
_pdbx_struct_sheet_hbond.range_2_auth_seq_id 
A 1 2 N PHE A 23 ? N PHE A 86  O LEU A 45 ? O LEU A 108 
B 1 2 N TRP A 56 ? N TRP A 119 O ILE A 69 ? O ILE A 132 
# 
loop_
_struct_site.id 
_struct_site.pdbx_evidence_code 
_struct_site.pdbx_auth_asym_id 
_struct_site.pdbx_auth_comp_id 
_struct_site.pdbx_auth_seq_id 
_struct_site.pdbx_auth_ins_code 
_struct_site.pdbx_num_residues 
_struct_site.details 
AC1 Software A PGE 201 ? 11 'BINDING SITE FOR RESIDUE PGE A 201' 
AC2 Software A PEG 202 ? 4  'BINDING SITE FOR RESIDUE PEG A 202' 
AC3 Software A PEG 203 ? 3  'BINDING SITE FOR RESIDUE PEG A 203' 
AC4 Software A SO4 204 ? 8  'BINDING SITE FOR RESIDUE SO4 A 204' 
AC5 Software A GOL 205 ? 2  'BINDING SITE FOR RESIDUE GOL A 205' 
# 
loop_
_struct_site_gen.id 
_struct_site_gen.site_id 
_struct_site_gen.pdbx_num_res 
_struct_site_gen.label_comp_id 
_struct_site_gen.label_asym_id 
_struct_site_gen.label_seq_id 
_struct_site_gen.pdbx_auth_ins_code 
_struct_site_gen.auth_comp_id 
_struct_site_gen.auth_asym_id 
_struct_site_gen.auth_seq_id 
_struct_site_gen.label_atom_id 
_struct_site_gen.label_alt_id 
_struct_site_gen.symmetry 
_struct_site_gen.details 
1  AC1 11 TYR A 29 ? TYR A 92  . ? 8_555  ? 
2  AC1 11 ARG A 32 ? ARG A 95  . ? 8_555  ? 
3  AC1 11 THR A 35 ? THR A 98  . ? 8_555  ? 
4  AC1 11 ASP A 36 ? ASP A 99  . ? 8_555  ? 
5  AC1 11 TRP A 55 ? TRP A 118 . ? 8_555  ? 
6  AC1 11 TRP A 55 ? TRP A 118 . ? 1_555  ? 
7  AC1 11 TYR A 68 ? TYR A 131 . ? 8_555  ? 
8  AC1 11 TYR A 68 ? TYR A 131 . ? 1_555  ? 
9  AC1 11 HOH G .  ? HOH A 301 . ? 1_555  ? 
10 AC1 11 HOH G .  ? HOH A 328 . ? 8_555  ? 
11 AC1 11 HOH G .  ? HOH A 328 . ? 1_555  ? 
12 AC2 4  TYR A 27 ? TYR A 90  . ? 1_555  ? 
13 AC2 4  LYS A 41 ? LYS A 104 . ? 10_665 ? 
14 AC2 4  ASN A 72 ? ASN A 135 . ? 8_555  ? 
15 AC2 4  PEG D .  ? PEG A 203 . ? 10_665 ? 
16 AC3 3  LYS A 41 ? LYS A 104 . ? 1_555  ? 
17 AC3 3  GLY A 42 ? GLY A 105 . ? 1_555  ? 
18 AC3 3  PEG C .  ? PEG A 202 . ? 10_665 ? 
19 AC4 8  THR A 33 ? THR A 96  . ? 8_555  ? 
20 AC4 8  THR A 33 ? THR A 96  . ? 1_555  ? 
21 AC4 8  GLU A 34 ? GLU A 97  . ? 8_555  ? 
22 AC4 8  GLU A 34 ? GLU A 97  . ? 1_555  ? 
23 AC4 8  HOH G .  ? HOH A 309 . ? 8_555  ? 
24 AC4 8  HOH G .  ? HOH A 309 . ? 1_555  ? 
25 AC4 8  HOH G .  ? HOH A 313 . ? 8_555  ? 
26 AC4 8  HOH G .  ? HOH A 313 . ? 1_555  ? 
27 AC5 2  TYR A 29 ? TYR A 92  . ? 1_555  ? 
28 AC5 2  PHE A 39 ? PHE A 102 . ? 1_555  ? 
# 
_atom_sites.entry_id                    4OMN 
_atom_sites.fract_transf_matrix[1][1]   0.02109743 
_atom_sites.fract_transf_matrix[1][2]   0.01236271 
_atom_sites.fract_transf_matrix[1][3]   0.00370854 
_atom_sites.fract_transf_matrix[2][1]   0.00736206 
_atom_sites.fract_transf_matrix[2][2]   0.01706865 
_atom_sites.fract_transf_matrix[2][3]   -0.01631358 
_atom_sites.fract_transf_matrix[3][1]   -0.00391766 
_atom_sites.fract_transf_matrix[3][2]   0.00549220 
_atom_sites.fract_transf_matrix[3][3]   0.00397843 
_atom_sites.fract_transf_vector[1]      0.329578 
_atom_sites.fract_transf_vector[2]      0.017784 
_atom_sites.fract_transf_vector[3]      0.015634 
# 
loop_
_atom_type.symbol 
C 
H 
N 
O 
S 
# 
loop_
_atom_site.group_PDB 
_atom_site.id 
_atom_site.type_symbol 
_atom_site.label_atom_id 
_atom_site.label_alt_id 
_atom_site.label_comp_id 
_atom_site.label_asym_id 
_atom_site.label_entity_id 
_atom_site.label_seq_id 
_atom_site.pdbx_PDB_ins_code 
_atom_site.Cartn_x 
_atom_site.Cartn_y 
_atom_site.Cartn_z 
_atom_site.occupancy 
_atom_site.B_iso_or_equiv 
_atom_site.pdbx_formal_charge 
_atom_site.auth_seq_id 
_atom_site.auth_comp_id 
_atom_site.auth_asym_id 
_atom_site.auth_atom_id 
_atom_site.pdbx_PDB_model_num 
ATOM   1    N N    . MET A 1 21 ? 3.183   7.871   13.044  1.00 53.27 ? 84  MET A N    1 
ATOM   2    C CA   . MET A 1 21 ? 1.841   7.926   13.611  1.00 60.02 ? 84  MET A CA   1 
ATOM   3    C C    . MET A 1 21 ? 0.857   8.567   12.637  1.00 50.16 ? 84  MET A C    1 
ATOM   4    O O    . MET A 1 21 ? 0.079   7.874   11.971  1.00 52.13 ? 84  MET A O    1 
ATOM   5    C CB   . MET A 1 21 ? 1.853   8.706   14.927  1.00 62.32 ? 84  MET A CB   1 
ATOM   6    C CG   . MET A 1 21 ? 0.530   8.694   15.681  0.81 69.56 ? 84  MET A CG   1 
ATOM   7    S SD   . MET A 1 21 ? 0.102   7.059   16.312  0.75 82.22 ? 84  MET A SD   1 
ATOM   8    C CE   . MET A 1 21 ? -1.388  7.426   17.235  0.73 75.56 ? 84  MET A CE   1 
ATOM   9    N N    . THR A 1 22 ? 0.901   9.895   12.561  1.00 47.02 ? 85  THR A N    1 
ATOM   10   C CA   . THR A 1 22 ? -0.009  10.658  11.713  1.00 41.16 ? 85  THR A CA   1 
ATOM   11   C C    . THR A 1 22 ? 0.750   11.281  10.548  1.00 36.42 ? 85  THR A C    1 
ATOM   12   O O    . THR A 1 22 ? 1.873   11.770  10.707  1.00 37.83 ? 85  THR A O    1 
ATOM   13   C CB   . THR A 1 22 ? -0.712  11.772  12.514  1.00 45.85 ? 85  THR A CB   1 
ATOM   14   O OG1  . THR A 1 22 ? -1.443  11.189  13.600  1.00 49.83 ? 85  THR A OG1  1 
ATOM   15   C CG2  . THR A 1 22 ? -1.669  12.565  11.630  1.00 48.81 ? 85  THR A CG2  1 
ATOM   16   H H    . THR A 1 22 ? 1.458   10.382  12.997  1.00 56.43 ? 85  THR A H    1 
ATOM   17   H HA   . THR A 1 22 ? -0.687  10.066  11.354  1.00 49.39 ? 85  THR A HA   1 
ATOM   18   H HB   . THR A 1 22 ? -0.045  12.382  12.867  1.00 55.02 ? 85  THR A HB   1 
ATOM   19   H HG1  . THR A 1 22 ? -1.829  11.791  14.042  1.00 59.79 ? 85  THR A HG1  1 
ATOM   20   H HG21 . THR A 1 22 ? -2.348  11.977  11.265  1.00 58.58 ? 85  THR A HG21 1 
ATOM   21   H HG22 . THR A 1 22 ? -2.102  13.260  12.151  1.00 58.58 ? 85  THR A HG22 1 
ATOM   22   H HG23 . THR A 1 22 ? -1.182  12.976  10.899  1.00 58.58 ? 85  THR A HG23 1 
ATOM   23   N N    . PHE A 1 23 ? 0.115   11.257  9.380   1.00 31.60 ? 86  PHE A N    1 
ATOM   24   C CA   . PHE A 1 23 ? 0.711   11.751  8.150   1.00 27.90 ? 86  PHE A CA   1 
ATOM   25   C C    . PHE A 1 23 ? -0.237  12.710  7.450   1.00 25.98 ? 86  PHE A C    1 
ATOM   26   O O    . PHE A 1 23 ? -1.437  12.716  7.724   1.00 25.75 ? 86  PHE A O    1 
ATOM   27   C CB   . PHE A 1 23 ? 1.038   10.572  7.229   1.00 26.38 ? 86  PHE A CB   1 
ATOM   28   C CG   . PHE A 1 23 ? 2.045   9.625   7.812   1.00 31.90 ? 86  PHE A CG   1 
ATOM   29   C CD1  . PHE A 1 23 ? 1.654   8.632   8.694   1.00 33.16 ? 86  PHE A CD1  1 
ATOM   30   C CD2  . PHE A 1 23 ? 3.387   9.736   7.487   1.00 31.65 ? 86  PHE A CD2  1 
ATOM   31   C CE1  . PHE A 1 23 ? 2.581   7.767   9.239   1.00 34.93 ? 86  PHE A CE1  1 
ATOM   32   C CE2  . PHE A 1 23 ? 4.317   8.874   8.030   1.00 36.13 ? 86  PHE A CE2  1 
ATOM   33   C CZ   . PHE A 1 23 ? 3.913   7.888   8.906   1.00 35.45 ? 86  PHE A CZ   1 
ATOM   34   H H    . PHE A 1 23 ? -0.683  10.953  9.276   1.00 37.93 ? 86  PHE A H    1 
ATOM   35   H HA   . PHE A 1 23 ? 1.534   12.222  8.353   1.00 33.48 ? 86  PHE A HA   1 
ATOM   36   H HB2  . PHE A 1 23 ? 0.225   10.073  7.057   1.00 31.66 ? 86  PHE A HB2  1 
ATOM   37   H HB3  . PHE A 1 23 ? 1.399   10.915  6.397   1.00 31.66 ? 86  PHE A HB3  1 
ATOM   38   H HD1  . PHE A 1 23 ? 0.756   8.548   8.923   1.00 39.79 ? 86  PHE A HD1  1 
ATOM   39   H HD2  . PHE A 1 23 ? 3.664   10.400  6.899   1.00 37.98 ? 86  PHE A HD2  1 
ATOM   40   H HE1  . PHE A 1 23 ? 2.307   7.103   9.829   1.00 41.92 ? 86  PHE A HE1  1 
ATOM   41   H HE2  . PHE A 1 23 ? 5.215   8.955   7.803   1.00 43.35 ? 86  PHE A HE2  1 
ATOM   42   H HZ   . PHE A 1 23 ? 4.539   7.304   9.271   1.00 42.54 ? 86  PHE A HZ   1 
ATOM   43   N N    . VAL A 1 24 ? 0.314   13.529  6.558   1.00 25.33 ? 87  VAL A N    1 
ATOM   44   C CA   . VAL A 1 24 ? -0.480  14.451  5.756   1.00 26.86 ? 87  VAL A CA   1 
ATOM   45   C C    . VAL A 1 24 ? -0.276  14.132  4.278   1.00 22.91 ? 87  VAL A C    1 
ATOM   46   O O    . VAL A 1 24 ? 0.847   13.891  3.839   1.00 25.99 ? 87  VAL A O    1 
ATOM   47   C CB   . VAL A 1 24 ? -0.089  15.918  6.039   1.00 32.94 ? 87  VAL A CB   1 
ATOM   48   C CG1  . VAL A 1 24 ? -0.945  16.879  5.202   1.00 30.01 ? 87  VAL A CG1  1 
ATOM   49   C CG2  . VAL A 1 24 ? -0.197  16.215  7.541   1.00 44.82 ? 87  VAL A CG2  1 
ATOM   50   H H    . VAL A 1 24 ? 1.157   13.570  6.397   1.00 30.39 ? 87  VAL A H    1 
ATOM   51   H HA   . VAL A 1 24 ? -1.420  14.337  5.968   1.00 32.23 ? 87  VAL A HA   1 
ATOM   52   H HB   . VAL A 1 24 ? 0.836   16.048  5.779   1.00 39.53 ? 87  VAL A HB   1 
ATOM   53   H HG11 . VAL A 1 24 ? -1.563  16.361  4.662   1.00 36.01 ? 87  VAL A HG11 1 
ATOM   54   H HG12 . VAL A 1 24 ? -1.438  17.464  5.798   1.00 36.01 ? 87  VAL A HG12 1 
ATOM   55   H HG13 . VAL A 1 24 ? -0.364  17.402  4.629   1.00 36.01 ? 87  VAL A HG13 1 
ATOM   56   H HG21 . VAL A 1 24 ? -0.491  15.413  8.001   1.00 53.79 ? 87  VAL A HG21 1 
ATOM   57   H HG22 . VAL A 1 24 ? 0.674   16.487  7.871   1.00 53.79 ? 87  VAL A HG22 1 
ATOM   58   H HG23 . VAL A 1 24 ? -0.840  16.929  7.676   1.00 53.79 ? 87  VAL A HG23 1 
ATOM   59   N N    . ALA A 1 25 ? -1.367  14.113  3.518   1.00 20.25 ? 88  ALA A N    1 
ATOM   60   C CA   . ALA A 1 25 ? -1.298  13.868  2.080   1.00 20.84 ? 88  ALA A CA   1 
ATOM   61   C C    . ALA A 1 25 ? -0.684  15.060  1.348   1.00 22.75 ? 88  ALA A C    1 
ATOM   62   O O    . ALA A 1 25 ? -1.109  16.205  1.534   1.00 24.00 ? 88  ALA A O    1 
ATOM   63   C CB   . ALA A 1 25 ? -2.680  13.575  1.534   1.00 21.52 ? 88  ALA A CB   1 
ATOM   64   H H    . ALA A 1 25 ? -2.165  14.241  3.812   1.00 24.30 ? 88  ALA A H    1 
ATOM   65   H HA   . ALA A 1 25 ? -0.738  13.093  1.917   1.00 25.00 ? 88  ALA A HA   1 
ATOM   66   H HB1  . ALA A 1 25 ? -3.255  14.336  1.703   1.00 25.82 ? 88  ALA A HB1  1 
ATOM   67   H HB2  . ALA A 1 25 ? -2.614  13.415  0.579   1.00 25.82 ? 88  ALA A HB2  1 
ATOM   68   H HB3  . ALA A 1 25 ? -3.034  12.788  1.978   1.00 25.82 ? 88  ALA A HB3  1 
ATOM   69   N N    . LEU A 1 26 ? 0.311   14.779  0.510   1.00 23.24 ? 89  LEU A N    1 
ATOM   70   C CA   . LEU A 1 26 ? 1.001   15.814  -0.252  1.00 23.17 ? 89  LEU A CA   1 
ATOM   71   C C    . LEU A 1 26 ? 0.340   16.054  -1.603  1.00 24.15 ? 89  LEU A C    1 
ATOM   72   O O    . LEU A 1 26 ? 0.539   17.103  -2.215  1.00 23.82 ? 89  LEU A O    1 
ATOM   73   C CB   . LEU A 1 26 ? 2.459   15.405  -0.480  1.00 26.33 ? 89  LEU A CB   1 
ATOM   74   C CG   . LEU A 1 26 ? 3.319   15.238  0.771   1.00 29.12 ? 89  LEU A CG   1 
ATOM   75   C CD1  . LEU A 1 26 ? 4.676   14.657  0.395   1.00 34.13 ? 89  LEU A CD1  1 
ATOM   76   C CD2  . LEU A 1 26 ? 3.485   16.568  1.492   1.00 31.67 ? 89  LEU A CD2  1 
ATOM   77   H H    . LEU A 1 26 ? 0.609   13.985  0.365   1.00 27.88 ? 89  LEU A H    1 
ATOM   78   H HA   . LEU A 1 26 ? 0.990   16.644  0.249   1.00 27.80 ? 89  LEU A HA   1 
ATOM   79   H HB2  . LEU A 1 26 ? 2.466   14.555  -0.950  1.00 31.60 ? 89  LEU A HB2  1 
ATOM   80   H HB3  . LEU A 1 26 ? 2.881   16.081  -1.033  1.00 31.60 ? 89  LEU A HB3  1 
ATOM   81   H HG   . LEU A 1 26 ? 2.882   14.619  1.376   1.00 34.95 ? 89  LEU A HG   1 
ATOM   82   H HD11 . LEU A 1 26 ? 5.209   14.558  1.199   1.00 40.95 ? 89  LEU A HD11 1 
ATOM   83   H HD12 . LEU A 1 26 ? 4.544   13.792  -0.024  1.00 40.95 ? 89  LEU A HD12 1 
ATOM   84   H HD13 . LEU A 1 26 ? 5.117   15.260  -0.223  1.00 40.95 ? 89  LEU A HD13 1 
ATOM   85   H HD21 . LEU A 1 26 ? 4.035   16.434  2.280   1.00 38.01 ? 89  LEU A HD21 1 
ATOM   86   H HD22 . LEU A 1 26 ? 3.916   17.199  0.893   1.00 38.01 ? 89  LEU A HD22 1 
ATOM   87   H HD23 . LEU A 1 26 ? 2.611   16.899  1.750   1.00 38.01 ? 89  LEU A HD23 1 
ATOM   88   N N    . TYR A 1 27 ? -0.428  15.071  -2.070  1.00 23.45 ? 90  TYR A N    1 
ATOM   89   C CA   . TYR A 1 27 ? -1.028  15.113  -3.401  1.00 23.93 ? 90  TYR A CA   1 
ATOM   90   C C    . TYR A 1 27 ? -2.418  14.503  -3.356  1.00 20.73 ? 90  TYR A C    1 
ATOM   91   O O    . TYR A 1 27 ? -2.727  13.728  -2.449  1.00 23.17 ? 90  TYR A O    1 
ATOM   92   C CB   . TYR A 1 27 ? -0.186  14.299  -4.395  1.00 26.25 ? 90  TYR A CB   1 
ATOM   93   C CG   . TYR A 1 27 ? 1.294   14.608  -4.365  1.00 23.85 ? 90  TYR A CG   1 
ATOM   94   C CD1  . TYR A 1 27 ? 1.809   15.683  -5.075  1.00 24.03 ? 90  TYR A CD1  1 
ATOM   95   C CD2  . TYR A 1 27 ? 2.173   13.835  -3.617  1.00 25.95 ? 90  TYR A CD2  1 
ATOM   96   C CE1  . TYR A 1 27 ? 3.155   15.968  -5.053  1.00 24.49 ? 90  TYR A CE1  1 
ATOM   97   C CE2  . TYR A 1 27 ? 3.523   14.117  -3.585  1.00 27.60 ? 90  TYR A CE2  1 
ATOM   98   C CZ   . TYR A 1 27 ? 4.007   15.193  -4.301  1.00 26.01 ? 90  TYR A CZ   1 
ATOM   99   O OH   . TYR A 1 27 ? 5.352   15.484  -4.278  1.00 29.15 ? 90  TYR A OH   1 
ATOM   100  H H    . TYR A 1 27 ? -0.619  14.359  -1.626  1.00 28.13 ? 90  TYR A H    1 
ATOM   101  H HA   . TYR A 1 27 ? -1.091  16.029  -3.712  1.00 28.71 ? 90  TYR A HA   1 
ATOM   102  H HB2  . TYR A 1 27 ? -0.293  13.356  -4.193  1.00 31.50 ? 90  TYR A HB2  1 
ATOM   103  H HB3  . TYR A 1 27 ? -0.506  14.479  -5.293  1.00 31.50 ? 90  TYR A HB3  1 
ATOM   104  H HD1  . TYR A 1 27 ? 1.238   16.213  -5.582  1.00 28.83 ? 90  TYR A HD1  1 
ATOM   105  H HD2  . TYR A 1 27 ? 1.847   13.112  -3.132  1.00 31.14 ? 90  TYR A HD2  1 
ATOM   106  H HE1  . TYR A 1 27 ? 3.486   16.693  -5.533  1.00 29.39 ? 90  TYR A HE1  1 
ATOM   107  H HE2  . TYR A 1 27 ? 4.100   13.591  -3.080  1.00 33.12 ? 90  TYR A HE2  1 
ATOM   108  H HH   . TYR A 1 27 ? 5.508   16.158  -4.753  1.00 34.98 ? 90  TYR A HH   1 
ATOM   109  N N    . ASP A 1 28 ? -3.252  14.839  -4.338  1.00 22.47 ? 91  ASP A N    1 
ATOM   110  C CA   . ASP A 1 28 ? -4.497  14.109  -4.551  1.00 20.74 ? 91  ASP A CA   1 
ATOM   111  C C    . ASP A 1 28 ? -4.162  12.709  -5.052  1.00 20.42 ? 91  ASP A C    1 
ATOM   112  O O    . ASP A 1 28 ? -3.194  12.515  -5.805  1.00 23.66 ? 91  ASP A O    1 
ATOM   113  C CB   . ASP A 1 28 ? -5.383  14.785  -5.598  1.00 25.73 ? 91  ASP A CB   1 
ATOM   114  C CG   . ASP A 1 28 ? -5.849  16.168  -5.193  1.00 28.09 ? 91  ASP A CG   1 
ATOM   115  O OD1  . ASP A 1 28 ? -5.800  16.526  -3.993  1.00 28.10 ? 91  ASP A OD1  1 
ATOM   116  O OD2  . ASP A 1 28 ? -6.290  16.897  -6.105  1.00 34.14 ? 91  ASP A OD2  1 
ATOM   117  H H    . ASP A 1 28 ? -3.119  15.483  -4.893  1.00 26.96 ? 91  ASP A H    1 
ATOM   118  H HA   . ASP A 1 28 ? -4.988  14.039  -3.717  1.00 24.89 ? 91  ASP A HA   1 
ATOM   119  H HB2  . ASP A 1 28 ? -4.883  14.869  -6.425  1.00 30.88 ? 91  ASP A HB2  1 
ATOM   120  H HB3  . ASP A 1 28 ? -6.171  14.237  -5.744  1.00 30.88 ? 91  ASP A HB3  1 
ATOM   121  N N    . TYR A 1 29 ? -4.964  11.737  -4.637  1.00 18.47 ? 92  TYR A N    1 
ATOM   122  C CA   . TYR A 1 29 ? -4.866  10.389  -5.173  1.00 16.75 ? 92  TYR A CA   1 
ATOM   123  C C    . TYR A 1 29 ? -6.252  9.797   -5.398  1.00 15.88 ? 92  TYR A C    1 
ATOM   124  O O    . TYR A 1 29 ? -7.077  9.787   -4.486  1.00 16.60 ? 92  TYR A O    1 
ATOM   125  C CB   . TYR A 1 29 ? -4.060  9.481   -4.244  1.00 16.91 ? 92  TYR A CB   1 
ATOM   126  C CG   . TYR A 1 29 ? -4.057  8.063   -4.750  1.00 16.06 ? 92  TYR A CG   1 
ATOM   127  C CD1  . TYR A 1 29 ? -3.276  7.704   -5.834  1.00 17.66 ? 92  TYR A CD1  1 
ATOM   128  C CD2  . TYR A 1 29 ? -4.871  7.095   -4.173  1.00 15.78 ? 92  TYR A CD2  1 
ATOM   129  C CE1  . TYR A 1 29 ? -3.294  6.425   -6.328  1.00 16.44 ? 92  TYR A CE1  1 
ATOM   130  C CE2  . TYR A 1 29 ? -4.892  5.805   -4.660  1.00 17.05 ? 92  TYR A CE2  1 
ATOM   131  C CZ   . TYR A 1 29 ? -4.098  5.480   -5.738  1.00 15.32 ? 92  TYR A CZ   1 
ATOM   132  O OH   . TYR A 1 29 ? -4.104  4.204   -6.237  1.00 15.89 ? 92  TYR A OH   1 
ATOM   133  H H    . TYR A 1 29 ? -5.576  11.834  -4.042  1.00 22.16 ? 92  TYR A H    1 
ATOM   134  H HA   . TYR A 1 29 ? -4.411  10.422  -6.030  1.00 20.10 ? 92  TYR A HA   1 
ATOM   135  H HB2  . TYR A 1 29 ? -3.143  9.793   -4.204  1.00 20.29 ? 92  TYR A HB2  1 
ATOM   136  H HB3  . TYR A 1 29 ? -4.459  9.490   -3.360  1.00 20.29 ? 92  TYR A HB3  1 
ATOM   137  H HD1  . TYR A 1 29 ? -2.736  8.345   -6.239  1.00 21.19 ? 92  TYR A HD1  1 
ATOM   138  H HD2  . TYR A 1 29 ? -5.408  7.321   -3.450  1.00 18.94 ? 92  TYR A HD2  1 
ATOM   139  H HE1  . TYR A 1 29 ? -2.759  6.198   -7.054  1.00 19.73 ? 92  TYR A HE1  1 
ATOM   140  H HE2  . TYR A 1 29 ? -5.435  5.162   -4.264  1.00 20.46 ? 92  TYR A HE2  1 
ATOM   141  H HH   . TYR A 1 29 ? -4.633  3.725   -5.795  1.00 19.07 ? 92  TYR A HH   1 
ATOM   142  N N    . GLU A 1 30 ? -6.492  9.307   -6.613  1.00 17.82 ? 93  GLU A N    1 
ATOM   143  C CA   . GLU A 1 30 ? -7.749  8.652   -6.967  1.00 19.50 ? 93  GLU A CA   1 
ATOM   144  C C    . GLU A 1 30 ? -7.599  7.135   -6.937  1.00 15.65 ? 93  GLU A C    1 
ATOM   145  O O    . GLU A 1 30 ? -6.682  6.587   -7.535  1.00 18.30 ? 93  GLU A O    1 
ATOM   146  C CB   . GLU A 1 30 ? -8.204  9.086   -8.360  1.00 29.74 ? 93  GLU A CB   1 
ATOM   147  C CG   . GLU A 1 30 ? -9.512  8.452   -8.810  1.00 42.80 ? 93  GLU A CG   1 
ATOM   148  C CD   . GLU A 1 30 ? -9.994  8.984   -10.147 1.00 63.51 ? 93  GLU A CD   1 
ATOM   149  O OE1  . GLU A 1 30 ? -9.319  9.865   -10.720 1.00 64.99 ? 93  GLU A OE1  1 
ATOM   150  O OE2  . GLU A 1 30 ? -11.051 8.520   -10.625 1.00 69.32 ? 93  GLU A OE2  1 
ATOM   151  H H    . GLU A 1 30 ? -5.931  9.343   -7.264  1.00 21.38 ? 93  GLU A H    1 
ATOM   152  H HA   . GLU A 1 30 ? -8.435  8.904   -6.329  1.00 23.40 ? 93  GLU A HA   1 
ATOM   153  H HB2  . GLU A 1 30 ? -8.325  10.048  -8.362  1.00 35.68 ? 93  GLU A HB2  1 
ATOM   154  H HB3  . GLU A 1 30 ? -7.520  8.840   -9.002  1.00 35.68 ? 93  GLU A HB3  1 
ATOM   155  H HG2  . GLU A 1 30 ? -9.385  7.494   -8.896  1.00 51.36 ? 93  GLU A HG2  1 
ATOM   156  H HG3  . GLU A 1 30 ? -10.197 8.637   -8.149  1.00 51.36 ? 93  GLU A HG3  1 
ATOM   157  N N    A SER A 1 31 ? -8.503  6.466   -6.232  0.48 16.28 ? 94  SER A N    1 
ATOM   158  N N    B SER A 1 31 ? -8.536  6.475   -6.269  0.52 16.28 ? 94  SER A N    1 
ATOM   159  C CA   A SER A 1 31 ? -8.458  5.012   -6.095  0.48 15.82 ? 94  SER A CA   1 
ATOM   160  C CA   B SER A 1 31 ? -8.547  5.019   -6.138  0.52 14.85 ? 94  SER A CA   1 
ATOM   161  C C    A SER A 1 31 ? -8.535  4.323   -7.453  0.48 14.63 ? 94  SER A C    1 
ATOM   162  C C    B SER A 1 31 ? -8.585  4.293   -7.487  0.52 13.90 ? 94  SER A C    1 
ATOM   163  O O    A SER A 1 31 ? -9.227  4.788   -8.358  0.48 17.62 ? 94  SER A O    1 
ATOM   164  O O    B SER A 1 31 ? -9.294  4.701   -8.408  0.52 17.42 ? 94  SER A O    1 
ATOM   165  C CB   A SER A 1 31 ? -9.608  4.523   -5.210  0.48 19.35 ? 94  SER A CB   1 
ATOM   166  C CB   B SER A 1 31 ? -9.753  4.595   -5.289  0.52 20.38 ? 94  SER A CB   1 
ATOM   167  O OG   A SER A 1 31 ? -10.859 4.937   -5.731  0.48 23.31 ? 94  SER A OG   1 
ATOM   168  O OG   B SER A 1 31 ? -9.937  3.192   -5.310  0.52 25.59 ? 94  SER A OG   1 
ATOM   169  H H    A SER A 1 31 ? -9.160  6.834   -5.818  0.48 19.53 ? 94  SER A H    1 
ATOM   170  H H    B SER A 1 31 ? -9.196  6.857   -5.871  0.52 19.54 ? 94  SER A H    1 
ATOM   171  H HA   A SER A 1 31 ? -7.622  4.758   -5.675  0.48 18.99 ? 94  SER A HA   1 
ATOM   172  H HA   B SER A 1 31 ? -7.744  4.740   -5.673  0.52 17.82 ? 94  SER A HA   1 
ATOM   173  H HB2  A SER A 1 31 ? -9.587  3.555   -5.172  0.48 23.22 ? 94  SER A HB2  1 
ATOM   174  H HB2  B SER A 1 31 ? -9.605  4.878   -4.373  0.52 24.46 ? 94  SER A HB2  1 
ATOM   175  H HB3  A SER A 1 31 ? -9.499  4.893   -4.319  0.48 23.22 ? 94  SER A HB3  1 
ATOM   176  H HB3  B SER A 1 31 ? -10.549 5.021   -5.642  0.52 24.46 ? 94  SER A HB3  1 
ATOM   177  H HG   A SER A 1 31 ? -11.481 4.663   -5.237  0.48 27.97 ? 94  SER A HG   1 
ATOM   178  H HG   B SER A 1 31 ? -10.602 2.983   -4.839  0.52 30.71 ? 94  SER A HG   1 
ATOM   179  N N    . ARG A 1 32 ? -7.814  3.209   -7.578  1.00 15.16 ? 95  ARG A N    1 
ATOM   180  C CA   . ARG A 1 32 ? -7.805  2.422   -8.805  1.00 14.73 ? 95  ARG A CA   1 
ATOM   181  C C    . ARG A 1 32 ? -8.406  1.030   -8.608  1.00 14.65 ? 95  ARG A C    1 
ATOM   182  O O    . ARG A 1 32 ? -8.749  0.364   -9.587  1.00 17.13 ? 95  ARG A O    1 
ATOM   183  C CB   . ARG A 1 32 ? -6.376  2.296   -9.344  1.00 20.11 ? 95  ARG A CB   1 
ATOM   184  C CG   . ARG A 1 32 ? -5.732  3.633   -9.672  1.00 17.48 ? 95  ARG A CG   1 
ATOM   185  C CD   . ARG A 1 32 ? -4.306  3.473   -10.168 1.00 20.05 ? 95  ARG A CD   1 
ATOM   186  N NE   . ARG A 1 32 ? -3.453  2.878   -9.143  1.00 20.65 ? 95  ARG A NE   1 
ATOM   187  C CZ   . ARG A 1 32 ? -2.131  3.000   -9.097  1.00 19.79 ? 95  ARG A CZ   1 
ATOM   188  N NH1  . ARG A 1 32 ? -1.480  3.695   -10.020 1.00 22.40 ? 95  ARG A NH1  1 
ATOM   189  N NH2  . ARG A 1 32 ? -1.456  2.417   -8.120  1.00 24.84 ? 95  ARG A NH2  1 
ATOM   190  H H    . ARG A 1 32 ? -7.316  2.886   -6.956  1.00 18.20 ? 95  ARG A H    1 
ATOM   191  H HA   . ARG A 1 32 ? -8.335  2.881   -9.475  1.00 17.68 ? 95  ARG A HA   1 
ATOM   192  H HB2  . ARG A 1 32 ? -5.826  1.857   -8.675  1.00 24.14 ? 95  ARG A HB2  1 
ATOM   193  H HB3  . ARG A 1 32 ? -6.392  1.766   -10.156 1.00 24.14 ? 95  ARG A HB3  1 
ATOM   194  H HG2  . ARG A 1 32 ? -6.247  4.070   -10.369 1.00 20.98 ? 95  ARG A HG2  1 
ATOM   195  H HG3  . ARG A 1 32 ? -5.716  4.183   -8.874  1.00 20.98 ? 95  ARG A HG3  1 
ATOM   196  H HD2  . ARG A 1 32 ? -4.299  2.894   -10.945 1.00 24.06 ? 95  ARG A HD2  1 
ATOM   197  H HD3  . ARG A 1 32 ? -3.946  4.345   -10.394 1.00 24.06 ? 95  ARG A HD3  1 
ATOM   198  H HE   . ARG A 1 32 ? -3.834  2.415   -8.527  1.00 24.78 ? 95  ARG A HE   1 
ATOM   199  H HH11 . ARG A 1 32 ? -1.916  4.076   -10.658 1.00 26.87 ? 95  ARG A HH11 1 
ATOM   200  H HH12 . ARG A 1 32 ? -0.625  3.767   -9.982  1.00 26.87 ? 95  ARG A HH12 1 
ATOM   201  H HH21 . ARG A 1 32 ? -1.872  1.963   -7.520  1.00 29.81 ? 95  ARG A HH21 1 
ATOM   202  H HH22 . ARG A 1 32 ? -0.599  2.491   -8.087  1.00 29.81 ? 95  ARG A HH22 1 
ATOM   203  N N    . THR A 1 33 ? -8.545  0.600   -7.357  1.00 14.68 ? 96  THR A N    1 
ATOM   204  C CA   . THR A 1 33 ? -9.130  -0.702  -7.036  1.00 14.07 ? 96  THR A CA   1 
ATOM   205  C C    . THR A 1 33 ? -10.125 -0.537  -5.903  1.00 16.50 ? 96  THR A C    1 
ATOM   206  O O    . THR A 1 33 ? -10.332 0.572   -5.400  1.00 18.45 ? 96  THR A O    1 
ATOM   207  C CB   . THR A 1 33 ? -8.069  -1.739  -6.585  1.00 15.87 ? 96  THR A CB   1 
ATOM   208  O OG1  . THR A 1 33 ? -7.598  -1.421  -5.266  1.00 15.98 ? 96  THR A OG1  1 
ATOM   209  C CG2  . THR A 1 33 ? -6.895  -1.792  -7.556  1.00 16.26 ? 96  THR A CG2  1 
ATOM   210  H H    . THR A 1 33 ? -8.303  1.050   -6.665  1.00 17.62 ? 96  THR A H    1 
ATOM   211  H HA   . THR A 1 33 ? -9.596  -1.051  -7.812  1.00 16.89 ? 96  THR A HA   1 
ATOM   212  H HB   . THR A 1 33 ? -8.480  -2.619  -6.567  1.00 19.04 ? 96  THR A HB   1 
ATOM   213  H HG1  . THR A 1 33 ? -7.249  -0.658  -5.262  1.00 19.18 ? 96  THR A HG1  1 
ATOM   214  H HG21 . THR A 1 33 ? -6.245  -2.446  -7.256  1.00 19.52 ? 96  THR A HG21 1 
ATOM   215  H HG22 . THR A 1 33 ? -7.209  -2.041  -8.441  1.00 19.52 ? 96  THR A HG22 1 
ATOM   216  H HG23 . THR A 1 33 ? -6.468  -0.923  -7.607  1.00 19.52 ? 96  THR A HG23 1 
ATOM   217  N N    . GLU A 1 34 ? -10.731 -1.642  -5.484  1.00 15.08 ? 97  GLU A N    1 
ATOM   218  C CA   . GLU A 1 34 ? -11.733 -1.589  -4.424  1.00 13.79 ? 97  GLU A CA   1 
ATOM   219  C C    . GLU A 1 34 ? -11.117 -1.401  -3.041  1.00 14.29 ? 97  GLU A C    1 
ATOM   220  O O    . GLU A 1 34 ? -11.839 -1.146  -2.076  1.00 16.59 ? 97  GLU A O    1 
ATOM   221  C CB   . GLU A 1 34 ? -12.587 -2.859  -4.445  1.00 16.04 ? 97  GLU A CB   1 
ATOM   222  C CG   . GLU A 1 34 ? -13.405 -2.997  -5.705  1.00 20.08 ? 97  GLU A CG   1 
ATOM   223  C CD   . GLU A 1 34 ? -14.551 -2.020  -5.724  1.00 32.57 ? 97  GLU A CD   1 
ATOM   224  O OE1  . GLU A 1 34 ? -15.308 -1.988  -4.730  1.00 37.25 ? 97  GLU A OE1  1 
ATOM   225  O OE2  . GLU A 1 34 ? -14.676 -1.264  -6.709  1.00 46.41 ? 97  GLU A OE2  1 
ATOM   226  H H    . GLU A 1 34 ? -10.581 -2.430  -5.794  1.00 18.10 ? 97  GLU A H    1 
ATOM   227  H HA   . GLU A 1 34 ? -12.322 -0.836  -4.590  1.00 16.55 ? 97  GLU A HA   1 
ATOM   228  H HB2  . GLU A 1 34 ? -12.004 -3.631  -4.380  1.00 19.25 ? 97  GLU A HB2  1 
ATOM   229  H HB3  . GLU A 1 34 ? -13.197 -2.841  -3.692  1.00 19.25 ? 97  GLU A HB3  1 
ATOM   230  H HG2  . GLU A 1 34 ? -12.842 -2.819  -6.474  1.00 24.10 ? 97  GLU A HG2  1 
ATOM   231  H HG3  . GLU A 1 34 ? -13.769 -3.894  -5.755  1.00 24.10 ? 97  GLU A HG3  1 
ATOM   232  N N    . THR A 1 35 ? -9.794  -1.522  -2.936  1.00 12.86 ? 98  THR A N    1 
ATOM   233  C CA   . THR A 1 35 ? -9.146  -1.542  -1.622  1.00 12.06 ? 98  THR A CA   1 
ATOM   234  C C    . THR A 1 35 ? -8.278  -0.319  -1.331  1.00 12.20 ? 98  THR A C    1 
ATOM   235  O O    . THR A 1 35 ? -7.867  -0.126  -0.179  1.00 13.86 ? 98  THR A O    1 
ATOM   236  C CB   . THR A 1 35 ? -8.273  -2.793  -1.436  1.00 14.01 ? 98  THR A CB   1 
ATOM   237  O OG1  . THR A 1 35 ? -7.223  -2.786  -2.407  1.00 15.60 ? 98  THR A OG1  1 
ATOM   238  C CG2  . THR A 1 35 ? -9.108  -4.060  -1.600  1.00 13.54 ? 98  THR A CG2  1 
ATOM   239  H H    . THR A 1 35 ? -9.254  -1.592  -3.601  1.00 15.43 ? 98  THR A H    1 
ATOM   240  H HA   . THR A 1 35 ? -9.839  -1.570  -0.944  1.00 14.47 ? 98  THR A HA   1 
ATOM   241  H HB   . THR A 1 35 ? -7.889  -2.790  -0.546  1.00 16.81 ? 98  THR A HB   1 
ATOM   242  H HG1  . THR A 1 35 ? -6.748  -2.099  -2.311  1.00 18.72 ? 98  THR A HG1  1 
ATOM   243  H HG21 . THR A 1 35 ? -8.549  -4.843  -1.480  1.00 16.24 ? 98  THR A HG21 1 
ATOM   244  H HG22 . THR A 1 35 ? -9.818  -4.077  -0.938  1.00 16.24 ? 98  THR A HG22 1 
ATOM   245  H HG23 . THR A 1 35 ? -9.502  -4.085  -2.486  1.00 16.24 ? 98  THR A HG23 1 
ATOM   246  N N    . ASP A 1 36 ? -7.973  0.507   -2.334  1.00 12.47 ? 99  ASP A N    1 
ATOM   247  C CA   . ASP A 1 36 ? -7.174  1.691   -2.046  1.00 13.30 ? 99  ASP A CA   1 
ATOM   248  C C    . ASP A 1 36 ? -8.045  2.852   -1.583  1.00 13.37 ? 99  ASP A C    1 
ATOM   249  O O    . ASP A 1 36 ? -9.257  2.871   -1.785  1.00 16.55 ? 99  ASP A O    1 
ATOM   250  C CB   . ASP A 1 36 ? -6.170  2.074   -3.158  1.00 20.65 ? 99  ASP A CB   1 
ATOM   251  C CG   . ASP A 1 36 ? -6.768  2.121   -4.545  1.00 20.19 ? 99  ASP A CG   1 
ATOM   252  O OD1  . ASP A 1 36 ? -7.942  1.745   -4.699  1.00 24.11 ? 99  ASP A OD1  1 
ATOM   253  O OD2  . ASP A 1 36 ? -6.029  2.527   -5.494  1.00 17.75 ? 99  ASP A OD2  1 
ATOM   254  H H    . ASP A 1 36 ? -8.206  0.408   -3.157  1.00 14.97 ? 99  ASP A H    1 
ATOM   255  H HA   . ASP A 1 36 ? -6.624  1.464   -1.279  1.00 15.96 ? 99  ASP A HA   1 
ATOM   256  H HB2  . ASP A 1 36 ? -5.810  2.954   -2.962  1.00 24.78 ? 99  ASP A HB2  1 
ATOM   257  H HB3  . ASP A 1 36 ? -5.452  1.423   -3.167  1.00 24.78 ? 99  ASP A HB3  1 
ATOM   258  N N    . LEU A 1 37 ? -7.401  3.786   -0.904  1.00 12.56 ? 100 LEU A N    1 
ATOM   259  C CA   . LEU A 1 37 ? -8.066  4.948   -0.348  1.00 11.89 ? 100 LEU A CA   1 
ATOM   260  C C    . LEU A 1 37 ? -7.854  6.154   -1.255  1.00 13.02 ? 100 LEU A C    1 
ATOM   261  O O    . LEU A 1 37 ? -6.715  6.490   -1.579  1.00 16.84 ? 100 LEU A O    1 
ATOM   262  C CB   . LEU A 1 37 ? -7.472  5.237   1.029   1.00 13.30 ? 100 LEU A CB   1 
ATOM   263  C CG   . LEU A 1 37 ? -7.962  6.496   1.745   1.00 14.66 ? 100 LEU A CG   1 
ATOM   264  C CD1  . LEU A 1 37 ? -9.437  6.376   2.073   1.00 15.34 ? 100 LEU A CD1  1 
ATOM   265  C CD2  . LEU A 1 37 ? -7.146  6.724   3.002   1.00 20.57 ? 100 LEU A CD2  1 
ATOM   266  H H    . LEU A 1 37 ? -6.555  3.767   -0.747  1.00 15.07 ? 100 LEU A H    1 
ATOM   267  H HA   . LEU A 1 37 ? -9.016  4.780   -0.258  1.00 14.27 ? 100 LEU A HA   1 
ATOM   268  H HB2  . LEU A 1 37 ? -7.672  4.484   1.606   1.00 15.96 ? 100 LEU A HB2  1 
ATOM   269  H HB3  . LEU A 1 37 ? -6.511  5.319   0.932   1.00 15.96 ? 100 LEU A HB3  1 
ATOM   270  H HG   . LEU A 1 37 ? -7.842  7.262   1.162   1.00 17.59 ? 100 LEU A HG   1 
ATOM   271  H HD11 . LEU A 1 37 ? -9.726  7.183   2.526   1.00 18.40 ? 100 LEU A HD11 1 
ATOM   272  H HD12 . LEU A 1 37 ? -9.936  6.263   1.249   1.00 18.40 ? 100 LEU A HD12 1 
ATOM   273  H HD13 . LEU A 1 37 ? -9.570  5.607   2.650   1.00 18.40 ? 100 LEU A HD13 1 
ATOM   274  H HD21 . LEU A 1 37 ? -7.467  7.525   3.445   1.00 24.68 ? 100 LEU A HD21 1 
ATOM   275  H HD22 . LEU A 1 37 ? -7.249  5.957   3.588   1.00 24.68 ? 100 LEU A HD22 1 
ATOM   276  H HD23 . LEU A 1 37 ? -6.214  6.832   2.757   1.00 24.68 ? 100 LEU A HD23 1 
ATOM   277  N N    . SER A 1 38 ? -8.948  6.796   -1.659  1.00 14.12 ? 101 SER A N    1 
ATOM   278  C CA   . SER A 1 38 ? -8.875  8.073   -2.360  1.00 13.31 ? 101 SER A CA   1 
ATOM   279  C C    . SER A 1 38 ? -8.710  9.171   -1.330  1.00 13.75 ? 101 SER A C    1 
ATOM   280  O O    . SER A 1 38 ? -9.364  9.147   -0.289  1.00 17.54 ? 101 SER A O    1 
ATOM   281  C CB   . SER A 1 38 ? -10.152 8.355   -3.159  1.00 18.63 ? 101 SER A CB   1 
ATOM   282  O OG   . SER A 1 38 ? -10.326 7.426   -4.205  1.00 20.89 ? 101 SER A OG   1 
ATOM   283  H H    . SER A 1 38 ? -9.750  6.510   -1.538  1.00 16.94 ? 101 SER A H    1 
ATOM   284  H HA   . SER A 1 38 ? -8.113  8.082   -2.961  1.00 15.97 ? 101 SER A HA   1 
ATOM   285  H HB2  . SER A 1 38 ? -10.914 8.300   -2.560  1.00 22.36 ? 101 SER A HB2  1 
ATOM   286  H HB3  . SER A 1 38 ? -10.095 9.247   -3.537  1.00 22.36 ? 101 SER A HB3  1 
ATOM   287  H HG   . SER A 1 38 ? -11.030 7.599   -4.628  1.00 25.07 ? 101 SER A HG   1 
ATOM   288  N N    . PHE A 1 39 ? -7.865  10.148  -1.626  1.00 14.64 ? 102 PHE A N    1 
ATOM   289  C CA   . PHE A 1 39 ? -7.673  11.266  -0.716  1.00 14.87 ? 102 PHE A CA   1 
ATOM   290  C C    . PHE A 1 39 ? -7.266  12.530  -1.460  1.00 14.83 ? 102 PHE A C    1 
ATOM   291  O O    . PHE A 1 39 ? -6.774  12.483  -2.587  1.00 17.35 ? 102 PHE A O    1 
ATOM   292  C CB   . PHE A 1 39 ? -6.655  10.914  0.382   1.00 15.98 ? 102 PHE A CB   1 
ATOM   293  C CG   . PHE A 1 39 ? -5.331  10.415  -0.133  1.00 15.48 ? 102 PHE A CG   1 
ATOM   294  C CD1  . PHE A 1 39 ? -4.324  11.302  -0.474  1.00 16.43 ? 102 PHE A CD1  1 
ATOM   295  C CD2  . PHE A 1 39 ? -5.083  9.054   -0.244  1.00 16.11 ? 102 PHE A CD2  1 
ATOM   296  C CE1  . PHE A 1 39 ? -3.100  10.844  -0.937  1.00 17.52 ? 102 PHE A CE1  1 
ATOM   297  C CE2  . PHE A 1 39 ? -3.862  8.589   -0.701  1.00 15.41 ? 102 PHE A CE2  1 
ATOM   298  C CZ   . PHE A 1 39 ? -2.869  9.486   -1.045  1.00 16.56 ? 102 PHE A CZ   1 
ATOM   299  H H    . PHE A 1 39 ? -7.392  10.186  -2.343  1.00 17.57 ? 102 PHE A H    1 
ATOM   300  H HA   . PHE A 1 39 ? -8.519  11.449  -0.278  1.00 17.85 ? 102 PHE A HA   1 
ATOM   301  H HB2  . PHE A 1 39 ? -6.485  11.707  0.912   1.00 19.18 ? 102 PHE A HB2  1 
ATOM   302  H HB3  . PHE A 1 39 ? -7.033  10.220  0.944   1.00 19.18 ? 102 PHE A HB3  1 
ATOM   303  H HD1  . PHE A 1 39 ? -4.474  12.218  -0.401  1.00 19.72 ? 102 PHE A HD1  1 
ATOM   304  H HD2  . PHE A 1 39 ? -5.748  8.445   -0.012  1.00 19.34 ? 102 PHE A HD2  1 
ATOM   305  H HE1  . PHE A 1 39 ? -2.433  11.449  -1.167  1.00 21.02 ? 102 PHE A HE1  1 
ATOM   306  H HE2  . PHE A 1 39 ? -3.710  7.675   -0.776  1.00 18.50 ? 102 PHE A HE2  1 
ATOM   307  H HZ   . PHE A 1 39 ? -2.050  9.176   -1.356  1.00 19.87 ? 102 PHE A HZ   1 
ATOM   308  N N    . LYS A 1 40 ? -7.505  13.667  -0.823  1.00 17.26 ? 103 LYS A N    1 
ATOM   309  C CA   . LYS A 1 40 ? -7.090  14.956  -1.356  1.00 20.68 ? 103 LYS A CA   1 
ATOM   310  C C    . LYS A 1 40 ? -5.864  15.457  -0.592  1.00 20.22 ? 103 LYS A C    1 
ATOM   311  O O    . LYS A 1 40 ? -5.660  15.106  0.568   1.00 19.91 ? 103 LYS A O    1 
ATOM   312  C CB   . LYS A 1 40 ? -8.260  15.959  -1.276  1.00 22.75 ? 103 LYS A CB   1 
ATOM   313  C CG   . LYS A 1 40 ? -9.315  15.807  -2.412  1.00 30.03 ? 103 LYS A CG   1 
ATOM   314  C CD   . LYS A 1 40 ? -10.381 16.938  -2.435  0.58 37.07 ? 103 LYS A CD   1 
ATOM   315  C CE   . LYS A 1 40 ? -9.842  18.310  -2.829  0.63 49.72 ? 103 LYS A CE   1 
ATOM   316  N NZ   . LYS A 1 40 ? -9.232  18.412  -4.186  0.85 59.69 ? 103 LYS A NZ   1 
ATOM   317  H H    . LYS A 1 40 ? -7.913  13.719  -0.069  1.00 20.72 ? 103 LYS A H    1 
ATOM   318  H HA   . LYS A 1 40 ? -6.844  14.852  -2.288  1.00 24.82 ? 103 LYS A HA   1 
ATOM   319  H HB2  . LYS A 1 40 ? -8.718  15.836  -0.431  1.00 27.30 ? 103 LYS A HB2  1 
ATOM   320  H HB3  . LYS A 1 40 ? -7.902  16.860  -1.326  1.00 27.30 ? 103 LYS A HB3  1 
ATOM   321  H HG2  . LYS A 1 40 ? -8.857  15.813  -3.267  1.00 36.04 ? 103 LYS A HG2  1 
ATOM   322  H HG3  . LYS A 1 40 ? -9.780  14.963  -2.294  1.00 36.04 ? 103 LYS A HG3  1 
ATOM   323  H HD2  . LYS A 1 40 ? -11.072 16.700  -3.072  0.58 44.49 ? 103 LYS A HD2  1 
ATOM   324  H HD3  . LYS A 1 40 ? -10.767 17.018  -1.549  0.58 44.49 ? 103 LYS A HD3  1 
ATOM   325  H HE2  . LYS A 1 40 ? -10.572 18.946  -2.792  0.63 59.66 ? 103 LYS A HE2  1 
ATOM   326  H HE3  . LYS A 1 40 ? -9.161  18.565  -2.187  0.63 59.66 ? 103 LYS A HE3  1 
ATOM   327  H HZ1  . LYS A 1 40 ? -8.542  17.853  -4.253  0.63 71.63 ? 103 LYS A HZ1  1 
ATOM   328  H HZ2  . LYS A 1 40 ? -9.835  18.202  -4.807  0.63 71.63 ? 103 LYS A HZ2  1 
ATOM   329  H HZ3  . LYS A 1 40 ? -8.947  19.243  -4.330  0.63 71.63 ? 103 LYS A HZ3  1 
ATOM   330  N N    . LYS A 1 41 ? -5.039  16.259  -1.258  1.00 20.82 ? 104 LYS A N    1 
ATOM   331  C CA   . LYS A 1 41 ? -3.912  16.923  -0.621  1.00 23.21 ? 104 LYS A CA   1 
ATOM   332  C C    . LYS A 1 41 ? -4.384  17.619  0.647   1.00 24.45 ? 104 LYS A C    1 
ATOM   333  O O    . LYS A 1 41 ? -5.408  18.304  0.640   1.00 27.17 ? 104 LYS A O    1 
ATOM   334  C CB   . LYS A 1 41 ? -3.323  17.938  -1.594  1.00 25.17 ? 104 LYS A CB   1 
ATOM   335  C CG   . LYS A 1 41 ? -2.138  18.714  -1.071  1.00 27.78 ? 104 LYS A CG   1 
ATOM   336  C CD   . LYS A 1 41 ? -1.550  19.579  -2.180  1.00 30.00 ? 104 LYS A CD   1 
ATOM   337  C CE   . LYS A 1 41 ? -0.465  20.499  -1.665  1.00 35.09 ? 104 LYS A CE   1 
ATOM   338  N NZ   . LYS A 1 41 ? -1.039  21.806  -1.237  1.00 38.80 ? 104 LYS A NZ   1 
ATOM   339  H H    . LYS A 1 41 ? -5.114  16.435  -2.096  1.00 24.98 ? 104 LYS A H    1 
ATOM   340  H HA   . LYS A 1 41 ? -3.230  16.274  -0.391  1.00 27.85 ? 104 LYS A HA   1 
ATOM   341  H HB2  . LYS A 1 41 ? -3.035  17.469  -2.393  1.00 30.20 ? 104 LYS A HB2  1 
ATOM   342  H HB3  . LYS A 1 41 ? -4.013  18.580  -1.825  1.00 30.20 ? 104 LYS A HB3  1 
ATOM   343  H HG2  . LYS A 1 41 ? -2.423  19.292  -0.346  1.00 33.33 ? 104 LYS A HG2  1 
ATOM   344  H HG3  . LYS A 1 41 ? -1.455  18.096  -0.766  1.00 33.33 ? 104 LYS A HG3  1 
ATOM   345  H HD2  . LYS A 1 41 ? -1.164  19.007  -2.861  1.00 35.99 ? 104 LYS A HD2  1 
ATOM   346  H HD3  . LYS A 1 41 ? -2.253  20.127  -2.564  1.00 35.99 ? 104 LYS A HD3  1 
ATOM   347  H HE2  . LYS A 1 41 ? -0.033  20.089  -0.899  1.00 42.10 ? 104 LYS A HE2  1 
ATOM   348  H HE3  . LYS A 1 41 ? 0.180   20.664  -2.370  1.00 42.10 ? 104 LYS A HE3  1 
ATOM   349  H HZ1  . LYS A 1 41 ? -1.442  22.201  -1.924  1.00 46.55 ? 104 LYS A HZ1  1 
ATOM   350  H HZ2  . LYS A 1 41 ? -1.635  21.678  -0.588  1.00 46.55 ? 104 LYS A HZ2  1 
ATOM   351  H HZ3  . LYS A 1 41 ? -0.392  22.338  -0.936  1.00 46.55 ? 104 LYS A HZ3  1 
ATOM   352  N N    . GLY A 1 42 ? -3.651  17.429  1.739   1.00 23.36 ? 105 GLY A N    1 
ATOM   353  C CA   . GLY A 1 42 ? -3.995  18.074  2.996   1.00 22.79 ? 105 GLY A CA   1 
ATOM   354  C C    . GLY A 1 42 ? -4.711  17.186  3.997   1.00 20.48 ? 105 GLY A C    1 
ATOM   355  O O    . GLY A 1 42 ? -4.799  17.536  5.179   1.00 24.88 ? 105 GLY A O    1 
ATOM   356  H H    . GLY A 1 42 ? -2.950  16.932  1.777   1.00 28.03 ? 105 GLY A H    1 
ATOM   357  H HA2  . GLY A 1 42 ? -3.183  18.400  3.415   1.00 27.34 ? 105 GLY A HA2  1 
ATOM   358  H HA3  . GLY A 1 42 ? -4.565  18.838  2.812   1.00 27.34 ? 105 GLY A HA3  1 
ATOM   359  N N    . GLU A 1 43 ? -5.237  16.047  3.549   1.00 20.93 ? 106 GLU A N    1 
ATOM   360  C CA   . GLU A 1 43 ? -5.904  15.138  4.473   1.00 21.17 ? 106 GLU A CA   1 
ATOM   361  C C    . GLU A 1 43 ? -4.923  14.583  5.492   1.00 22.03 ? 106 GLU A C    1 
ATOM   362  O O    . GLU A 1 43 ? -3.753  14.347  5.183   1.00 23.03 ? 106 GLU A O    1 
ATOM   363  C CB   . GLU A 1 43 ? -6.584  13.973  3.739   1.00 21.77 ? 106 GLU A CB   1 
ATOM   364  C CG   . GLU A 1 43 ? -7.835  14.372  2.991   1.00 20.68 ? 106 GLU A CG   1 
ATOM   365  C CD   . GLU A 1 43 ? -8.638  13.191  2.476   1.00 19.84 ? 106 GLU A CD   1 
ATOM   366  O OE1  . GLU A 1 43 ? -9.250  13.340  1.400   1.00 20.90 ? 106 GLU A OE1  1 
ATOM   367  O OE2  . GLU A 1 43 ? -8.676  12.125  3.147   1.00 20.66 ? 106 GLU A OE2  1 
ATOM   368  H H    . GLU A 1 43 ? -5.221  15.784  2.732   1.00 25.12 ? 106 GLU A H    1 
ATOM   369  H HA   . GLU A 1 43 ? -6.589  15.626  4.955   1.00 25.41 ? 106 GLU A HA   1 
ATOM   370  H HB2  . GLU A 1 43 ? -5.961  13.602  3.097   1.00 26.12 ? 106 GLU A HB2  1 
ATOM   371  H HB3  . GLU A 1 43 ? -6.830  13.296  4.389   1.00 26.12 ? 106 GLU A HB3  1 
ATOM   372  H HG2  . GLU A 1 43 ? -8.407  14.882  3.586   1.00 24.82 ? 106 GLU A HG2  1 
ATOM   373  H HG3  . GLU A 1 43 ? -7.584  14.916  2.229   1.00 24.82 ? 106 GLU A HG3  1 
ATOM   374  N N    A ARG A 1 44 ? -5.409  14.386  6.713   0.33 22.17 ? 107 ARG A N    1 
ATOM   375  N N    B ARG A 1 44 ? -5.414  14.374  6.709   0.67 19.74 ? 107 ARG A N    1 
ATOM   376  C CA   A ARG A 1 44 ? -4.624  13.766  7.771   0.33 23.73 ? 107 ARG A CA   1 
ATOM   377  C CA   B ARG A 1 44 ? -4.627  13.764  7.770   0.67 20.67 ? 107 ARG A CA   1 
ATOM   378  C C    A ARG A 1 44 ? -4.955  12.284  7.827   0.33 22.17 ? 107 ARG A C    1 
ATOM   379  C C    B ARG A 1 44 ? -4.956  12.284  7.836   0.67 20.28 ? 107 ARG A C    1 
ATOM   380  O O    A ARG A 1 44 ? -6.126  11.902  7.906   0.33 21.77 ? 107 ARG A O    1 
ATOM   381  O O    B ARG A 1 44 ? -6.125  11.903  7.927   0.67 21.28 ? 107 ARG A O    1 
ATOM   382  C CB   A ARG A 1 44 ? -4.922  14.423  9.118   0.33 30.00 ? 107 ARG A CB   1 
ATOM   383  C CB   B ARG A 1 44 ? -4.931  14.433  9.110   0.67 24.47 ? 107 ARG A CB   1 
ATOM   384  C CG   A ARG A 1 44 ? -4.480  15.879  9.200   0.33 44.27 ? 107 ARG A CG   1 
ATOM   385  C CG   B ARG A 1 44 ? -4.534  15.902  9.161   0.67 35.13 ? 107 ARG A CG   1 
ATOM   386  C CD   A ARG A 1 44 ? -5.184  16.623  10.324  0.33 57.19 ? 107 ARG A CD   1 
ATOM   387  C CD   B ARG A 1 44 ? -5.134  16.601  10.368  0.67 56.32 ? 107 ARG A CD   1 
ATOM   388  N NE   A ARG A 1 44 ? -6.636  16.489  10.232  0.33 66.35 ? 107 ARG A NE   1 
ATOM   389  N NE   B ARG A 1 44 ? -6.597  16.527  10.358  0.67 72.83 ? 107 ARG A NE   1 
ATOM   390  C CZ   A ARG A 1 44 ? -7.403  17.166  9.382   0.33 62.01 ? 107 ARG A CZ   1 
ATOM   391  C CZ   B ARG A 1 44 ? -7.351  16.131  11.382  0.67 68.16 ? 107 ARG A CZ   1 
ATOM   392  N NH1  A ARG A 1 44 ? -6.865  18.037  8.538   0.33 60.70 ? 107 ARG A NH1  1 
ATOM   393  N NH1  B ARG A 1 44 ? -6.806  15.770  12.537  0.67 64.33 ? 107 ARG A NH1  1 
ATOM   394  N NH2  A ARG A 1 44 ? -8.714  16.966  9.372   0.33 48.66 ? 107 ARG A NH2  1 
ATOM   395  N NH2  B ARG A 1 44 ? -8.671  16.101  11.247  0.67 60.55 ? 107 ARG A NH2  1 
ATOM   396  H H    A ARG A 1 44 ? -6.204  14.607  6.956   0.33 26.60 ? 107 ARG A H    1 
ATOM   397  H H    B ARG A 1 44 ? -6.214  14.581  6.946   0.67 23.69 ? 107 ARG A H    1 
ATOM   398  H HA   A ARG A 1 44 ? -3.678  13.866  7.578   0.33 28.47 ? 107 ARG A HA   1 
ATOM   399  H HA   B ARG A 1 44 ? -3.682  13.866  7.578   0.67 24.80 ? 107 ARG A HA   1 
ATOM   400  H HB2  A ARG A 1 44 ? -5.878  14.394  9.275   0.33 36.00 ? 107 ARG A HB2  1 
ATOM   401  H HB2  B ARG A 1 44 ? -5.885  14.377  9.279   0.67 29.37 ? 107 ARG A HB2  1 
ATOM   402  H HB3  A ARG A 1 44 ? -4.458  13.933  9.814   0.33 36.00 ? 107 ARG A HB3  1 
ATOM   403  H HB3  B ARG A 1 44 ? -4.444  13.970  9.809   0.67 29.37 ? 107 ARG A HB3  1 
ATOM   404  H HG2  A ARG A 1 44 ? -3.526  15.914  9.366   0.33 53.12 ? 107 ARG A HG2  1 
ATOM   405  H HG2  B ARG A 1 44 ? -3.568  15.970  9.219   0.67 42.15 ? 107 ARG A HG2  1 
ATOM   406  H HG3  A ARG A 1 44 ? -4.691  16.324  8.365   0.33 53.12 ? 107 ARG A HG3  1 
ATOM   407  H HG3  B ARG A 1 44 ? -4.855  16.346  8.361   0.67 42.15 ? 107 ARG A HG3  1 
ATOM   408  H HD2  A ARG A 1 44 ? -4.900  16.259  11.177  0.33 68.63 ? 107 ARG A HD2  1 
ATOM   409  H HD2  B ARG A 1 44 ? -4.814  16.175  11.178  0.67 67.58 ? 107 ARG A HD2  1 
ATOM   410  H HD3  A ARG A 1 44 ? -4.964  17.566  10.272  0.33 68.63 ? 107 ARG A HD3  1 
ATOM   411  H HD3  B ARG A 1 44 ? -4.877  17.537  10.357  0.67 67.58 ? 107 ARG A HD3  1 
ATOM   412  H HE   A ARG A 1 44 ? -7.023  15.934  10.765  0.33 79.62 ? 107 ARG A HE   1 
ATOM   413  H HE   B ARG A 1 44 ? -6.999  16.757  9.634   0.67 87.39 ? 107 ARG A HE   1 
ATOM   414  H HH11 A ARG A 1 44 ? -6.014  18.169  8.540   0.33 72.84 ? 107 ARG A HH11 1 
ATOM   415  H HH11 B ARG A 1 44 ? -5.951  15.786  12.633  0.67 77.19 ? 107 ARG A HH11 1 
ATOM   416  H HH12 A ARG A 1 44 ? -7.366  18.472  7.991   0.33 72.84 ? 107 ARG A HH12 1 
ATOM   417  H HH12 B ARG A 1 44 ? -7.307  15.518  13.189  0.67 77.19 ? 107 ARG A HH12 1 
ATOM   418  H HH21 A ARG A 1 44 ? -9.067  16.402  9.917   0.33 58.40 ? 107 ARG A HH21 1 
ATOM   419  H HH21 B ARG A 1 44 ? -9.032  16.335  10.503  0.67 72.66 ? 107 ARG A HH21 1 
ATOM   420  H HH22 A ARG A 1 44 ? -9.211  17.404  8.824   0.33 58.40 ? 107 ARG A HH22 1 
ATOM   421  H HH22 B ARG A 1 44 ? -9.163  15.850  11.905  0.67 72.66 ? 107 ARG A HH22 1 
ATOM   422  N N    . LEU A 1 45 ? -3.916  11.460  7.776   1.00 22.85 ? 108 LEU A N    1 
ATOM   423  C CA   . LEU A 1 45 ? -4.066  10.014  7.720   1.00 21.94 ? 108 LEU A CA   1 
ATOM   424  C C    . LEU A 1 45 ? -3.289  9.382   8.862   1.00 23.14 ? 108 LEU A C    1 
ATOM   425  O O    . LEU A 1 45 ? -2.206  9.855   9.214   1.00 28.59 ? 108 LEU A O    1 
ATOM   426  C CB   . LEU A 1 45 ? -3.512  9.492   6.390   1.00 22.64 ? 108 LEU A CB   1 
ATOM   427  C CG   . LEU A 1 45 ? -3.995  10.191  5.117   1.00 25.04 ? 108 LEU A CG   1 
ATOM   428  C CD1  . LEU A 1 45 ? -3.095  9.855   3.931   1.00 30.18 ? 108 LEU A CD1  1 
ATOM   429  C CD2  . LEU A 1 45 ? -5.424  9.808   4.811   1.00 29.24 ? 108 LEU A CD2  1 
ATOM   430  H H    . LEU A 1 45 ? -3.096  11.718  7.769   1.00 27.42 ? 108 LEU A H    1 
ATOM   431  H HA   . LEU A 1 45 ? -5.002  9.769   7.796   1.00 26.32 ? 108 LEU A HA   1 
ATOM   432  H HB2  . LEU A 1 45 ? -2.545  9.574   6.413   1.00 27.16 ? 108 LEU A HB2  1 
ATOM   433  H HB3  . LEU A 1 45 ? -3.750  8.554   6.310   1.00 27.16 ? 108 LEU A HB3  1 
ATOM   434  H HG   . LEU A 1 45 ? -3.964  11.151  5.253   1.00 30.05 ? 108 LEU A HG   1 
ATOM   435  H HD11 . LEU A 1 45 ? -3.428  10.313  3.143   1.00 36.21 ? 108 LEU A HD11 1 
ATOM   436  H HD12 . LEU A 1 45 ? -2.191  10.149  4.128   1.00 36.21 ? 108 LEU A HD12 1 
ATOM   437  H HD13 . LEU A 1 45 ? -3.108  8.896   3.788   1.00 36.21 ? 108 LEU A HD13 1 
ATOM   438  H HD21 . LEU A 1 45 ? -5.706  10.263  4.002   1.00 35.09 ? 108 LEU A HD21 1 
ATOM   439  H HD22 . LEU A 1 45 ? -5.473  8.848   4.685   1.00 35.09 ? 108 LEU A HD22 1 
ATOM   440  H HD23 . LEU A 1 45 ? -5.988  10.074  5.554   1.00 35.09 ? 108 LEU A HD23 1 
ATOM   441  N N    A GLN A 1 46 ? -3.844  8.322   9.445   0.54 20.30 ? 109 GLN A N    1 
ATOM   442  N N    B GLN A 1 46 ? -3.841  8.319   9.437   0.46 24.51 ? 109 GLN A N    1 
ATOM   443  C CA   A GLN A 1 46 ? -3.129  7.542   10.449  0.54 23.71 ? 109 GLN A CA   1 
ATOM   444  C CA   B GLN A 1 46 ? -3.129  7.541   10.444  0.46 26.14 ? 109 GLN A CA   1 
ATOM   445  C C    A GLN A 1 46 ? -2.984  6.105   9.969   0.54 18.02 ? 109 GLN A C    1 
ATOM   446  C C    B GLN A 1 46 ? -2.986  6.103   9.970   0.46 22.41 ? 109 GLN A C    1 
ATOM   447  O O    A GLN A 1 46 ? -3.909  5.534   9.388   0.54 20.09 ? 109 GLN A O    1 
ATOM   448  O O    B GLN A 1 46 ? -3.910  5.528   9.393   0.46 20.28 ? 109 GLN A O    1 
ATOM   449  C CB   A GLN A 1 46 ? -3.832  7.596   11.810  0.54 32.54 ? 109 GLN A CB   1 
ATOM   450  C CB   B GLN A 1 46 ? -3.839  7.615   11.797  0.46 33.44 ? 109 GLN A CB   1 
ATOM   451  C CG   A GLN A 1 46 ? -5.190  6.916   11.872  0.54 46.21 ? 109 GLN A CG   1 
ATOM   452  C CG   B GLN A 1 46 ? -3.640  8.954   12.493  0.46 37.16 ? 109 GLN A CG   1 
ATOM   453  C CD   A GLN A 1 46 ? -5.811  7.003   13.257  0.54 45.62 ? 109 GLN A CD   1 
ATOM   454  C CD   B GLN A 1 46 ? -4.222  8.995   13.891  0.46 39.85 ? 109 GLN A CD   1 
ATOM   455  O OE1  A GLN A 1 46 ? -5.441  7.861   14.062  0.54 42.39 ? 109 GLN A OE1  1 
ATOM   456  O OE1  B GLN A 1 46 ? -5.050  8.163   14.261  0.46 37.63 ? 109 GLN A OE1  1 
ATOM   457  N NE2  A GLN A 1 46 ? -6.752  6.112   13.543  0.54 35.90 ? 109 GLN A NE2  1 
ATOM   458  N NE2  B GLN A 1 46 ? -3.785  9.969   14.680  0.46 35.19 ? 109 GLN A NE2  1 
ATOM   459  H H    A GLN A 1 46 ? -4.637  8.035   9.275   0.54 24.36 ? 109 GLN A H    1 
ATOM   460  H H    B GLN A 1 46 ? -4.630  8.027   9.261   0.46 29.41 ? 109 GLN A H    1 
ATOM   461  H HA   A GLN A 1 46 ? -2.240  7.910   10.559  0.54 28.45 ? 109 GLN A HA   1 
ATOM   462  H HA   B GLN A 1 46 ? -2.238  7.909   10.554  0.46 31.36 ? 109 GLN A HA   1 
ATOM   463  H HB2  A GLN A 1 46 ? -3.260  7.168   12.467  0.54 39.04 ? 109 GLN A HB2  1 
ATOM   464  H HB2  B GLN A 1 46 ? -4.790  7.485   11.662  0.46 40.13 ? 109 GLN A HB2  1 
ATOM   465  H HB3  A GLN A 1 46 ? -3.960  8.527   12.051  0.54 39.04 ? 109 GLN A HB3  1 
ATOM   466  H HB3  B GLN A 1 46 ? -3.487  6.920   12.376  0.46 40.13 ? 109 GLN A HB3  1 
ATOM   467  H HG2  A GLN A 1 46 ? -5.791  7.347   11.245  0.54 55.45 ? 109 GLN A HG2  1 
ATOM   468  H HG2  B GLN A 1 46 ? -2.690  9.135   12.561  0.46 44.59 ? 109 GLN A HG2  1 
ATOM   469  H HG3  A GLN A 1 46 ? -5.087  5.979   11.646  0.54 55.45 ? 109 GLN A HG3  1 
ATOM   470  H HG3  B GLN A 1 46 ? -4.073  9.647   11.970  0.46 44.59 ? 109 GLN A HG3  1 
ATOM   471  H HE21 A GLN A 1 46 ? -6.981  5.524   12.957  0.54 43.08 ? 109 GLN A HE21 1 
ATOM   472  H HE21 B GLN A 1 46 ? -3.205  10.531  14.387  0.46 42.23 ? 109 GLN A HE21 1 
ATOM   473  H HE22 A GLN A 1 46 ? -7.132  6.120   14.314  0.54 43.08 ? 109 GLN A HE22 1 
ATOM   474  H HE22 B GLN A 1 46 ? -4.083  10.036  15.484  0.46 42.23 ? 109 GLN A HE22 1 
ATOM   475  N N    . ILE A 1 47 ? -1.811  5.533   10.198  1.00 24.20 ? 110 ILE A N    1 
ATOM   476  C CA   . ILE A 1 47 ? -1.536  4.187   9.737   1.00 25.51 ? 110 ILE A CA   1 
ATOM   477  C C    . ILE A 1 47 ? -2.260  3.183   10.606  1.00 28.56 ? 110 ILE A C    1 
ATOM   478  O O    . ILE A 1 47 ? -2.277  3.277   11.839  1.00 32.89 ? 110 ILE A O    1 
ATOM   479  C CB   . ILE A 1 47 ? -0.032  3.892   9.694   1.00 32.22 ? 110 ILE A CB   1 
ATOM   480  C CG1  . ILE A 1 47 ? 0.678   4.972   8.875   1.00 37.73 ? 110 ILE A CG1  1 
ATOM   481  C CG2  . ILE A 1 47 ? 0.224   2.511   9.102   1.00 35.66 ? 110 ILE A CG2  1 
ATOM   482  C CD1  . ILE A 1 47 ? 0.093   5.193   7.483   1.00 43.49 ? 110 ILE A CD1  1 
ATOM   483  H H    . ILE A 1 47 ? -1.159  5.907   10.617  1.00 29.04 ? 110 ILE A H    1 
ATOM   484  H HA   . ILE A 1 47 ? -1.879  4.094   8.835   1.00 30.61 ? 110 ILE A HA   1 
ATOM   485  H HB   . ILE A 1 47 ? 0.315   3.911   10.600  1.00 38.66 ? 110 ILE A HB   1 
ATOM   486  H HG12 . ILE A 1 47 ? 0.620   5.812   9.356   1.00 45.27 ? 110 ILE A HG12 1 
ATOM   487  H HG13 . ILE A 1 47 ? 1.608   4.719   8.768   1.00 45.27 ? 110 ILE A HG13 1 
ATOM   488  H HG21 . ILE A 1 47 ? 1.179   2.348   9.086   1.00 42.79 ? 110 ILE A HG21 1 
ATOM   489  H HG22 . ILE A 1 47 ? -0.217  1.846   9.653   1.00 42.79 ? 110 ILE A HG22 1 
ATOM   490  H HG23 . ILE A 1 47 ? -0.133  2.483   8.201   1.00 42.79 ? 110 ILE A HG23 1 
ATOM   491  H HD11 . ILE A 1 47 ? 0.154   4.365   6.980   1.00 52.18 ? 110 ILE A HD11 1 
ATOM   492  H HD12 . ILE A 1 47 ? -0.834  5.460   7.568   1.00 52.18 ? 110 ILE A HD12 1 
ATOM   493  H HD13 . ILE A 1 47 ? 0.599   5.889   7.035   1.00 52.18 ? 110 ILE A HD13 1 
ATOM   494  N N    . VAL A 1 48 ? -2.875  2.233   9.919   1.00 27.87 ? 111 VAL A N    1 
ATOM   495  C CA   . VAL A 1 48 ? -3.624  1.163   10.533  1.00 30.19 ? 111 VAL A CA   1 
ATOM   496  C C    . VAL A 1 48 ? -2.715  -0.049  10.643  1.00 29.26 ? 111 VAL A C    1 
ATOM   497  O O    . VAL A 1 48 ? -2.102  -0.446  9.657   1.00 43.72 ? 111 VAL A O    1 
ATOM   498  C CB   . VAL A 1 48 ? -4.818  0.780   9.644   1.00 28.32 ? 111 VAL A CB   1 
ATOM   499  C CG1  . VAL A 1 48 ? -5.509  -0.404  10.206  1.00 39.59 ? 111 VAL A CG1  1 
ATOM   500  C CG2  . VAL A 1 48 ? -5.774  1.952   9.492   1.00 33.81 ? 111 VAL A CG2  1 
ATOM   501  H H    . VAL A 1 48 ? -2.870  2.192   9.060   1.00 33.44 ? 111 VAL A H    1 
ATOM   502  H HA   . VAL A 1 48 ? -3.938  1.421   11.414  1.00 36.23 ? 111 VAL A HA   1 
ATOM   503  H HB   . VAL A 1 48 ? -4.491  0.545   8.761   1.00 33.98 ? 111 VAL A HB   1 
ATOM   504  H HG11 . VAL A 1 48 ? -6.259  -0.632  9.635   1.00 47.51 ? 111 VAL A HG11 1 
ATOM   505  H HG12 . VAL A 1 48 ? -4.885  -1.145  10.245  1.00 47.51 ? 111 VAL A HG12 1 
ATOM   506  H HG13 . VAL A 1 48 ? -5.826  -0.191  11.098  1.00 47.51 ? 111 VAL A HG13 1 
ATOM   507  H HG21 . VAL A 1 48 ? -6.516  1.682   8.927   1.00 40.57 ? 111 VAL A HG21 1 
ATOM   508  H HG22 . VAL A 1 48 ? -6.101  2.208   10.368  1.00 40.57 ? 111 VAL A HG22 1 
ATOM   509  H HG23 . VAL A 1 48 ? -5.301  2.694   9.085   1.00 40.57 ? 111 VAL A HG23 1 
ATOM   510  N N    . ASN A 1 49 ? -2.618  -0.637  11.830  1.00 30.16 ? 112 ASN A N    1 
ATOM   511  C CA   . ASN A 1 49 ? -1.896  -1.896  11.952  1.00 35.58 ? 112 ASN A CA   1 
ATOM   512  C C    . ASN A 1 49 ? -2.737  -3.055  11.429  1.00 36.58 ? 112 ASN A C    1 
ATOM   513  O O    . ASN A 1 49 ? -3.948  -3.087  11.602  1.00 38.40 ? 112 ASN A O    1 
ATOM   514  C CB   . ASN A 1 49 ? -1.457  -2.168  13.391  1.00 43.71 ? 112 ASN A CB   1 
ATOM   515  C CG   . ASN A 1 49 ? -0.225  -1.374  13.787  1.00 65.03 ? 112 ASN A CG   1 
ATOM   516  O OD1  . ASN A 1 49 ? 0.895   -1.703  13.387  1.00 75.06 ? 112 ASN A OD1  1 
ATOM   517  N ND2  . ASN A 1 49 ? -0.422  -0.339  14.597  1.00 69.36 ? 112 ASN A ND2  1 
ATOM   518  H HA   . ASN A 1 49 ? -1.095  -1.847  11.407  1.00 42.69 ? 112 ASN A HA   1 
ATOM   519  H HB2  . ASN A 1 49 ? -2.178  -1.923  13.993  1.00 52.45 ? 112 ASN A HB2  1 
ATOM   520  H HB3  . ASN A 1 49 ? -1.250  -3.111  13.487  1.00 52.45 ? 112 ASN A HB3  1 
ATOM   521  H HD21 . ASN A 1 49 ? -1.216  -0.151  14.868  1.00 83.23 ? 112 ASN A HD21 1 
ATOM   522  H HD22 . ASN A 1 49 ? 0.245   0.142   14.849  1.00 83.23 ? 112 ASN A HD22 1 
ATOM   523  N N    . ASN A 1 50 ? -2.079  -4.000  10.766  1.00 41.56 ? 113 ASN A N    1 
ATOM   524  C CA   . ASN A 1 50 ? -2.754  -5.154  10.188  1.00 44.97 ? 113 ASN A CA   1 
ATOM   525  C C    . ASN A 1 50 ? -1.747  -6.283  9.986   1.00 39.55 ? 113 ASN A C    1 
ATOM   526  O O    . ASN A 1 50 ? -0.537  -6.052  9.969   1.00 48.81 ? 113 ASN A O    1 
ATOM   527  C CB   . ASN A 1 50 ? -3.442  -4.822  8.861   1.00 40.54 ? 113 ASN A CB   1 
ATOM   528  C CG   . ASN A 1 50 ? -2.490  -4.248  7.822   1.00 43.18 ? 113 ASN A CG   1 
ATOM   529  O OD1  . ASN A 1 50 ? -1.907  -3.193  8.034   1.00 50.44 ? 113 ASN A OD1  1 
ATOM   530  N ND2  . ASN A 1 50 ? -2.343  -4.926  6.687   1.00 47.62 ? 113 ASN A ND2  1 
ATOM   531  H H    . ASN A 1 50 ? -1.229  -3.995  10.637  1.00 49.87 ? 113 ASN A H    1 
ATOM   532  H HA   . ASN A 1 50 ? -3.434  -5.466  10.808  1.00 53.97 ? 113 ASN A HA   1 
ATOM   533  H HB2  . ASN A 1 50 ? -3.830  -5.632  8.496   1.00 48.65 ? 113 ASN A HB2  1 
ATOM   534  H HB3  . ASN A 1 50 ? -4.138  -4.166  9.023   1.00 48.65 ? 113 ASN A HB3  1 
ATOM   535  H HD21 . ASN A 1 50 ? -2.777  -5.659  6.565   1.00 57.15 ? 113 ASN A HD21 1 
ATOM   536  H HD22 . ASN A 1 50 ? -1.813  -4.634  6.077   1.00 57.15 ? 113 ASN A HD22 1 
ATOM   537  N N    . THR A 1 51 ? -2.267  -7.491  9.812   1.00 41.17 ? 114 THR A N    1 
ATOM   538  C CA   . THR A 1 51 ? -1.457  -8.700  9.812   1.00 40.44 ? 114 THR A CA   1 
ATOM   539  C C    . THR A 1 51 ? -0.695  -8.913  8.505   1.00 33.69 ? 114 THR A C    1 
ATOM   540  O O    . THR A 1 51 ? 0.237   -9.701  8.463   1.00 40.40 ? 114 THR A O    1 
ATOM   541  C CB   . THR A 1 51 ? -2.341  -9.928  10.116  1.00 41.86 ? 114 THR A CB   1 
ATOM   542  O OG1  . THR A 1 51 ? -3.440  -9.959  9.198   1.00 41.28 ? 114 THR A OG1  1 
ATOM   543  C CG2  . THR A 1 51 ? -2.891  -9.849  11.535  1.00 45.32 ? 114 THR A CG2  1 
ATOM   544  H H    . THR A 1 51 ? -3.105  -7.640  9.689   1.00 49.40 ? 114 THR A H    1 
ATOM   545  H HA   . THR A 1 51 ? -0.801  -8.629  10.523  1.00 48.53 ? 114 THR A HA   1 
ATOM   546  H HB   . THR A 1 51 ? -1.817  -10.740 10.028  1.00 50.23 ? 114 THR A HB   1 
ATOM   547  H HG1  . THR A 1 51 ? -3.927  -10.625 9.355   1.00 49.54 ? 114 THR A HG1  1 
ATOM   548  H HG21 . THR A 1 51 ? -3.425  -9.046  11.639  1.00 54.39 ? 114 THR A HG21 1 
ATOM   549  H HG22 . THR A 1 51 ? -3.445  -10.623 11.719  1.00 54.39 ? 114 THR A HG22 1 
ATOM   550  H HG23 . THR A 1 51 ? -2.159  -9.826  12.172  1.00 54.39 ? 114 THR A HG23 1 
ATOM   551  N N    . GLU A 1 52 ? -1.075  -8.198  7.449   1.00 32.19 ? 115 GLU A N    1 
ATOM   552  C CA   . GLU A 1 52 ? -0.450  -8.394  6.134   1.00 29.96 ? 115 GLU A CA   1 
ATOM   553  C C    . GLU A 1 52 ? 0.914   -7.725  6.003   1.00 30.31 ? 115 GLU A C    1 
ATOM   554  O O    . GLU A 1 52 ? 1.775   -8.199  5.255   1.00 30.12 ? 115 GLU A O    1 
ATOM   555  C CB   . GLU A 1 52 ? -1.345  -7.842  5.032   1.00 37.17 ? 115 GLU A CB   1 
ATOM   556  C CG   . GLU A 1 52 ? -2.756  -8.398  5.011   1.00 42.20 ? 115 GLU A CG   1 
ATOM   557  C CD   . GLU A 1 52 ? -3.743  -7.439  4.379   1.00 49.81 ? 115 GLU A CD   1 
ATOM   558  O OE1  . GLU A 1 52 ? -3.365  -6.270  4.126   1.00 35.64 ? 115 GLU A OE1  1 
ATOM   559  O OE2  . GLU A 1 52 ? -4.894  -7.859  4.141   1.00 34.31 ? 115 GLU A OE2  1 
ATOM   560  H H    . GLU A 1 52 ? -1.688  -7.595  7.462   1.00 38.63 ? 115 GLU A H    1 
ATOM   561  H HA   . GLU A 1 52 ? -0.334  -9.344  5.979   1.00 35.95 ? 115 GLU A HA   1 
ATOM   562  H HB2  . GLU A 1 52 ? -1.413  -6.881  5.142   1.00 44.60 ? 115 GLU A HB2  1 
ATOM   563  H HB3  . GLU A 1 52 ? -0.939  -8.044  4.175   1.00 44.60 ? 115 GLU A HB3  1 
ATOM   564  H HG2  . GLU A 1 52 ? -2.765  -9.220  4.497   1.00 50.63 ? 115 GLU A HG2  1 
ATOM   565  H HG3  . GLU A 1 52 ? -3.043  -8.570  5.921   1.00 50.63 ? 115 GLU A HG3  1 
ATOM   566  N N    . GLY A 1 53 ? 1.095   -6.607  6.698   1.00 32.38 ? 116 GLY A N    1 
ATOM   567  C CA   . GLY A 1 53 ? 2.302   -5.808  6.572   1.00 31.54 ? 116 GLY A CA   1 
ATOM   568  C C    . GLY A 1 53 ? 2.168   -4.805  5.443   1.00 31.35 ? 116 GLY A C    1 
ATOM   569  O O    . GLY A 1 53 ? 1.109   -4.703  4.823   1.00 34.30 ? 116 GLY A O    1 
ATOM   570  H H    . GLY A 1 53 ? 0.524   -6.288  7.257   1.00 38.86 ? 116 GLY A H    1 
ATOM   571  H HA2  . GLY A 1 53 ? 2.467   -5.329  7.398   1.00 37.84 ? 116 GLY A HA2  1 
ATOM   572  H HA3  . GLY A 1 53 ? 3.059   -6.386  6.388   1.00 37.84 ? 116 GLY A HA3  1 
ATOM   573  N N    . ASP A 1 54 ? 3.235   -4.061  5.178   1.00 29.10 ? 117 ASP A N    1 
ATOM   574  C CA   . ASP A 1 54 ? 3.258   -3.140  4.046   1.00 24.83 ? 117 ASP A CA   1 
ATOM   575  C C    . ASP A 1 54 ? 3.200   -3.935  2.752   1.00 21.45 ? 117 ASP A C    1 
ATOM   576  O O    . ASP A 1 54 ? 3.606   -5.092  2.718   1.00 24.03 ? 117 ASP A O    1 
ATOM   577  C CB   . ASP A 1 54 ? 4.535   -2.303  4.049   1.00 31.22 ? 117 ASP A CB   1 
ATOM   578  C CG   . ASP A 1 54 ? 4.688   -1.476  5.300   1.00 42.25 ? 117 ASP A CG   1 
ATOM   579  O OD1  . ASP A 1 54 ? 3.673   -1.254  5.989   1.00 50.90 ? 117 ASP A OD1  1 
ATOM   580  O OD2  . ASP A 1 54 ? 5.824   -1.047  5.584   1.00 55.60 ? 117 ASP A OD2  1 
ATOM   581  H H    . ASP A 1 54 ? 3.961   -4.069  5.640   1.00 34.92 ? 117 ASP A H    1 
ATOM   582  H HA   . ASP A 1 54 ? 2.491   -2.546  4.085   1.00 29.80 ? 117 ASP A HA   1 
ATOM   583  H HB2  . ASP A 1 54 ? 5.301   -2.896  3.986   1.00 37.47 ? 117 ASP A HB2  1 
ATOM   584  H HB3  . ASP A 1 54 ? 4.520   -1.700  3.289   1.00 37.47 ? 117 ASP A HB3  1 
ATOM   585  N N    . TRP A 1 55 ? 2.699   -3.310  1.693   1.00 16.01 ? 118 TRP A N    1 
ATOM   586  C CA   . TRP A 1 55 ? 2.632   -3.960  0.388   1.00 14.03 ? 118 TRP A CA   1 
ATOM   587  C C    . TRP A 1 55 ? 3.699   -3.426  -0.552  1.00 14.70 ? 118 TRP A C    1 
ATOM   588  O O    . TRP A 1 55 ? 3.930   -2.218  -0.635  1.00 16.73 ? 118 TRP A O    1 
ATOM   589  C CB   . TRP A 1 55 ? 1.236   -3.815  -0.223  1.00 14.13 ? 118 TRP A CB   1 
ATOM   590  C CG   . TRP A 1 55 ? 0.209   -4.608  0.510   1.00 15.02 ? 118 TRP A CG   1 
ATOM   591  C CD1  . TRP A 1 55 ? -0.263  -4.370  1.772   1.00 17.08 ? 118 TRP A CD1  1 
ATOM   592  C CD2  . TRP A 1 55 ? -0.483  -5.771  0.042   1.00 13.78 ? 118 TRP A CD2  1 
ATOM   593  N NE1  . TRP A 1 55 ? -1.201  -5.310  2.114   1.00 16.65 ? 118 TRP A NE1  1 
ATOM   594  C CE2  . TRP A 1 55 ? -1.354  -6.185  1.066   1.00 13.94 ? 118 TRP A CE2  1 
ATOM   595  C CE3  . TRP A 1 55 ? -0.453  -6.503  -1.151  1.00 14.74 ? 118 TRP A CE3  1 
ATOM   596  C CZ2  . TRP A 1 55 ? -2.186  -7.290  0.943   1.00 14.65 ? 118 TRP A CZ2  1 
ATOM   597  C CZ3  . TRP A 1 55 ? -1.282  -7.605  -1.270  1.00 15.91 ? 118 TRP A CZ3  1 
ATOM   598  C CH2  . TRP A 1 55 ? -2.135  -7.985  -0.232  1.00 15.74 ? 118 TRP A CH2  1 
ATOM   599  H H    . TRP A 1 55 ? 2.391   -2.507  1.702   1.00 19.21 ? 118 TRP A H    1 
ATOM   600  H HA   . TRP A 1 55 ? 2.799   -4.907  0.509   1.00 16.84 ? 118 TRP A HA   1 
ATOM   601  H HB2  . TRP A 1 55 ? 0.973   -2.883  -0.195  1.00 16.95 ? 118 TRP A HB2  1 
ATOM   602  H HB3  . TRP A 1 55 ? 1.258   -4.128  -1.141  1.00 16.95 ? 118 TRP A HB3  1 
ATOM   603  H HD1  . TRP A 1 55 ? 0.015   -3.672  2.322   1.00 20.49 ? 118 TRP A HD1  1 
ATOM   604  H HE1  . TRP A 1 55 ? -1.624  -5.347  2.863   1.00 19.98 ? 118 TRP A HE1  1 
ATOM   605  H HE3  . TRP A 1 55 ? 0.113   -6.256  -1.846  1.00 17.69 ? 118 TRP A HE3  1 
ATOM   606  H HZ2  . TRP A 1 55 ? -2.756  -7.546  1.631   1.00 17.58 ? 118 TRP A HZ2  1 
ATOM   607  H HZ3  . TRP A 1 55 ? -1.270  -8.101  -2.057  1.00 19.09 ? 118 TRP A HZ3  1 
ATOM   608  H HH2  . TRP A 1 55 ? -2.679  -8.731  -0.343  1.00 18.88 ? 118 TRP A HH2  1 
ATOM   609  N N    . TRP A 1 56 ? 4.340   -4.354  -1.254  1.00 14.94 ? 119 TRP A N    1 
ATOM   610  C CA   . TRP A 1 56 ? 5.451   -4.066  -2.152  1.00 14.55 ? 119 TRP A CA   1 
ATOM   611  C C    . TRP A 1 56 ? 5.098   -4.537  -3.556  1.00 13.45 ? 119 TRP A C    1 
ATOM   612  O O    . TRP A 1 56 ? 4.470   -5.583  -3.723  1.00 14.91 ? 119 TRP A O    1 
ATOM   613  C CB   . TRP A 1 56 ? 6.696   -4.845  -1.720  1.00 18.23 ? 119 TRP A CB   1 
ATOM   614  C CG   . TRP A 1 56 ? 7.233   -4.558  -0.354  1.00 21.61 ? 119 TRP A CG   1 
ATOM   615  C CD1  . TRP A 1 56 ? 7.018   -3.449  0.406   1.00 34.02 ? 119 TRP A CD1  1 
ATOM   616  C CD2  . TRP A 1 56 ? 8.099   -5.407  0.405   1.00 25.77 ? 119 TRP A CD2  1 
ATOM   617  N NE1  . TRP A 1 56 ? 7.694   -3.556  1.600   1.00 29.13 ? 119 TRP A NE1  1 
ATOM   618  C CE2  . TRP A 1 56 ? 8.366   -4.753  1.624   1.00 30.54 ? 119 TRP A CE2  1 
ATOM   619  C CE3  . TRP A 1 56 ? 8.671   -6.663  0.176   1.00 26.02 ? 119 TRP A CE3  1 
ATOM   620  C CZ2  . TRP A 1 56 ? 9.181   -5.310  2.610   1.00 35.66 ? 119 TRP A CZ2  1 
ATOM   621  C CZ3  . TRP A 1 56 ? 9.480   -7.216  1.151   1.00 29.46 ? 119 TRP A CZ3  1 
ATOM   622  C CH2  . TRP A 1 56 ? 9.728   -6.540  2.354   1.00 37.39 ? 119 TRP A CH2  1 
ATOM   623  H H    . TRP A 1 56 ? 4.141   -5.191  -1.224  1.00 17.93 ? 119 TRP A H    1 
ATOM   624  H HA   . TRP A 1 56 ? 5.647   -3.115  -2.164  1.00 17.46 ? 119 TRP A HA   1 
ATOM   625  H HB2  . TRP A 1 56 ? 6.486   -5.791  -1.752  1.00 21.87 ? 119 TRP A HB2  1 
ATOM   626  H HB3  . TRP A 1 56 ? 7.406   -4.653  -2.352  1.00 21.87 ? 119 TRP A HB3  1 
ATOM   627  H HD1  . TRP A 1 56 ? 6.491   -2.725  0.155   1.00 40.82 ? 119 TRP A HD1  1 
ATOM   628  H HE1  . TRP A 1 56 ? 7.695   -2.969  2.228   1.00 34.96 ? 119 TRP A HE1  1 
ATOM   629  H HE3  . TRP A 1 56 ? 8.511   -7.118  -0.620  1.00 31.22 ? 119 TRP A HE3  1 
ATOM   630  H HZ2  . TRP A 1 56 ? 9.348   -4.864  3.409   1.00 42.79 ? 119 TRP A HZ2  1 
ATOM   631  H HZ3  . TRP A 1 56 ? 9.864   -8.049  1.007   1.00 35.36 ? 119 TRP A HZ3  1 
ATOM   632  H HH2  . TRP A 1 56 ? 10.275  -6.936  2.993   1.00 44.87 ? 119 TRP A HH2  1 
ATOM   633  N N    . LEU A 1 57 ? 5.527   -3.795  -4.566  1.00 14.96 ? 120 LEU A N    1 
ATOM   634  C CA   . LEU A 1 57 ? 5.421   -4.276  -5.935  1.00 13.20 ? 120 LEU A CA   1 
ATOM   635  C C    . LEU A 1 57 ? 6.533   -5.293  -6.175  1.00 14.53 ? 120 LEU A C    1 
ATOM   636  O O    . LEU A 1 57 ? 7.704   -5.007  -5.930  1.00 16.58 ? 120 LEU A O    1 
ATOM   637  C CB   . LEU A 1 57 ? 5.544   -3.111  -6.916  1.00 14.39 ? 120 LEU A CB   1 
ATOM   638  C CG   . LEU A 1 57 ? 5.290   -3.439  -8.387  1.00 16.35 ? 120 LEU A CG   1 
ATOM   639  C CD1  . LEU A 1 57 ? 3.899   -4.010  -8.595  1.00 17.38 ? 120 LEU A CD1  1 
ATOM   640  C CD2  . LEU A 1 57 ? 5.495   -2.199  -9.244  1.00 18.77 ? 120 LEU A CD2  1 
ATOM   641  H H    . LEU A 1 57 ? 5.880   -3.016  -4.487  1.00 17.95 ? 120 LEU A H    1 
ATOM   642  H HA   . LEU A 1 57 ? 4.564   -4.710  -6.068  1.00 15.84 ? 120 LEU A HA   1 
ATOM   643  H HB2  . LEU A 1 57 ? 4.906   -2.428  -6.659  1.00 17.27 ? 120 LEU A HB2  1 
ATOM   644  H HB3  . LEU A 1 57 ? 6.443   -2.752  -6.851  1.00 17.27 ? 120 LEU A HB3  1 
ATOM   645  H HG   . LEU A 1 57 ? 5.932   -4.108  -8.675  1.00 19.62 ? 120 LEU A HG   1 
ATOM   646  H HD11 . LEU A 1 57 ? 3.775   -4.204  -9.538  1.00 20.85 ? 120 LEU A HD11 1 
ATOM   647  H HD12 . LEU A 1 57 ? 3.810   -4.823  -8.075  1.00 20.85 ? 120 LEU A HD12 1 
ATOM   648  H HD13 . LEU A 1 57 ? 3.243   -3.357  -8.304  1.00 20.85 ? 120 LEU A HD13 1 
ATOM   649  H HD21 . LEU A 1 57 ? 5.330   -2.427  -10.173 1.00 22.52 ? 120 LEU A HD21 1 
ATOM   650  H HD22 . LEU A 1 57 ? 4.873   -1.511  -8.957  1.00 22.52 ? 120 LEU A HD22 1 
ATOM   651  H HD23 . LEU A 1 57 ? 6.407   -1.887  -9.137  1.00 22.52 ? 120 LEU A HD23 1 
ATOM   652  N N    . ALA A 1 58 ? 6.159   -6.474  -6.650  1.00 14.17 ? 121 ALA A N    1 
ATOM   653  C CA   . ALA A 1 58 ? 7.102   -7.574  -6.790  1.00 14.29 ? 121 ALA A CA   1 
ATOM   654  C C    . ALA A 1 58 ? 6.915   -8.314  -8.101  1.00 15.40 ? 121 ALA A C    1 
ATOM   655  O O    . ALA A 1 58 ? 5.818   -8.376  -8.657  1.00 15.20 ? 121 ALA A O    1 
ATOM   656  C CB   . ALA A 1 58 ? 6.960   -8.544  -5.618  1.00 17.36 ? 121 ALA A CB   1 
ATOM   657  H H    . ALA A 1 58 ? 5.359   -6.665  -6.902  1.00 17.00 ? 121 ALA A H    1 
ATOM   658  H HA   . ALA A 1 58 ? 8.005   -7.218  -6.775  1.00 17.15 ? 121 ALA A HA   1 
ATOM   659  H HB1  . ALA A 1 58 ? 7.595   -9.268  -5.730  1.00 20.84 ? 121 ALA A HB1  1 
ATOM   660  H HB2  . ALA A 1 58 ? 7.140   -8.069  -4.792  1.00 20.84 ? 121 ALA A HB2  1 
ATOM   661  H HB3  . ALA A 1 58 ? 6.055   -8.895  -5.608  1.00 20.84 ? 121 ALA A HB3  1 
ATOM   662  N N    . HIS A 1 59 ? 8.014   -8.890  -8.566  1.00 14.49 ? 122 HIS A N    1 
ATOM   663  C CA   . HIS A 1 59 ? 8.030   -9.697  -9.772  1.00 13.92 ? 122 HIS A CA   1 
ATOM   664  C C    . HIS A 1 59 ? 8.391   -11.111 -9.374  1.00 14.85 ? 122 HIS A C    1 
ATOM   665  O O    . HIS A 1 59 ? 9.401   -11.324 -8.709  1.00 15.99 ? 122 HIS A O    1 
ATOM   666  C CB   . HIS A 1 59 ? 9.071   -9.143  -10.736 1.00 14.70 ? 122 HIS A CB   1 
ATOM   667  C CG   . HIS A 1 59 ? 9.189   -9.916  -12.011 1.00 15.67 ? 122 HIS A CG   1 
ATOM   668  N ND1  . HIS A 1 59 ? 8.145   -10.048 -12.897 1.00 15.98 ? 122 HIS A ND1  1 
ATOM   669  C CD2  . HIS A 1 59 ? 10.234  -10.588 -12.549 1.00 18.67 ? 122 HIS A CD2  1 
ATOM   670  C CE1  . HIS A 1 59 ? 8.539   -10.772 -13.932 1.00 17.51 ? 122 HIS A CE1  1 
ATOM   671  N NE2  . HIS A 1 59 ? 9.802   -11.113 -13.744 1.00 20.82 ? 122 HIS A NE2  1 
ATOM   672  H H    . HIS A 1 59 ? 8.784   -8.823  -8.189  1.00 17.39 ? 122 HIS A H    1 
ATOM   673  H HA   . HIS A 1 59 ? 7.158   -9.692  -10.198 1.00 16.71 ? 122 HIS A HA   1 
ATOM   674  H HB2  . HIS A 1 59 ? 8.833   -8.230  -10.964 1.00 17.64 ? 122 HIS A HB2  1 
ATOM   675  H HB3  . HIS A 1 59 ? 9.939   -9.156  -10.300 1.00 17.64 ? 122 HIS A HB3  1 
ATOM   676  H HD1  . HIS A 1 59 ? 7.361   -9.712  -12.796 1.00 19.18 ? 122 HIS A HD1  1 
ATOM   677  H HD2  . HIS A 1 59 ? 11.082  -10.678 -12.181 1.00 22.41 ? 122 HIS A HD2  1 
ATOM   678  H HE1  . HIS A 1 59 ? 8.015   -11.004 -14.665 1.00 21.01 ? 122 HIS A HE1  1 
ATOM   679  H HE2  . HIS A 1 59 ? 10.277  -11.587 -14.283 1.00 24.98 ? 122 HIS A HE2  1 
ATOM   680  N N    . SER A 1 60 ? 7.565   -12.080 -9.762  1.00 14.64 ? 123 SER A N    1 
ATOM   681  C CA   . SER A 1 60 ? 7.878   -13.475 -9.473  1.00 15.01 ? 123 SER A CA   1 
ATOM   682  C C    . SER A 1 60 ? 8.852   -14.032 -10.495 1.00 14.51 ? 123 SER A C    1 
ATOM   683  O O    . SER A 1 60 ? 8.553   -14.092 -11.686 1.00 15.79 ? 123 SER A O    1 
ATOM   684  C CB   . SER A 1 60 ? 6.621   -14.336 -9.470  1.00 15.31 ? 123 SER A CB   1 
ATOM   685  O OG   . SER A 1 60 ? 6.972   -15.696 -9.276  1.00 15.27 ? 123 SER A OG   1 
ATOM   686  H H    . SER A 1 60 ? 6.829   -11.958 -10.187 1.00 17.56 ? 123 SER A H    1 
ATOM   687  H HA   . SER A 1 60 ? 8.289   -13.535 -8.597  1.00 18.01 ? 123 SER A HA   1 
ATOM   688  H HB2  . SER A 1 60 ? 6.039   -14.049 -8.749  1.00 18.37 ? 123 SER A HB2  1 
ATOM   689  H HB3  . SER A 1 60 ? 6.168   -14.241 -10.324 1.00 18.37 ? 123 SER A HB3  1 
ATOM   690  H HG   . SER A 1 60 ? 6.281   -16.174 -9.274  1.00 18.32 ? 123 SER A HG   1 
ATOM   691  N N    . LEU A 1 61 ? 10.020  -14.443 -10.020 1.00 16.04 ? 124 LEU A N    1 
ATOM   692  C CA   . LEU A 1 61 ? 10.986  -15.098 -10.886 1.00 18.46 ? 124 LEU A CA   1 
ATOM   693  C C    . LEU A 1 61 ? 10.443  -16.463 -11.282 1.00 18.69 ? 124 LEU A C    1 
ATOM   694  O O    . LEU A 1 61 ? 10.768  -16.991 -12.341 1.00 21.02 ? 124 LEU A O    1 
ATOM   695  C CB   . LEU A 1 61 ? 12.323  -15.246 -10.162 1.00 24.19 ? 124 LEU A CB   1 
ATOM   696  C CG   . LEU A 1 61 ? 12.968  -13.933 -9.720  1.00 30.70 ? 124 LEU A CG   1 
ATOM   697  C CD1  . LEU A 1 61 ? 14.246  -14.205 -8.949  1.00 30.73 ? 124 LEU A CD1  1 
ATOM   698  C CD2  . LEU A 1 61 ? 13.243  -13.021 -10.912 1.00 36.57 ? 124 LEU A CD2  1 
ATOM   699  H H    . LEU A 1 61 ? 10.275  -14.354 -9.204  1.00 19.25 ? 124 LEU A H    1 
ATOM   700  H HA   . LEU A 1 61 ? 11.120  -14.570 -11.687 1.00 22.15 ? 124 LEU A HA   1 
ATOM   701  H HB2  . LEU A 1 61 ? 12.186  -15.787 -9.369  1.00 29.03 ? 124 LEU A HB2  1 
ATOM   702  H HB3  . LEU A 1 61 ? 12.947  -15.692 -10.756 1.00 29.03 ? 124 LEU A HB3  1 
ATOM   703  H HG   . LEU A 1 61 ? 12.356  -13.468 -9.126  1.00 36.84 ? 124 LEU A HG   1 
ATOM   704  H HD11 . LEU A 1 61 ? 14.034  -14.738 -8.166  1.00 36.88 ? 124 LEU A HD11 1 
ATOM   705  H HD12 . LEU A 1 61 ? 14.862  -14.687 -9.522  1.00 36.88 ? 124 LEU A HD12 1 
ATOM   706  H HD13 . LEU A 1 61 ? 14.637  -13.359 -8.679  1.00 36.88 ? 124 LEU A HD13 1 
ATOM   707  H HD21 . LEU A 1 61 ? 13.844  -13.475 -11.522 1.00 43.89 ? 124 LEU A HD21 1 
ATOM   708  H HD22 . LEU A 1 61 ? 12.405  -12.824 -11.358 1.00 43.89 ? 124 LEU A HD22 1 
ATOM   709  H HD23 . LEU A 1 61 ? 13.650  -12.200 -10.593 1.00 43.89 ? 124 LEU A HD23 1 
ATOM   710  N N    . THR A 1 62 ? 9.604   -17.029 -10.422 1.00 19.20 ? 125 THR A N    1 
ATOM   711  C CA   . THR A 1 62 ? 9.065   -18.362 -10.641 1.00 18.73 ? 125 THR A CA   1 
ATOM   712  C C    . THR A 1 62 ? 8.016   -18.396 -11.751 1.00 17.20 ? 125 THR A C    1 
ATOM   713  O O    . THR A 1 62 ? 8.047   -19.288 -12.597 1.00 19.78 ? 125 THR A O    1 
ATOM   714  C CB   . THR A 1 62 ? 8.485   -18.927 -9.330  1.00 20.23 ? 125 THR A CB   1 
ATOM   715  O OG1  . THR A 1 62 ? 9.505   -18.905 -8.323  1.00 22.50 ? 125 THR A OG1  1 
ATOM   716  C CG2  . THR A 1 62 ? 7.997   -20.357 -9.514  1.00 22.66 ? 125 THR A CG2  1 
ATOM   717  H H    . THR A 1 62 ? 9.330   -16.656 -9.698  1.00 23.04 ? 125 THR A H    1 
ATOM   718  H HA   . THR A 1 62 ? 9.791   -18.944 -10.912 1.00 22.47 ? 125 THR A HA   1 
ATOM   719  H HB   . THR A 1 62 ? 7.736   -18.380 -9.045  1.00 24.27 ? 125 THR A HB   1 
ATOM   720  H HG1  . THR A 1 62 ? 9.203   -19.211 -7.601  1.00 27.00 ? 125 THR A HG1  1 
ATOM   721  H HG21 . THR A 1 62 ? 7.637   -20.694 -8.679  1.00 27.19 ? 125 THR A HG21 1 
ATOM   722  H HG22 . THR A 1 62 ? 7.303   -20.385 -10.192 1.00 27.19 ? 125 THR A HG22 1 
ATOM   723  H HG23 . THR A 1 62 ? 8.733   -20.925 -9.791  1.00 27.19 ? 125 THR A HG23 1 
ATOM   724  N N    . THR A 1 63 ? 7.102   -17.426 -11.767 1.00 15.89 ? 126 THR A N    1 
ATOM   725  C CA   . THR A 1 63 ? 5.986   -17.453 -12.717 1.00 14.58 ? 126 THR A CA   1 
ATOM   726  C C    . THR A 1 63 ? 6.035   -16.365 -13.773 1.00 12.97 ? 126 THR A C    1 
ATOM   727  O O    . THR A 1 63 ? 5.313   -16.441 -14.767 1.00 15.00 ? 126 THR A O    1 
ATOM   728  C CB   . THR A 1 63 ? 4.635   -17.275 -12.010 1.00 14.81 ? 126 THR A CB   1 
ATOM   729  O OG1  . THR A 1 63 ? 4.550   -15.948 -11.465 1.00 14.89 ? 126 THR A OG1  1 
ATOM   730  C CG2  . THR A 1 63 ? 4.459   -18.307 -10.908 1.00 16.82 ? 126 THR A CG2  1 
ATOM   731  H H    . THR A 1 63 ? 7.105   -16.744 -11.241 1.00 19.07 ? 126 THR A H    1 
ATOM   732  H HA   . THR A 1 63 ? 5.977   -18.311 -13.170 1.00 17.49 ? 126 THR A HA   1 
ATOM   733  H HB   . THR A 1 63 ? 3.921   -17.400 -12.655 1.00 17.77 ? 126 THR A HB   1 
ATOM   734  H HG1  . THR A 1 63 ? 3.812   -15.844 -11.077 1.00 17.86 ? 126 THR A HG1  1 
ATOM   735  H HG21 . THR A 1 63 ? 3.602   -18.181 -10.472 1.00 20.19 ? 126 THR A HG21 1 
ATOM   736  H HG22 . THR A 1 63 ? 4.494   -19.201 -11.283 1.00 20.19 ? 126 THR A HG22 1 
ATOM   737  H HG23 . THR A 1 63 ? 5.165   -18.212 -10.251 1.00 20.19 ? 126 THR A HG23 1 
ATOM   738  N N    . GLY A 1 64 ? 6.854   -15.345 -13.546 1.00 12.61 ? 127 GLY A N    1 
ATOM   739  C CA   . GLY A 1 64 ? 6.934   -14.208 -14.446 1.00 12.63 ? 127 GLY A CA   1 
ATOM   740  C C    . GLY A 1 64 ? 5.867   -13.154 -14.241 1.00 11.07 ? 127 GLY A C    1 
ATOM   741  O O    . GLY A 1 64 ? 5.878   -12.133 -14.919 1.00 13.18 ? 127 GLY A O    1 
ATOM   742  H H    . GLY A 1 64 ? 7.380   -15.289 -12.868 1.00 15.14 ? 127 GLY A H    1 
ATOM   743  H HA2  . GLY A 1 64 ? 7.798   -13.783 -14.340 1.00 15.15 ? 127 GLY A HA2  1 
ATOM   744  H HA3  . GLY A 1 64 ? 6.867   -14.526 -15.361 1.00 15.15 ? 127 GLY A HA3  1 
ATOM   745  N N    . GLU A 1 65 ? 4.958   -13.397 -13.300 1.00 12.22 ? 128 GLU A N    1 
ATOM   746  C CA   . GLU A 1 65 ? 3.868   -12.466 -13.014 1.00 12.51 ? 128 GLU A CA   1 
ATOM   747  C C    . GLU A 1 65 ? 4.358   -11.360 -12.088 1.00 11.88 ? 128 GLU A C    1 
ATOM   748  O O    . GLU A 1 65 ? 5.364   -11.518 -11.394 1.00 13.76 ? 128 GLU A O    1 
ATOM   749  C CB   . GLU A 1 65 ? 2.690   -13.227 -12.396 1.00 11.71 ? 128 GLU A CB   1 
ATOM   750  C CG   . GLU A 1 65 ? 2.125   -14.273 -13.351 1.00 14.53 ? 128 GLU A CG   1 
ATOM   751  C CD   . GLU A 1 65 ? 1.158   -15.240 -12.698 1.00 19.27 ? 128 GLU A CD   1 
ATOM   752  O OE1  . GLU A 1 65 ? 0.477   -14.847 -11.730 1.00 27.50 ? 128 GLU A OE1  1 
ATOM   753  O OE2  . GLU A 1 65 ? 1.085   -16.400 -13.161 1.00 22.54 ? 128 GLU A OE2  1 
ATOM   754  H H    . GLU A 1 65 ? 4.951   -14.101 -12.808 1.00 14.66 ? 128 GLU A H    1 
ATOM   755  H HA   . GLU A 1 65 ? 3.568   -12.060 -13.842 1.00 15.01 ? 128 GLU A HA   1 
ATOM   756  N N    . THR A 1 66 ? 3.643   -10.239 -12.086 1.00 11.63 ? 129 THR A N    1 
ATOM   757  C CA   . THR A 1 66 ? 4.075   -9.058  -11.351 1.00 11.63 ? 129 THR A CA   1 
ATOM   758  C C    . THR A 1 66 ? 2.873   -8.386  -10.711 1.00 12.38 ? 129 THR A C    1 
ATOM   759  O O    . THR A 1 66 ? 1.821   -8.260  -11.332 1.00 17.33 ? 129 THR A O    1 
ATOM   760  C CB   . THR A 1 66 ? 4.785   -8.051  -12.288 1.00 13.44 ? 129 THR A CB   1 
ATOM   761  O OG1  . THR A 1 66 ? 5.696   -8.753  -13.140 1.00 14.55 ? 129 THR A OG1  1 
ATOM   762  C CG2  . THR A 1 66 ? 5.546   -7.004  -11.499 1.00 15.70 ? 129 THR A CG2  1 
ATOM   763  H H    . THR A 1 66 ? 2.899   -10.138 -12.505 1.00 13.96 ? 129 THR A H    1 
ATOM   764  H HA   . THR A 1 66 ? 4.693   -9.318  -10.651 1.00 13.95 ? 129 THR A HA   1 
ATOM   765  H HB   . THR A 1 66 ? 4.122   -7.598  -12.833 1.00 16.13 ? 129 THR A HB   1 
ATOM   766  H HG1  . THR A 1 66 ? 6.086   -8.213  -13.651 1.00 17.46 ? 129 THR A HG1  1 
ATOM   767  H HG21 . THR A 1 66 ? 5.983   -6.385  -12.105 1.00 18.84 ? 129 THR A HG21 1 
ATOM   768  H HG22 . THR A 1 66 ? 4.937   -6.510  -10.929 1.00 18.84 ? 129 THR A HG22 1 
ATOM   769  H HG23 . THR A 1 66 ? 6.219   -7.430  -10.945 1.00 18.84 ? 129 THR A HG23 1 
ATOM   770  N N    . GLY A 1 67 ? 3.027   -7.960  -9.465  1.00 12.15 ? 130 GLY A N    1 
ATOM   771  C CA   . GLY A 1 67 ? 1.942   -7.293  -8.770  1.00 11.44 ? 130 GLY A CA   1 
ATOM   772  C C    . GLY A 1 67 ? 2.305   -7.036  -7.330  1.00 10.51 ? 130 GLY A C    1 
ATOM   773  O O    . GLY A 1 67 ? 3.408   -7.360  -6.886  1.00 12.13 ? 130 GLY A O    1 
ATOM   774  H H    . GLY A 1 67 ? 3.747   -8.046  -9.003  1.00 14.58 ? 130 GLY A H    1 
ATOM   775  H HA2  . GLY A 1 67 ? 1.750   -6.444  -9.200  1.00 13.72 ? 130 GLY A HA2  1 
ATOM   776  H HA3  . GLY A 1 67 ? 1.145   -7.845  -8.798  1.00 13.72 ? 130 GLY A HA3  1 
ATOM   777  N N    . TYR A 1 68 ? 1.375   -6.453  -6.581  1.00 10.87 ? 131 TYR A N    1 
ATOM   778  C CA   . TYR A 1 68 ? 1.660   -6.123  -5.191  1.00 10.26 ? 131 TYR A CA   1 
ATOM   779  C C    . TYR A 1 68 ? 1.541   -7.341  -4.287  1.00 11.12 ? 131 TYR A C    1 
ATOM   780  O O    . TYR A 1 68 ? 0.640   -8.169  -4.465  1.00 12.32 ? 131 TYR A O    1 
ATOM   781  C CB   . TYR A 1 68 ? 0.738   -5.012  -4.693  1.00 11.49 ? 131 TYR A CB   1 
ATOM   782  C CG   . TYR A 1 68 ? 0.927   -3.713  -5.423  1.00 11.88 ? 131 TYR A CG   1 
ATOM   783  C CD1  . TYR A 1 68 ? 1.910   -2.810  -5.034  1.00 14.49 ? 131 TYR A CD1  1 
ATOM   784  C CD2  . TYR A 1 68 ? 0.130   -3.390  -6.514  1.00 13.33 ? 131 TYR A CD2  1 
ATOM   785  C CE1  . TYR A 1 68 ? 2.086   -1.616  -5.710  1.00 16.01 ? 131 TYR A CE1  1 
ATOM   786  C CE2  . TYR A 1 68 ? 0.293   -2.201  -7.188  1.00 16.15 ? 131 TYR A CE2  1 
ATOM   787  C CZ   . TYR A 1 68 ? 1.270   -1.317  -6.786  1.00 18.23 ? 131 TYR A CZ   1 
ATOM   788  O OH   . TYR A 1 68 ? 1.426   -0.132  -7.463  1.00 22.21 ? 131 TYR A OH   1 
ATOM   789  H H    . TYR A 1 68 ? 0.586   -6.240  -6.849  1.00 13.05 ? 131 TYR A H    1 
ATOM   790  H HA   . TYR A 1 68 ? 2.571   -5.799  -5.129  1.00 12.31 ? 131 TYR A HA   1 
ATOM   791  H HB2  . TYR A 1 68 ? -0.183  -5.291  -4.814  1.00 13.79 ? 131 TYR A HB2  1 
ATOM   792  H HB3  . TYR A 1 68 ? 0.915   -4.855  -3.752  1.00 13.79 ? 131 TYR A HB3  1 
ATOM   793  H HD1  . TYR A 1 68 ? 2.456   -3.011  -4.308  1.00 17.38 ? 131 TYR A HD1  1 
ATOM   794  H HD2  . TYR A 1 68 ? -0.533  -3.982  -6.787  1.00 15.99 ? 131 TYR A HD2  1 
ATOM   795  H HE1  . TYR A 1 68 ? 2.742   -1.015  -5.438  1.00 19.21 ? 131 TYR A HE1  1 
ATOM   796  H HE2  . TYR A 1 68 ? -0.251  -1.996  -7.914  1.00 19.38 ? 131 TYR A HE2  1 
ATOM   797  H HH   . TYR A 1 68 ? 2.050   0.314   -7.121  1.00 26.65 ? 131 TYR A HH   1 
ATOM   798  N N    . ILE A 1 69 ? 2.443   -7.429  -3.310  1.00 12.47 ? 132 ILE A N    1 
ATOM   799  C CA   . ILE A 1 69 ? 2.455   -8.537  -2.358  1.00 12.13 ? 132 ILE A CA   1 
ATOM   800  C C    . ILE A 1 69 ? 2.456   -8.019  -0.920  1.00 14.54 ? 132 ILE A C    1 
ATOM   801  O O    . ILE A 1 69 ? 2.955   -6.923  -0.652  1.00 14.69 ? 132 ILE A O    1 
ATOM   802  C CB   . ILE A 1 69 ? 3.679   -9.468  -2.564  1.00 13.78 ? 132 ILE A CB   1 
ATOM   803  C CG1  . ILE A 1 69 ? 5.000   -8.712  -2.360  1.00 16.28 ? 132 ILE A CG1  1 
ATOM   804  C CG2  . ILE A 1 69 ? 3.640   -10.091 -3.952  1.00 15.24 ? 132 ILE A CG2  1 
ATOM   805  C CD1  . ILE A 1 69 ? 6.217   -9.617  -2.249  1.00 23.01 ? 132 ILE A CD1  1 
ATOM   806  H H    . ILE A 1 69 ? 3.066   -6.852  -3.176  1.00 14.97 ? 132 ILE A H    1 
ATOM   807  H HA   . ILE A 1 69 ? 1.652   -9.067  -2.483  1.00 14.55 ? 132 ILE A HA   1 
ATOM   808  H HB   . ILE A 1 69 ? 3.632   -10.182 -1.908  1.00 16.54 ? 132 ILE A HB   1 
ATOM   809  H HG12 . ILE A 1 69 ? 5.140   -8.119  -3.114  1.00 19.54 ? 132 ILE A HG12 1 
ATOM   810  H HG13 . ILE A 1 69 ? 4.940   -8.195  -1.542  1.00 19.54 ? 132 ILE A HG13 1 
ATOM   811  H HG21 . ILE A 1 69 ? 4.411   -10.668 -4.060  1.00 18.28 ? 132 ILE A HG21 1 
ATOM   812  H HG22 . ILE A 1 69 ? 2.824   -10.608 -4.042  1.00 18.28 ? 132 ILE A HG22 1 
ATOM   813  H HG23 . ILE A 1 69 ? 3.658   -9.383  -4.615  1.00 18.28 ? 132 ILE A HG23 1 
ATOM   814  H HD11 . ILE A 1 69 ? 7.007   -9.069  -2.123  1.00 27.61 ? 132 ILE A HD11 1 
ATOM   815  H HD12 . ILE A 1 69 ? 6.100   -10.211 -1.491  1.00 27.61 ? 132 ILE A HD12 1 
ATOM   816  H HD13 . ILE A 1 69 ? 6.299   -10.135 -3.065  1.00 27.61 ? 132 ILE A HD13 1 
ATOM   817  N N    . PRO A 1 70 ? 1.894   -8.806  0.005   1.00 13.75 ? 133 PRO A N    1 
ATOM   818  C CA   . PRO A 1 70 ? 1.945   -8.448  1.427   1.00 16.27 ? 133 PRO A CA   1 
ATOM   819  C C    . PRO A 1 70 ? 3.276   -8.870  2.025   1.00 17.30 ? 133 PRO A C    1 
ATOM   820  O O    . PRO A 1 70 ? 3.624   -10.054 1.971   1.00 18.33 ? 133 PRO A O    1 
ATOM   821  C CB   . PRO A 1 70 ? 0.786   -9.246  2.031   1.00 18.00 ? 133 PRO A CB   1 
ATOM   822  C CG   . PRO A 1 70 ? 0.652   -10.441 1.141   1.00 16.37 ? 133 PRO A CG   1 
ATOM   823  C CD   . PRO A 1 70 ? 1.085   -10.015 -0.235  1.00 14.37 ? 133 PRO A CD   1 
ATOM   824  H HA   . PRO A 1 70 ? 1.803   -7.497  1.557   1.00 19.52 ? 133 PRO A HA   1 
ATOM   825  H HB2  . PRO A 1 70 ? 1.008   -9.514  2.937   1.00 21.61 ? 133 PRO A HB2  1 
ATOM   826  H HB3  . PRO A 1 70 ? -0.024  -8.712  2.017   1.00 21.61 ? 133 PRO A HB3  1 
ATOM   827  H HG2  . PRO A 1 70 ? 1.223   -11.153 1.469   1.00 19.64 ? 133 PRO A HG2  1 
ATOM   828  H HG3  . PRO A 1 70 ? -0.275  -10.729 1.129   1.00 19.64 ? 133 PRO A HG3  1 
ATOM   829  H HD2  . PRO A 1 70 ? 1.627   -10.707 -0.646  1.00 17.25 ? 133 PRO A HD2  1 
ATOM   830  H HD3  . PRO A 1 70 ? 0.312   -9.800  -0.780  1.00 17.25 ? 133 PRO A HD3  1 
ATOM   831  N N    . SER A 1 71 ? 4.011   -7.917  2.588   1.00 19.06 ? 134 SER A N    1 
ATOM   832  C CA   . SER A 1 71 ? 5.389   -8.176  2.996   1.00 21.60 ? 134 SER A CA   1 
ATOM   833  C C    . SER A 1 71 ? 5.522   -9.230  4.097   1.00 23.01 ? 134 SER A C    1 
ATOM   834  O O    . SER A 1 71 ? 6.548   -9.903  4.177   1.00 26.56 ? 134 SER A O    1 
ATOM   835  C CB   . SER A 1 71 ? 6.076   -6.879  3.420   1.00 32.43 ? 134 SER A CB   1 
ATOM   836  O OG   . SER A 1 71 ? 5.426   -6.295  4.530   1.00 37.00 ? 134 SER A OG   1 
ATOM   837  H H    . SER A 1 71 ? 3.738   -7.117  2.745   1.00 22.87 ? 134 SER A H    1 
ATOM   838  H HA   . SER A 1 71 ? 5.870   -8.512  2.223   1.00 25.92 ? 134 SER A HA   1 
ATOM   839  H HB2  . SER A 1 71 ? 6.995   -7.074  3.661   1.00 38.91 ? 134 SER A HB2  1 
ATOM   840  H HB3  . SER A 1 71 ? 6.055   -6.255  2.679   1.00 38.91 ? 134 SER A HB3  1 
ATOM   841  H HG   . SER A 1 71 ? 5.437   -6.824  5.182   1.00 44.40 ? 134 SER A HG   1 
ATOM   842  N N    . ASN A 1 72 ? 4.501   -9.390  4.937   1.00 23.91 ? 135 ASN A N    1 
ATOM   843  C CA   . ASN A 1 72 ? 4.573   -10.396 6.001   1.00 26.25 ? 135 ASN A CA   1 
ATOM   844  C C    . ASN A 1 72 ? 4.477   -11.829 5.479   1.00 26.28 ? 135 ASN A C    1 
ATOM   845  O O    . ASN A 1 72 ? 4.678   -12.785 6.236   1.00 31.07 ? 135 ASN A O    1 
ATOM   846  C CB   . ASN A 1 72 ? 3.498   -10.163 7.071   1.00 29.29 ? 135 ASN A CB   1 
ATOM   847  C CG   . ASN A 1 72 ? 3.818   -8.987  7.979   1.00 33.22 ? 135 ASN A CG   1 
ATOM   848  O OD1  . ASN A 1 72 ? 4.946   -8.496  8.003   1.00 35.08 ? 135 ASN A OD1  1 
ATOM   849  N ND2  . ASN A 1 72 ? 2.824   -8.540  8.745   1.00 33.51 ? 135 ASN A ND2  1 
ATOM   850  H H    . ASN A 1 72 ? 3.768   -8.940  4.915   1.00 28.70 ? 135 ASN A H    1 
ATOM   851  H HA   . ASN A 1 72 ? 5.435   -10.309 6.438   1.00 31.50 ? 135 ASN A HA   1 
ATOM   852  H HB2  . ASN A 1 72 ? 2.651   -9.983  6.635   1.00 35.15 ? 135 ASN A HB2  1 
ATOM   853  H HB3  . ASN A 1 72 ? 3.425   -10.956 7.624   1.00 35.15 ? 135 ASN A HB3  1 
ATOM   854  H HD21 . ASN A 1 72 ? 2.051   -8.916  8.709   1.00 40.21 ? 135 ASN A HD21 1 
ATOM   855  H HD22 . ASN A 1 72 ? 2.955   -7.877  9.276   1.00 40.21 ? 135 ASN A HD22 1 
ATOM   856  N N    . TYR A 1 73 ? 4.185   -11.983 4.190   1.00 21.59 ? 136 TYR A N    1 
ATOM   857  C CA   . TYR A 1 73 ? 4.088   -13.310 3.584   1.00 21.14 ? 136 TYR A CA   1 
ATOM   858  C C    . TYR A 1 73 ? 5.417   -13.800 3.015   1.00 22.68 ? 136 TYR A C    1 
ATOM   859  O O    . TYR A 1 73 ? 5.486   -14.917 2.511   1.00 23.46 ? 136 TYR A O    1 
ATOM   860  C CB   . TYR A 1 73 ? 3.056   -13.320 2.456   1.00 20.20 ? 136 TYR A CB   1 
ATOM   861  C CG   . TYR A 1 73 ? 1.617   -13.477 2.894   1.00 20.75 ? 136 TYR A CG   1 
ATOM   862  C CD1  . TYR A 1 73 ? 1.041   -12.596 3.799   1.00 24.36 ? 136 TYR A CD1  1 
ATOM   863  C CD2  . TYR A 1 73 ? 0.824   -14.489 2.371   1.00 22.66 ? 136 TYR A CD2  1 
ATOM   864  C CE1  . TYR A 1 73 ? -0.280  -12.733 4.181   1.00 27.09 ? 136 TYR A CE1  1 
ATOM   865  C CE2  . TYR A 1 73 ? -0.493  -14.633 2.745   1.00 25.81 ? 136 TYR A CE2  1 
ATOM   866  C CZ   . TYR A 1 73 ? -1.044  -13.750 3.649   1.00 26.31 ? 136 TYR A CZ   1 
ATOM   867  O OH   . TYR A 1 73 ? -2.360  -13.890 4.029   1.00 32.82 ? 136 TYR A OH   1 
ATOM   868  H H    . TYR A 1 73 ? 4.038   -11.336 3.644   1.00 25.90 ? 136 TYR A H    1 
ATOM   869  H HA   . TYR A 1 73 ? 3.801   -13.944 4.259   1.00 25.36 ? 136 TYR A HA   1 
ATOM   870  H HB2  . TYR A 1 73 ? 3.123   -12.482 1.973   1.00 24.24 ? 136 TYR A HB2  1 
ATOM   871  H HB3  . TYR A 1 73 ? 3.260   -14.056 1.860   1.00 24.24 ? 136 TYR A HB3  1 
ATOM   872  H HD1  . TYR A 1 73 ? 1.552   -11.907 4.158   1.00 29.23 ? 136 TYR A HD1  1 
ATOM   873  H HD2  . TYR A 1 73 ? 1.191   -15.084 1.758   1.00 27.19 ? 136 TYR A HD2  1 
ATOM   874  H HE1  . TYR A 1 73 ? -0.653  -12.139 4.792   1.00 32.51 ? 136 TYR A HE1  1 
ATOM   875  H HE2  . TYR A 1 73 ? -1.009  -15.320 2.388   1.00 30.97 ? 136 TYR A HE2  1 
ATOM   876  H HH   . TYR A 1 73 ? -2.706  -14.543 3.632   1.00 39.38 ? 136 TYR A HH   1 
ATOM   877  N N    . VAL A 1 74 ? 6.461   -12.973 3.076   1.00 21.99 ? 137 VAL A N    1 
ATOM   878  C CA   . VAL A 1 74 ? 7.743   -13.332 2.467   1.00 22.43 ? 137 VAL A CA   1 
ATOM   879  C C    . VAL A 1 74 ? 8.925   -13.139 3.411   1.00 26.48 ? 137 VAL A C    1 
ATOM   880  O O    . VAL A 1 74 ? 8.821   -12.460 4.440   1.00 30.33 ? 137 VAL A O    1 
ATOM   881  C CB   . VAL A 1 74 ? 8.003   -12.533 1.162   1.00 24.21 ? 137 VAL A CB   1 
ATOM   882  C CG1  . VAL A 1 74 ? 6.831   -12.690 0.199   1.00 25.05 ? 137 VAL A CG1  1 
ATOM   883  C CG2  . VAL A 1 74 ? 8.256   -11.057 1.453   1.00 26.54 ? 137 VAL A CG2  1 
ATOM   884  H H    . VAL A 1 74 ? 6.454   -12.204 3.461   1.00 26.39 ? 137 VAL A H    1 
ATOM   885  H HA   . VAL A 1 74 ? 7.714   -14.272 2.230   1.00 26.91 ? 137 VAL A HA   1 
ATOM   886  H HB   . VAL A 1 74 ? 8.792   -12.890 0.728   1.00 29.05 ? 137 VAL A HB   1 
ATOM   887  H HG11 . VAL A 1 74 ? 7.015   -12.184 -0.607  1.00 30.06 ? 137 VAL A HG11 1 
ATOM   888  H HG12 . VAL A 1 74 ? 6.725   -13.631 -0.017  1.00 30.06 ? 137 VAL A HG12 1 
ATOM   889  H HG13 . VAL A 1 74 ? 6.026   -12.355 0.625   1.00 30.06 ? 137 VAL A HG13 1 
ATOM   890  H HG21 . VAL A 1 74 ? 8.413   -10.594 0.616   1.00 31.85 ? 137 VAL A HG21 1 
ATOM   891  H HG22 . VAL A 1 74 ? 7.478   -10.686 1.897   1.00 31.85 ? 137 VAL A HG22 1 
ATOM   892  H HG23 . VAL A 1 74 ? 9.035   -10.978 2.027   1.00 31.85 ? 137 VAL A HG23 1 
ATOM   893  N N    . ALA A 1 75 ? 10.046  -13.752 3.044   1.00 27.46 ? 138 ALA A N    1 
ATOM   894  C CA   . ALA A 1 75 ? 11.272  -13.666 3.822   1.00 31.15 ? 138 ALA A CA   1 
ATOM   895  C C    . ALA A 1 75 ? 12.454  -13.546 2.871   1.00 31.02 ? 138 ALA A C    1 
ATOM   896  O O    . ALA A 1 75 ? 12.386  -14.022 1.736   1.00 30.94 ? 138 ALA A O    1 
ATOM   897  C CB   . ALA A 1 75 ? 11.424  -14.896 4.694   1.00 33.69 ? 138 ALA A CB   1 
ATOM   898  H H    . ALA A 1 75 ? 10.120  -14.231 2.334   1.00 32.95 ? 138 ALA A H    1 
ATOM   899  H HA   . ALA A 1 75 ? 11.246  -12.880 4.389   1.00 37.38 ? 138 ALA A HA   1 
ATOM   900  H HB1  . ALA A 1 75 ? 10.665  -14.951 5.296   1.00 40.43 ? 138 ALA A HB1  1 
ATOM   901  H HB2  . ALA A 1 75 ? 11.457  -15.683 4.129   1.00 40.43 ? 138 ALA A HB2  1 
ATOM   902  H HB3  . ALA A 1 75 ? 12.245  -14.820 5.204   1.00 40.43 ? 138 ALA A HB3  1 
ATOM   903  N N    . PRO A 1 76 ? 13.540  -12.896 3.320   1.00 35.15 ? 139 PRO A N    1 
ATOM   904  C CA   . PRO A 1 76 ? 14.734  -12.815 2.469   1.00 37.58 ? 139 PRO A CA   1 
ATOM   905  C C    . PRO A 1 76 ? 15.259  -14.189 2.066   1.00 40.96 ? 139 PRO A C    1 
ATOM   906  O O    . PRO A 1 76 ? 15.134  -15.140 2.845   1.00 41.82 ? 139 PRO A O    1 
ATOM   907  C CB   . PRO A 1 76 ? 15.753  -12.096 3.362   1.00 41.39 ? 139 PRO A CB   1 
ATOM   908  C CG   . PRO A 1 76 ? 14.942  -11.346 4.353   1.00 41.89 ? 139 PRO A CG   1 
ATOM   909  C CD   . PRO A 1 76 ? 13.716  -12.171 4.591   1.00 36.83 ? 139 PRO A CD   1 
ATOM   910  H HA   . PRO A 1 76 ? 14.558  -12.283 1.678   1.00 45.10 ? 139 PRO A HA   1 
ATOM   911  H HB2  . PRO A 1 76 ? 16.318  -12.748 3.805   1.00 49.67 ? 139 PRO A HB2  1 
ATOM   912  H HB3  . PRO A 1 76 ? 16.286  -11.488 2.826   1.00 49.67 ? 139 PRO A HB3  1 
ATOM   913  H HG2  . PRO A 1 76 ? 15.448  -11.242 5.174   1.00 50.26 ? 139 PRO A HG2  1 
ATOM   914  H HG3  . PRO A 1 76 ? 14.703  -10.480 3.987   1.00 50.26 ? 139 PRO A HG3  1 
ATOM   915  H HD2  . PRO A 1 76 ? 13.867  -12.796 5.318   1.00 44.20 ? 139 PRO A HD2  1 
ATOM   916  H HD3  . PRO A 1 76 ? 12.952  -11.600 4.765   1.00 44.20 ? 139 PRO A HD3  1 
ATOM   917  N N    . SER A 1 77 ? 15.796  -14.285 0.850   1.00 38.16 ? 140 SER A N    1 
ATOM   918  C CA   . SER A 1 77 ? 16.388  -15.517 0.344   1.00 44.18 ? 140 SER A CA   1 
ATOM   919  C C    . SER A 1 77 ? 17.388  -16.087 1.352   1.00 57.30 ? 140 SER A C    1 
ATOM   920  O O    . SER A 1 77 ? 18.038  -17.102 1.095   1.00 63.88 ? 140 SER A O    1 
ATOM   921  C CB   . SER A 1 77 ? 17.088  -15.251 -0.988  1.00 49.26 ? 140 SER A CB   1 
ATOM   922  O OG   . SER A 1 77 ? 17.786  -14.019 -0.966  1.00 53.67 ? 140 SER A OG   1 
ATOM   923  H H    . SER A 1 77 ? 15.830  -13.633 0.290   1.00 45.80 ? 140 SER A H    1 
ATOM   924  H HA   . SER A 1 77 ? 15.690  -16.175 0.199   1.00 53.02 ? 140 SER A HA   1 
ATOM   925  H HB2  . SER A 1 77 ? 17.720  -15.967 -1.159  1.00 59.12 ? 140 SER A HB2  1 
ATOM   926  H HB3  . SER A 1 77 ? 16.422  -15.223 -1.692  1.00 59.12 ? 140 SER A HB3  1 
ATOM   927  H HG   . SER A 1 77 ? 18.164  -13.890 -1.706  1.00 64.40 ? 140 SER A HG   1 
HETATM 928  C C1   . PGE B 2 .  ? -3.184  -1.328  -5.449  0.50 18.55 ? 201 PGE A C1   1 
HETATM 929  O O1   . PGE B 2 .  ? -3.163  -0.665  -6.703  0.50 32.88 ? 201 PGE A O1   1 
HETATM 930  C C2   . PGE B 2 .  ? -2.024  -0.884  -4.587  0.50 23.82 ? 201 PGE A C2   1 
HETATM 931  O O2   . PGE B 2 .  ? -1.661  -1.969  -3.751  0.50 23.44 ? 201 PGE A O2   1 
HETATM 932  C C3   . PGE B 2 .  ? -2.668  -2.349  -2.834  0.50 12.39 ? 201 PGE A C3   1 
HETATM 933  C C4   . PGE B 2 .  ? -2.243  -3.532  -1.993  0.50 16.69 ? 201 PGE A C4   1 
HETATM 934  O O4   . PGE B 2 .  ? -5.564  -6.931  -1.737  0.50 20.31 ? 201 PGE A O4   1 
HETATM 935  C C6   . PGE B 2 .  ? -5.073  -5.730  -1.148  0.50 32.02 ? 201 PGE A C6   1 
HETATM 936  C C5   . PGE B 2 .  ? -4.068  -5.078  -2.076  0.50 22.51 ? 201 PGE A C5   1 
HETATM 937  O O3   . PGE B 2 .  ? -3.402  -4.049  -1.363  0.50 27.07 ? 201 PGE A O3   1 
HETATM 938  C C1   . PEG C 3 .  ? 2.496   12.598  -8.620  1.00 56.40 ? 202 PEG A C1   1 
HETATM 939  O O1   . PEG C 3 .  ? 3.503   13.324  -9.159  1.00 66.70 ? 202 PEG A O1   1 
HETATM 940  C C2   . PEG C 3 .  ? 2.825   12.249  -7.205  1.00 52.53 ? 202 PEG A C2   1 
HETATM 941  O O2   . PEG C 3 .  ? 4.129   11.698  -7.116  1.00 50.90 ? 202 PEG A O2   1 
HETATM 942  C C3   . PEG C 3 .  ? 4.537   11.450  -5.751  1.00 48.19 ? 202 PEG A C3   1 
HETATM 943  C C4   . PEG C 3 .  ? 5.980   11.007  -5.679  1.00 55.52 ? 202 PEG A C4   1 
HETATM 944  O O4   . PEG C 3 .  ? 6.667   11.851  -4.787  1.00 52.86 ? 202 PEG A O4   1 
HETATM 945  H H11  . PEG C 3 .  ? 2.362   11.771  -9.144  1.00 67.68 ? 202 PEG A H11  1 
HETATM 946  H H12  . PEG C 3 .  ? 1.647   13.151  -8.638  1.00 67.68 ? 202 PEG A H12  1 
HETATM 947  H HO1  . PEG C 3 .  ? 3.323   13.492  -9.979  1.00 80.04 ? 202 PEG A HO1  1 
HETATM 948  H H21  . PEG C 3 .  ? 2.151   11.576  -6.853  1.00 63.04 ? 202 PEG A H21  1 
HETATM 949  H H22  . PEG C 3 .  ? 2.782   13.088  -6.630  1.00 63.04 ? 202 PEG A H22  1 
HETATM 950  H H31  . PEG C 3 .  ? 3.965   10.740  -5.369  1.00 57.83 ? 202 PEG A H31  1 
HETATM 951  H H32  . PEG C 3 .  ? 4.421   12.295  -5.200  1.00 57.83 ? 202 PEG A H32  1 
HETATM 952  H H41  . PEG C 3 .  ? 6.027   10.064  -5.354  1.00 66.63 ? 202 PEG A H41  1 
HETATM 953  H H42  . PEG C 3 .  ? 6.393   11.072  -6.579  1.00 66.63 ? 202 PEG A H42  1 
HETATM 954  H HO4  . PEG C 3 .  ? 7.532   11.578  -4.717  1.00 63.44 ? 202 PEG A HO4  1 
HETATM 955  C C1   . PEG D 3 .  ? -3.519  21.780  0.994   1.00 51.69 ? 203 PEG A C1   1 
HETATM 956  O O1   . PEG D 3 .  ? -4.868  21.830  1.084   1.00 62.89 ? 203 PEG A O1   1 
HETATM 957  C C2   . PEG D 3 .  ? -2.903  21.558  2.339   1.00 51.07 ? 203 PEG A C2   1 
HETATM 958  O O2   . PEG D 3 .  ? -1.892  20.566  2.239   1.00 48.17 ? 203 PEG A O2   1 
HETATM 959  C C3   . PEG D 3 .  ? -0.539  21.052  2.082   1.00 57.15 ? 203 PEG A C3   1 
HETATM 960  C C4   . PEG D 3 .  ? 0.441   19.918  2.282   1.00 52.76 ? 203 PEG A C4   1 
HETATM 961  O O4   . PEG D 3 .  ? 1.748   20.376  2.050   1.00 51.43 ? 203 PEG A O4   1 
HETATM 962  H H11  . PEG D 3 .  ? -3.180  22.626  0.613   1.00 62.03 ? 203 PEG A H11  1 
HETATM 963  H H12  . PEG D 3 .  ? -3.262  21.012  0.385   1.00 62.03 ? 203 PEG A H12  1 
HETATM 964  H HO1  . PEG D 3 .  ? -5.203  21.836  0.298   1.00 75.47 ? 203 PEG A HO1  1 
HETATM 965  H H21  . PEG D 3 .  ? -2.487  22.429  2.653   1.00 61.29 ? 203 PEG A H21  1 
HETATM 966  H H22  . PEG D 3 .  ? -3.610  21.258  3.007   1.00 61.29 ? 203 PEG A H22  1 
HETATM 967  H H31  . PEG D 3 .  ? -0.360  21.756  2.753   1.00 68.58 ? 203 PEG A H31  1 
HETATM 968  H H32  . PEG D 3 .  ? -0.418  21.443  1.153   1.00 68.58 ? 203 PEG A H32  1 
HETATM 969  H H41  . PEG D 3 .  ? 0.371   19.578  3.219   1.00 63.31 ? 203 PEG A H41  1 
HETATM 970  H H42  . PEG D 3 .  ? 0.232   19.184  1.648   1.00 63.31 ? 203 PEG A H42  1 
HETATM 971  H HO4  . PEG D 3 .  ? 2.339   19.707  2.223   1.00 61.72 ? 203 PEG A HO4  1 
HETATM 972  S S    . SO4 E 4 .  ? -10.468 -4.447  -8.215  0.43 19.32 ? 204 SO4 A S    1 
HETATM 973  O O1   . SO4 E 4 .  ? -9.133  -4.174  -8.753  0.43 22.12 ? 204 SO4 A O1   1 
HETATM 974  O O2   . SO4 E 4 .  ? -10.789 -5.851  -8.462  0.43 22.62 ? 204 SO4 A O2   1 
HETATM 975  O O3   . SO4 E 4 .  ? -10.488 -4.191  -6.774  0.43 14.49 ? 204 SO4 A O3   1 
HETATM 976  O O4   . SO4 E 4 .  ? -11.449 -3.602  -8.891  0.43 30.55 ? 204 SO4 A O4   1 
HETATM 977  C C1   . GOL F 5 .  ? -9.315  12.677  -6.621  1.00 46.08 ? 205 GOL A C1   1 
HETATM 978  O O1   . GOL F 5 .  ? -8.920  14.029  -6.537  1.00 54.80 ? 205 GOL A O1   1 
HETATM 979  C C2   . GOL F 5 .  ? -9.481  12.108  -5.217  1.00 46.28 ? 205 GOL A C2   1 
HETATM 980  O O2   . GOL F 5 .  ? -8.568  12.726  -4.339  1.00 61.23 ? 205 GOL A O2   1 
HETATM 981  C C3   . GOL F 5 .  ? -10.909 12.329  -4.732  1.00 48.18 ? 205 GOL A C3   1 
HETATM 982  O O3   . GOL F 5 .  ? -10.950 12.246  -3.323  1.00 52.13 ? 205 GOL A O3   1 
HETATM 983  H H11  . GOL F 5 .  ? -10.258 12.602  -7.164  1.00 55.30 ? 205 GOL A H11  1 
HETATM 984  H H12  . GOL F 5 .  ? -8.562  12.106  -7.164  1.00 55.30 ? 205 GOL A H12  1 
HETATM 985  H HO1  . GOL F 5 .  ? -8.750  14.376  -7.438  1.00 65.76 ? 205 GOL A HO1  1 
HETATM 986  H H2   . GOL F 5 .  ? -9.289  11.035  -5.252  1.00 55.53 ? 205 GOL A H2   1 
HETATM 987  H HO2  . GOL F 5 .  ? -8.757  13.687  -4.294  1.00 73.47 ? 205 GOL A HO2  1 
HETATM 988  H H31  . GOL F 5 .  ? -11.259 13.310  -5.053  1.00 57.82 ? 205 GOL A H31  1 
HETATM 989  H H32  . GOL F 5 .  ? -11.566 11.575  -5.165  1.00 57.82 ? 205 GOL A H32  1 
HETATM 990  H HO3  . GOL F 5 .  ? -11.807 11.861  -3.043  1.00 62.56 ? 205 GOL A HO3  1 
HETATM 991  O O    . HOH G 6 .  ? -5.250  -1.086  -2.564  1.00 24.06 ? 301 HOH A O    1 
HETATM 992  O O    . HOH G 6 .  ? 4.496   -9.812  -15.316 1.00 14.95 ? 302 HOH A O    1 
HETATM 993  O O    . HOH G 6 .  ? 3.299   -15.625 -9.073  1.00 19.49 ? 303 HOH A O    1 
HETATM 994  O O    . HOH G 6 .  ? 2.670   -17.258 -15.183 1.00 22.42 ? 304 HOH A O    1 
HETATM 995  O O    . HOH G 6 .  ? 0.004   -16.900 -9.851  1.00 31.85 ? 305 HOH A O    1 
HETATM 996  O O    . HOH G 6 .  ? -1.987  13.799  -7.779  1.00 43.59 ? 306 HOH A O    1 
HETATM 997  O O    . HOH G 6 .  ? -11.228 12.573  -0.168  1.00 28.37 ? 307 HOH A O    1 
HETATM 998  O O    . HOH G 6 .  ? -2.284  16.757  -6.285  1.00 37.60 ? 308 HOH A O    1 
HETATM 999  O O    . HOH G 6 .  ? -9.246  -2.190  -10.749 1.00 22.89 ? 309 HOH A O    1 
HETATM 1000 O O    . HOH G 6 .  ? -7.005  19.551  -1.130  1.00 34.65 ? 310 HOH A O    1 
HETATM 1001 O O    . HOH G 6 .  ? -4.340  -12.462 5.073   1.00 39.32 ? 311 HOH A O    1 
HETATM 1002 O O    . HOH G 6 .  ? -11.706 6.203   -8.198  1.00 43.10 ? 312 HOH A O    1 
HETATM 1003 O O    . HOH G 6 .  ? -10.661 -8.042  -9.027  1.00 47.01 ? 313 HOH A O    1 
HETATM 1004 O O    . HOH G 6 .  ? -3.706  19.442  6.690   1.00 52.26 ? 314 HOH A O    1 
HETATM 1005 O O    . HOH G 6 .  ? -5.187  -2.752  14.132  1.00 40.88 ? 315 HOH A O    1 
HETATM 1006 O O    . HOH G 6 .  ? -11.433 -2.809  -12.555 1.00 50.82 ? 316 HOH A O    1 
HETATM 1007 O O    . HOH G 6 .  ? -6.573  19.087  -3.643  1.00 36.97 ? 317 HOH A O    1 
HETATM 1008 O O    . HOH G 6 .  ? -1.021  -13.023 -10.147 1.00 22.82 ? 318 HOH A O    1 
HETATM 1009 O O    . HOH G 6 .  ? -11.368 2.005   -3.169  1.00 24.75 ? 319 HOH A O    1 
HETATM 1010 O O    . HOH G 6 .  ? -0.277  -6.526  -11.709 1.00 23.74 ? 320 HOH A O    1 
HETATM 1011 O O    . HOH G 6 .  ? -12.899 5.416   -3.493  1.00 46.06 ? 321 HOH A O    1 
HETATM 1012 O O    . HOH G 6 .  ? -0.636  -10.114 -11.198 1.00 38.94 ? 322 HOH A O    1 
HETATM 1013 O O    . HOH G 6 .  ? -7.783  19.029  4.257   1.00 52.31 ? 323 HOH A O    1 
HETATM 1014 O O    . HOH G 6 .  ? -12.916 1.606   -0.500  1.00 40.93 ? 324 HOH A O    1 
HETATM 1015 O O    . HOH G 6 .  ? -4.846  7.221   -9.456  1.00 51.89 ? 325 HOH A O    1 
HETATM 1016 O O    . HOH G 6 .  ? -11.135 15.503  1.645   1.00 44.20 ? 326 HOH A O    1 
HETATM 1017 O O    . HOH G 6 .  ? -4.507  9.856   -8.845  1.00 28.41 ? 327 HOH A O    1 
HETATM 1018 O O    . HOH G 6 .  ? -5.488  -3.275  -4.813  0.50 26.29 ? 328 HOH A O    1 
HETATM 1019 O O    . HOH G 6 .  ? -0.158  -1.631  6.083   1.00 30.71 ? 329 HOH A O    1 
HETATM 1020 O O    . HOH G 6 .  ? -12.107 2.012   -7.911  1.00 40.72 ? 330 HOH A O    1 
# 
loop_
_atom_site_anisotrop.id 
_atom_site_anisotrop.type_symbol 
_atom_site_anisotrop.pdbx_label_atom_id 
_atom_site_anisotrop.pdbx_label_alt_id 
_atom_site_anisotrop.pdbx_label_comp_id 
_atom_site_anisotrop.pdbx_label_asym_id 
_atom_site_anisotrop.pdbx_label_seq_id 
_atom_site_anisotrop.pdbx_PDB_ins_code 
_atom_site_anisotrop.U[1][1] 
_atom_site_anisotrop.U[2][2] 
_atom_site_anisotrop.U[3][3] 
_atom_site_anisotrop.U[1][2] 
_atom_site_anisotrop.U[1][3] 
_atom_site_anisotrop.U[2][3] 
_atom_site_anisotrop.pdbx_auth_seq_id 
_atom_site_anisotrop.pdbx_auth_comp_id 
_atom_site_anisotrop.pdbx_auth_asym_id 
_atom_site_anisotrop.pdbx_auth_atom_id 
1   N N   . MET A 21 ? 0.4849 0.8613 0.6779 -0.0890 -0.1602 0.0808  84  MET A N   
2   C CA  . MET A 21 ? 0.7154 1.0019 0.5634 0.1334  -0.1951 0.0956  84  MET A CA  
3   C C   . MET A 21 ? 0.4065 0.7711 0.7283 -0.1445 -0.1727 -0.0325 84  MET A C   
4   O O   . MET A 21 ? 0.4079 1.0080 0.5648 -0.0284 -0.0013 0.0736  84  MET A O   
5   C CB  . MET A 21 ? 0.8296 0.9113 0.6269 0.0635  -0.1296 0.0987  84  MET A CB  
6   C CG  . MET A 21 ? 0.8720 0.9451 0.8259 0.0332  -0.0566 0.0435  84  MET A CG  
7   S SD  . MET A 21 ? 1.0380 1.1250 0.9608 0.1793  -0.0481 -0.0154 84  MET A SD  
8   C CE  . MET A 21 ? 0.8183 1.0501 1.0026 0.0003  0.1008  0.0284  84  MET A CE  
9   N N   . THR A 22 ? 0.3829 0.7731 0.6307 -0.0879 -0.0531 0.0854  85  THR A N   
10  C CA  . THR A 22 ? 0.3682 0.7110 0.4846 -0.1806 -0.0706 -0.0367 85  THR A CA  
11  C C   . THR A 22 ? 0.3127 0.6084 0.4628 -0.2022 0.0161  -0.0504 85  THR A C   
12  O O   . THR A 22 ? 0.3159 0.6936 0.4280 -0.2132 -0.0142 -0.1115 85  THR A O   
13  C CB  . THR A 22 ? 0.4908 0.7407 0.5107 -0.2963 0.0782  -0.1271 85  THR A CB  
14  O OG1 . THR A 22 ? 0.5100 0.8709 0.5123 -0.2957 0.1054  -0.1334 85  THR A OG1 
15  C CG2 . THR A 22 ? 0.5833 0.7589 0.5124 -0.2780 0.1507  -0.1839 85  THR A CG2 
23  N N   . PHE A 23 ? 0.2741 0.5169 0.4098 -0.1071 -0.0066 -0.0697 86  PHE A N   
24  C CA  . PHE A 23 ? 0.3030 0.3196 0.4376 -0.1164 -0.0038 -0.1189 86  PHE A CA  
25  C C   . PHE A 23 ? 0.2078 0.3384 0.4409 -0.1023 0.0731  -0.1234 86  PHE A C   
26  O O   . PHE A 23 ? 0.2082 0.3489 0.4213 -0.0706 0.0769  -0.1008 86  PHE A O   
27  C CB  . PHE A 23 ? 0.2477 0.2961 0.4585 -0.1271 0.0259  -0.0741 86  PHE A CB  
28  C CG  . PHE A 23 ? 0.2776 0.4122 0.5223 -0.0368 -0.0309 -0.0990 86  PHE A CG  
29  C CD1 . PHE A 23 ? 0.2980 0.4252 0.5368 0.0156  -0.1076 -0.1144 86  PHE A CD1 
30  C CD2 . PHE A 23 ? 0.2822 0.3355 0.5847 -0.0587 -0.0271 -0.0702 86  PHE A CD2 
31  C CE1 . PHE A 23 ? 0.2487 0.4345 0.6440 -0.0375 -0.0796 -0.1740 86  PHE A CE1 
32  C CE2 . PHE A 23 ? 0.3559 0.4003 0.6165 -0.0155 -0.0768 -0.1359 86  PHE A CE2 
33  C CZ  . PHE A 23 ? 0.3151 0.4354 0.5965 0.0120  -0.1354 -0.1576 86  PHE A CZ  
43  N N   . VAL A 24 ? 0.2099 0.3044 0.4482 -0.1016 0.0974  -0.1327 87  VAL A N   
44  C CA  . VAL A 24 ? 0.3155 0.2351 0.4698 -0.0821 0.0739  -0.1407 87  VAL A CA  
45  C C   . VAL A 24 ? 0.2102 0.2401 0.4202 -0.0906 0.0986  -0.1168 87  VAL A C   
46  O O   . VAL A 24 ? 0.2184 0.2996 0.4695 -0.0848 0.1280  -0.1203 87  VAL A O   
47  C CB  . VAL A 24 ? 0.4640 0.3202 0.4675 -0.0137 0.0610  -0.1308 87  VAL A CB  
48  C CG1 . VAL A 24 ? 0.3075 0.2627 0.5700 -0.0962 0.1181  -0.1610 87  VAL A CG1 
49  C CG2 . VAL A 24 ? 0.4686 0.5200 0.7146 -0.0753 0.2116  -0.1701 87  VAL A CG2 
59  N N   . ALA A 25 ? 0.1982 0.2092 0.3619 -0.0766 0.0895  -0.1215 88  ALA A N   
60  C CA  . ALA A 25 ? 0.2428 0.1830 0.3658 -0.0527 0.1396  -0.0640 88  ALA A CA  
61  C C   . ALA A 25 ? 0.2402 0.1808 0.4432 -0.0549 0.1689  -0.0820 88  ALA A C   
62  O O   . ALA A 25 ? 0.2708 0.1856 0.4553 -0.0544 0.1814  -0.1013 88  ALA A O   
63  C CB  . ALA A 25 ? 0.2627 0.1890 0.3658 -0.0522 0.1438  -0.0634 88  ALA A CB  
69  N N   . LEU A 26 ? 0.2362 0.2190 0.4278 -0.0576 0.1663  -0.0765 89  LEU A N   
70  C CA  . LEU A 26 ? 0.2405 0.2270 0.4128 -0.0491 0.1702  -0.0532 89  LEU A CA  
71  C C   . LEU A 26 ? 0.3495 0.1833 0.3848 -0.0049 0.2126  -0.0134 89  LEU A C   
72  O O   . LEU A 26 ? 0.2849 0.1928 0.4274 -0.0397 0.1983  -0.0618 89  LEU A O   
73  C CB  . LEU A 26 ? 0.2594 0.2848 0.4563 -0.0544 0.1818  -0.0299 89  LEU A CB  
74  C CG  . LEU A 26 ? 0.2876 0.2937 0.5252 -0.0834 0.1801  -0.0174 89  LEU A CG  
75  C CD1 . LEU A 26 ? 0.2932 0.4481 0.5554 -0.0398 0.2142  -0.0474 89  LEU A CD1 
76  C CD2 . LEU A 26 ? 0.3331 0.2657 0.6046 -0.0706 0.0929  -0.0404 89  LEU A CD2 
88  N N   . TYR A 27 ? 0.2877 0.1574 0.4457 -0.0358 0.2011  -0.0499 90  TYR A N   
89  C CA  . TYR A 27 ? 0.3141 0.1691 0.4259 -0.0360 0.2078  -0.0333 90  TYR A CA  
90  C C   . TYR A 27 ? 0.2352 0.1783 0.3740 -0.0513 0.1571  -0.0372 90  TYR A C   
91  O O   . TYR A 27 ? 0.2962 0.1860 0.3980 -0.0570 0.1546  -0.0324 90  TYR A O   
92  C CB  . TYR A 27 ? 0.3209 0.1874 0.4892 -0.0588 0.2180  -0.0795 90  TYR A CB  
93  C CG  . TYR A 27 ? 0.3039 0.1600 0.4421 -0.0462 0.1769  -0.0285 90  TYR A CG  
94  C CD1 . TYR A 27 ? 0.2882 0.1627 0.4620 -0.0422 0.1874  -0.0437 90  TYR A CD1 
95  C CD2 . TYR A 27 ? 0.3335 0.1851 0.4676 -0.0249 0.2115  0.0098  90  TYR A CD2 
96  C CE1 . TYR A 27 ? 0.2807 0.1608 0.4891 -0.0196 0.2023  -0.0236 90  TYR A CE1 
97  C CE2 . TYR A 27 ? 0.3064 0.2330 0.5093 0.0014  0.2199  0.0195  90  TYR A CE2 
98  C CZ  . TYR A 27 ? 0.2874 0.1781 0.5227 -0.0292 0.2033  -0.0276 90  TYR A CZ  
99  O OH  . TYR A 27 ? 0.3372 0.1925 0.5780 -0.0313 0.2451  -0.0502 90  TYR A OH  
109 N N   . ASP A 28 ? 0.2888 0.1811 0.3839 -0.0138 0.1490  -0.0591 91  ASP A N   
110 C CA  . ASP A 28 ? 0.2809 0.1647 0.3424 -0.0484 0.1587  -0.0448 91  ASP A CA  
111 C C   . ASP A 28 ? 0.3184 0.1438 0.3135 -0.0363 0.1860  -0.0275 91  ASP A C   
112 O O   . ASP A 28 ? 0.3266 0.1763 0.3960 -0.0233 0.2107  -0.0405 91  ASP A O   
113 C CB  . ASP A 28 ? 0.4040 0.1821 0.3916 -0.0020 0.1806  -0.0081 91  ASP A CB  
114 C CG  . ASP A 28 ? 0.4660 0.1745 0.4269 0.0203  0.1720  0.0477  91  ASP A CG  
115 O OD1 . ASP A 28 ? 0.4395 0.1952 0.4331 -0.0232 0.1827  0.0242  91  ASP A OD1 
116 O OD2 . ASP A 28 ? 0.6217 0.2272 0.4482 0.1081  0.1288  0.0338  91  ASP A OD2 
121 N N   . TYR A 29 ? 0.3063 0.1143 0.2811 -0.0134 0.1436  -0.0247 92  TYR A N   
122 C CA  . TYR A 29 ? 0.2815 0.1243 0.2306 -0.0289 0.1260  -0.0178 92  TYR A CA  
123 C C   . TYR A 29 ? 0.2607 0.1471 0.1954 -0.0086 0.1161  -0.0088 92  TYR A C   
124 O O   . TYR A 29 ? 0.2470 0.1500 0.2339 -0.0133 0.1158  -0.0216 92  TYR A O   
125 C CB  . TYR A 29 ? 0.2574 0.1474 0.2377 -0.0164 0.0917  -0.0488 92  TYR A CB  
126 C CG  . TYR A 29 ? 0.2168 0.1682 0.2251 -0.0313 0.1103  -0.0468 92  TYR A CG  
127 C CD1 . TYR A 29 ? 0.2720 0.1533 0.2456 -0.0299 0.0996  -0.0376 92  TYR A CD1 
128 C CD2 . TYR A 29 ? 0.2054 0.1439 0.2503 0.0030  0.0902  -0.0190 92  TYR A CD2 
129 C CE1 . TYR A 29 ? 0.2449 0.1243 0.2555 -0.0367 0.0940  -0.0355 92  TYR A CE1 
130 C CE2 . TYR A 29 ? 0.2251 0.1611 0.2617 0.0172  0.0791  -0.0329 92  TYR A CE2 
131 C CZ  . TYR A 29 ? 0.2236 0.0987 0.2597 -0.0256 0.0648  -0.0386 92  TYR A CZ  
132 O OH  . TYR A 29 ? 0.2420 0.1386 0.2233 0.0049  0.0824  -0.0484 92  TYR A OH  
142 N N   . GLU A 30 ? 0.3162 0.1428 0.2182 0.0214  0.0687  -0.0184 93  GLU A N   
143 C CA  . GLU A 30 ? 0.3065 0.1649 0.2695 0.0166  0.0432  -0.0276 93  GLU A CA  
144 C C   . GLU A 30 ? 0.2434 0.1622 0.1892 0.0114  0.0852  -0.0180 93  GLU A C   
145 O O   . GLU A 30 ? 0.2812 0.2044 0.2096 0.0247  0.1095  -0.0419 93  GLU A O   
146 C CB  . GLU A 30 ? 0.4451 0.2827 0.4020 0.0416  -0.0262 -0.0314 93  GLU A CB  
147 C CG  . GLU A 30 ? 0.6725 0.4720 0.4817 0.1421  -0.0568 0.1037  93  GLU A CG  
148 C CD  . GLU A 30 ? 0.8916 0.8595 0.6618 0.2225  -0.0440 0.1208  93  GLU A CD  
149 O OE1 . GLU A 30 ? 0.9425 0.9680 0.5589 0.2036  -0.0922 0.1777  93  GLU A OE1 
150 O OE2 . GLU A 30 ? 0.8321 0.9220 0.8799 0.1157  0.0421  0.0706  93  GLU A OE2 
157 N N   A SER A 31 ? 0.2364 0.1713 0.2108 0.0227  0.0810  -0.0247 94  SER A N   
158 N N   B SER A 31 ? 0.2435 0.1403 0.2350 0.0164  0.0681  -0.0430 94  SER A N   
159 C CA  A SER A 31 ? 0.2228 0.1429 0.2355 0.0156  0.0529  -0.0080 94  SER A CA  
160 C CA  B SER A 31 ? 0.2343 0.1352 0.1948 -0.0026 0.0541  -0.0223 94  SER A CA  
161 C C   A SER A 31 ? 0.2275 0.1485 0.1798 0.0377  0.0249  0.0159  94  SER A C   
162 C C   B SER A 31 ? 0.2439 0.1428 0.1413 0.0426  0.0182  0.0319  94  SER A C   
163 O O   A SER A 31 ? 0.2908 0.1756 0.2030 0.0637  0.0238  -0.0051 94  SER A O   
164 O O   B SER A 31 ? 0.2769 0.1857 0.1992 0.0665  0.0184  0.0149  94  SER A O   
165 C CB  A SER A 31 ? 0.2881 0.1225 0.3245 0.0293  0.0997  0.0494  94  SER A CB  
166 C CB  B SER A 31 ? 0.3009 0.1932 0.2803 -0.0180 0.1491  -0.0147 94  SER A CB  
167 O OG  A SER A 31 ? 0.2729 0.1999 0.4129 0.0352  0.0949  0.0147  94  SER A OG  
168 O OG  B SER A 31 ? 0.3672 0.2787 0.3266 -0.0241 0.0715  -0.1225 94  SER A OG  
179 N N   . ARG A 32 ? 0.2592 0.1542 0.1627 0.0348  0.0149  -0.0058 95  ARG A N   
180 C CA  . ARG A 32 ? 0.2133 0.2074 0.1392 0.0219  0.0146  -0.0071 95  ARG A CA  
181 C C   . ARG A 32 ? 0.2465 0.1735 0.1369 0.0005  0.0485  0.0003  95  ARG A C   
182 O O   . ARG A 32 ? 0.2905 0.1997 0.1607 0.0167  -0.0006 -0.0291 95  ARG A O   
183 C CB  . ARG A 32 ? 0.3517 0.2909 0.1217 0.1451  0.0221  0.0245  95  ARG A CB  
184 C CG  . ARG A 32 ? 0.3418 0.1829 0.1397 0.0422  0.0301  0.0237  95  ARG A CG  
185 C CD  . ARG A 32 ? 0.3457 0.2514 0.1647 -0.0193 0.1072  -0.0291 95  ARG A CD  
186 N NE  . ARG A 32 ? 0.3107 0.3072 0.1666 -0.0223 0.1027  -0.0364 95  ARG A NE  
187 C CZ  . ARG A 32 ? 0.1885 0.2913 0.2723 -0.1086 0.0888  -0.0766 95  ARG A CZ  
188 N NH1 . ARG A 32 ? 0.2816 0.3251 0.2442 -0.0653 0.1334  -0.0456 95  ARG A NH1 
189 N NH2 . ARG A 32 ? 0.3202 0.4869 0.1368 0.0671  -0.0047 -0.0515 95  ARG A NH2 
203 N N   . THR A 33 ? 0.2318 0.1312 0.1947 0.0067  0.0427  -0.0140 96  THR A N   
204 C CA  . THR A 33 ? 0.2390 0.1316 0.1642 0.0289  0.0104  -0.0219 96  THR A CA  
205 C C   . THR A 33 ? 0.2717 0.1523 0.2032 -0.0069 0.0346  -0.0566 96  THR A C   
206 O O   . THR A 33 ? 0.3041 0.1535 0.2435 -0.0176 0.0614  -0.0350 96  THR A O   
207 C CB  . THR A 33 ? 0.2101 0.2095 0.1834 0.0258  0.0382  -0.0489 96  THR A CB  
208 O OG1 . THR A 33 ? 0.2257 0.1926 0.1889 -0.0141 0.0493  -0.0461 96  THR A OG1 
209 C CG2 . THR A 33 ? 0.2105 0.2079 0.1995 -0.0028 0.0894  -0.0409 96  THR A CG2 
217 N N   . GLU A 34 ? 0.1818 0.1948 0.1964 0.0184  0.0307  -0.0547 97  GLU A N   
218 C CA  . GLU A 34 ? 0.1418 0.1680 0.2142 -0.0054 0.0243  -0.0280 97  GLU A CA  
219 C C   . GLU A 34 ? 0.1221 0.2016 0.2193 0.0235  0.0264  -0.0232 97  GLU A C   
220 O O   . GLU A 34 ? 0.1742 0.2336 0.2227 0.0203  0.0694  -0.0248 97  GLU A O   
221 C CB  . GLU A 34 ? 0.1793 0.1964 0.2339 -0.0245 0.0386  -0.0044 97  GLU A CB  
222 C CG  . GLU A 34 ? 0.2224 0.2879 0.2527 -0.0537 -0.0167 -0.0153 97  GLU A CG  
223 C CD  . GLU A 34 ? 0.3284 0.4998 0.4095 0.0200  -0.0298 0.0108  97  GLU A CD  
224 O OE1 . GLU A 34 ? 0.3386 0.5551 0.5218 0.0213  -0.1273 0.0143  97  GLU A OE1 
225 O OE2 . GLU A 34 ? 0.4943 0.7470 0.5219 0.1804  0.0329  -0.0450 97  GLU A OE2 
232 N N   . THR A 35 ? 0.1476 0.1598 0.1811 0.0131  0.0411  -0.0524 98  THR A N   
233 C CA  . THR A 35 ? 0.1323 0.1183 0.2077 0.0049  0.0761  -0.0260 98  THR A CA  
234 C C   . THR A 35 ? 0.1339 0.1158 0.2138 0.0096  0.0817  -0.0013 98  THR A C   
235 O O   . THR A 35 ? 0.1587 0.1683 0.1998 0.0259  0.0444  -0.0391 98  THR A O   
236 C CB  . THR A 35 ? 0.1483 0.1757 0.2082 0.0202  0.0605  -0.0343 98  THR A CB  
237 O OG1 . THR A 35 ? 0.2104 0.1327 0.2495 0.0148  0.0627  -0.0254 98  THR A OG1 
238 C CG2 . THR A 35 ? 0.1529 0.1252 0.2362 -0.0160 0.0638  -0.0251 98  THR A CG2 
246 N N   . ASP A 36 ? 0.1518 0.1047 0.2173 -0.0253 0.0552  -0.0254 99  ASP A N   
247 C CA  . ASP A 36 ? 0.1611 0.1022 0.2420 -0.0319 0.0606  0.0107  99  ASP A CA  
248 C C   . ASP A 36 ? 0.1699 0.1168 0.2213 0.0171  0.0591  0.0051  99  ASP A C   
249 O O   . ASP A 36 ? 0.1966 0.1618 0.2704 0.0295  0.0131  -0.0844 99  ASP A O   
250 C CB  . ASP A 36 ? 0.2568 0.1680 0.3597 -0.0852 0.0568  -0.0363 99  ASP A CB  
251 C CG  . ASP A 36 ? 0.2006 0.2130 0.3535 -0.0778 -0.0035 -0.0077 99  ASP A CG  
252 O OD1 . ASP A 36 ? 0.2690 0.3107 0.3365 -0.0325 0.0238  0.0120  99  ASP A OD1 
253 O OD2 . ASP A 36 ? 0.2244 0.2121 0.2380 -0.0469 0.0496  0.0166  99  ASP A OD2 
258 N N   . LEU A 37 ? 0.1492 0.1223 0.2059 -0.0039 0.0586  -0.0357 100 LEU A N   
259 C CA  . LEU A 37 ? 0.1331 0.1259 0.1929 -0.0177 0.0545  -0.0466 100 LEU A CA  
260 C C   . LEU A 37 ? 0.1708 0.1310 0.1930 -0.0139 0.1041  -0.0002 100 LEU A C   
261 O O   . LEU A 37 ? 0.2018 0.1615 0.2764 0.0144  0.1371  0.0246  100 LEU A O   
262 C CB  . LEU A 37 ? 0.2050 0.1043 0.1961 0.0006  0.0377  -0.0670 100 LEU A CB  
263 C CG  . LEU A 37 ? 0.2130 0.1272 0.2170 -0.0172 0.0860  -0.0706 100 LEU A CG  
264 C CD1 . LEU A 37 ? 0.2011 0.1662 0.2153 -0.0073 0.1228  -0.0245 100 LEU A CD1 
265 C CD2 . LEU A 37 ? 0.2653 0.2643 0.2520 0.0324  0.0601  -0.1332 100 LEU A CD2 
277 N N   . SER A 38 ? 0.1992 0.1105 0.2267 0.0153  0.0631  -0.0183 101 SER A N   
278 C CA  . SER A 38 ? 0.2221 0.0866 0.1970 -0.0055 0.0612  -0.0152 101 SER A CA  
279 C C   . SER A 38 ? 0.1851 0.0875 0.2495 -0.0236 0.0709  -0.0428 101 SER A C   
280 O O   . SER A 38 ? 0.2491 0.1557 0.2617 -0.0128 0.1463  -0.0173 101 SER A O   
281 C CB  . SER A 38 ? 0.3738 0.1388 0.1953 0.0887  -0.0312 -0.0351 101 SER A CB  
282 O OG  . SER A 38 ? 0.2846 0.2461 0.2629 0.0561  0.0771  -0.0526 101 SER A OG  
288 N N   . PHE A 39 ? 0.1950 0.1280 0.2333 -0.0116 0.0743  -0.0512 102 PHE A N   
289 C CA  . PHE A 39 ? 0.2160 0.1278 0.2213 -0.0257 0.0987  -0.0402 102 PHE A CA  
290 C C   . PHE A 39 ? 0.2145 0.1159 0.2332 -0.0346 0.1201  -0.0315 102 PHE A C   
291 O O   . PHE A 39 ? 0.2711 0.1436 0.2445 -0.0008 0.1275  -0.0216 102 PHE A O   
292 C CB  . PHE A 39 ? 0.2017 0.1651 0.2403 -0.0173 0.1268  -0.0402 102 PHE A CB  
293 C CG  . PHE A 39 ? 0.1867 0.1367 0.2648 -0.0521 0.1131  -0.0700 102 PHE A CG  
294 C CD1 . PHE A 39 ? 0.1813 0.1326 0.3105 -0.0286 0.0911  -0.0718 102 PHE A CD1 
295 C CD2 . PHE A 39 ? 0.2157 0.1742 0.2224 -0.0134 0.0980  -0.0577 102 PHE A CD2 
296 C CE1 . PHE A 39 ? 0.2259 0.1415 0.2981 0.0025  0.0878  -0.0665 102 PHE A CE1 
297 C CE2 . PHE A 39 ? 0.1543 0.1937 0.2377 -0.0195 0.0852  -0.0341 102 PHE A CE2 
298 C CZ  . PHE A 39 ? 0.1864 0.1605 0.2823 -0.0304 0.1022  -0.0424 102 PHE A CZ  
308 N N   . LYS A 40 ? 0.2543 0.1206 0.2811 -0.0199 0.0862  -0.0702 103 LYS A N   
309 C CA  . LYS A 40 ? 0.2975 0.1418 0.3464 0.0137  0.0819  -0.0527 103 LYS A CA  
310 C C   . LYS A 40 ? 0.3127 0.1366 0.3187 0.0028  0.1722  0.0103  103 LYS A C   
311 O O   . LYS A 40 ? 0.2471 0.1475 0.3622 -0.0527 0.1559  -0.0567 103 LYS A O   
312 C CB  . LYS A 40 ? 0.3376 0.1477 0.3792 0.0139  0.1182  0.0147  103 LYS A CB  
313 C CG  . LYS A 40 ? 0.3737 0.2442 0.5232 0.0097  0.0790  0.0102  103 LYS A CG  
314 C CD  . LYS A 40 ? 0.5067 0.2560 0.6458 -0.0469 0.1125  -0.0080 103 LYS A CD  
315 C CE  . LYS A 40 ? 0.6340 0.5022 0.7529 0.0653  0.0304  -0.0867 103 LYS A CE  
316 N NZ  . LYS A 40 ? 0.7753 0.6846 0.8080 0.1169  0.0261  -0.1389 103 LYS A NZ  
330 N N   . LYS A 41 ? 0.3097 0.1306 0.3506 -0.0274 0.1701  -0.0229 104 LYS A N   
331 C CA  . LYS A 41 ? 0.3073 0.1679 0.4067 -0.0645 0.1838  -0.0653 104 LYS A CA  
332 C C   . LYS A 41 ? 0.3641 0.1637 0.4011 -0.0670 0.1597  -0.0661 104 LYS A C   
333 O O   . LYS A 41 ? 0.3804 0.1834 0.4686 -0.0683 0.1715  -0.0810 104 LYS A O   
334 C CB  . LYS A 41 ? 0.3249 0.1928 0.4386 -0.0664 0.2126  -0.0704 104 LYS A CB  
335 C CG  . LYS A 41 ? 0.3553 0.1954 0.5047 -0.0480 0.2351  -0.0465 104 LYS A CG  
336 C CD  . LYS A 41 ? 0.3617 0.1938 0.5842 -0.0513 0.2022  -0.0642 104 LYS A CD  
337 C CE  . LYS A 41 ? 0.3845 0.2589 0.6897 -0.0716 0.2576  -0.1316 104 LYS A CE  
338 N NZ  . LYS A 41 ? 0.4000 0.3139 0.7601 -0.0849 0.2452  -0.1963 104 LYS A NZ  
352 N N   . GLY A 42 ? 0.3112 0.1802 0.3960 -0.0770 0.1855  -0.0880 105 GLY A N   
353 C CA  . GLY A 42 ? 0.3055 0.1818 0.3784 -0.0817 0.1578  -0.0983 105 GLY A CA  
354 C C   . GLY A 42 ? 0.2423 0.2018 0.3339 -0.0931 0.1142  -0.1165 105 GLY A C   
355 O O   . GLY A 42 ? 0.3466 0.2320 0.3665 -0.0670 0.1479  -0.1165 105 GLY A O   
359 N N   . GLU A 43 ? 0.2364 0.1999 0.3590 -0.0828 0.1402  -0.1189 106 GLU A N   
360 C CA  . GLU A 43 ? 0.2408 0.1879 0.3758 -0.0706 0.1279  -0.1200 106 GLU A CA  
361 C C   . GLU A 43 ? 0.2268 0.2514 0.3591 -0.0509 0.1205  -0.1261 106 GLU A C   
362 O O   . GLU A 43 ? 0.2139 0.2763 0.3849 -0.0466 0.1132  -0.1290 106 GLU A O   
363 C CB  . GLU A 43 ? 0.2239 0.2162 0.3871 -0.0776 0.1260  -0.1419 106 GLU A CB  
364 C CG  . GLU A 43 ? 0.2482 0.1884 0.3492 -0.0606 0.1268  -0.0824 106 GLU A CG  
365 C CD  . GLU A 43 ? 0.2690 0.1753 0.3093 -0.0717 0.1409  -0.0417 106 GLU A CD  
366 O OE1 . GLU A 43 ? 0.3161 0.2144 0.2636 -0.0288 0.1127  -0.0382 106 GLU A OE1 
367 O OE2 . GLU A 43 ? 0.2874 0.2210 0.2767 -0.0302 0.1054  -0.0499 106 GLU A OE2 
374 N N   A ARG A 44 ? 0.2303 0.2693 0.3426 -0.0693 0.1131  -0.1267 107 ARG A N   
375 N N   B ARG A 44 ? 0.1849 0.2387 0.3265 -0.0568 0.0875  -0.1441 107 ARG A N   
376 C CA  A ARG A 44 ? 0.2517 0.2726 0.3773 -0.0899 0.0966  -0.1162 107 ARG A CA  
377 C CA  B ARG A 44 ? 0.1924 0.2620 0.3309 -0.0706 0.0909  -0.1474 107 ARG A CA  
378 C C   A ARG A 44 ? 0.2168 0.2680 0.3575 -0.1055 0.1089  -0.1166 107 ARG A C   
379 C C   B ARG A 44 ? 0.2147 0.2413 0.3148 -0.0989 0.1175  -0.1308 107 ARG A C   
380 O O   A ARG A 44 ? 0.1974 0.2873 0.3424 -0.0932 0.1135  -0.0935 107 ARG A O   
381 O O   B ARG A 44 ? 0.2284 0.2965 0.2835 -0.0625 0.1130  -0.1346 107 ARG A O   
382 C CB  A ARG A 44 ? 0.3541 0.3116 0.4740 -0.0989 0.1095  -0.1093 107 ARG A CB  
383 C CB  B ARG A 44 ? 0.2935 0.3131 0.3233 -0.0540 0.1078  -0.1268 107 ARG A CB  
384 C CG  A ARG A 44 ? 0.5832 0.5016 0.5972 -0.0002 0.1144  -0.1384 107 ARG A CG  
385 C CG  B ARG A 44 ? 0.5046 0.3533 0.4768 -0.0937 0.0789  -0.2017 107 ARG A CG  
386 C CD  A ARG A 44 ? 0.7793 0.6452 0.7483 0.0737  0.1245  -0.1595 107 ARG A CD  
387 C CD  B ARG A 44 ? 0.8087 0.5696 0.7615 -0.0013 0.1330  -0.2488 107 ARG A CD  
388 N NE  A ARG A 44 ? 0.9934 0.7498 0.7779 0.2076  0.0964  -0.1209 107 ARG A NE  
389 N NE  B ARG A 44 ? 1.1429 0.8063 0.8180 0.2103  0.1341  -0.1735 107 ARG A NE  
390 C CZ  A ARG A 44 ? 0.8507 0.7055 0.7999 0.1543  0.0429  -0.1146 107 ARG A CZ  
391 C CZ  B ARG A 44 ? 0.9630 0.7800 0.8470 0.1025  0.1155  -0.1277 107 ARG A CZ  
392 N NH1 A ARG A 44 ? 0.8164 0.6544 0.8357 0.1178  0.0417  -0.0668 107 ARG A NH1 
393 N NH1 B ARG A 44 ? 0.9418 0.6950 0.8073 -0.0213 0.0759  -0.1381 107 ARG A NH1 
394 N NH2 A ARG A 44 ? 0.4691 0.5059 0.8740 -0.1374 0.0818  -0.1803 107 ARG A NH2 
395 N NH2 B ARG A 44 ? 0.6119 0.6594 1.0294 -0.0112 0.0933  -0.1282 107 ARG A NH2 
422 N N   . LEU A 45 ? 0.2292 0.2810 0.3580 -0.0805 0.0734  -0.1412 108 LEU A N   
423 C CA  . LEU A 45 ? 0.2402 0.2454 0.3478 -0.0949 0.0294  -0.1048 108 LEU A CA  
424 C C   . LEU A 45 ? 0.2108 0.2867 0.3819 -0.1180 0.0538  -0.0751 108 LEU A C   
425 O O   . LEU A 45 ? 0.2372 0.3788 0.4704 -0.1058 -0.0114 -0.0745 108 LEU A O   
426 C CB  . LEU A 45 ? 0.2793 0.2248 0.3559 -0.0440 -0.0346 -0.0930 108 LEU A CB  
427 C CG  . LEU A 45 ? 0.2221 0.3180 0.4114 -0.0611 0.0457  -0.0980 108 LEU A CG  
428 C CD1 . LEU A 45 ? 0.3529 0.3161 0.4776 -0.0425 0.1948  -0.1121 108 LEU A CD1 
429 C CD2 . LEU A 45 ? 0.2273 0.5273 0.3563 -0.0258 0.1280  0.0079  108 LEU A CD2 
441 N N   A GLN A 46 ? 0.1810 0.2505 0.3398 -0.0932 0.0181  -0.0807 109 GLN A N   
442 N N   B GLN A 46 ? 0.1834 0.3589 0.3889 -0.0926 0.0735  -0.1133 109 GLN A N   
443 C CA  A GLN A 46 ? 0.2161 0.3475 0.3372 -0.0231 0.0077  -0.0834 109 GLN A CA  
444 C CA  B GLN A 46 ? 0.2321 0.4388 0.3222 -0.0212 0.1105  -0.0662 109 GLN A CA  
445 C C   A GLN A 46 ? 0.1277 0.2669 0.2902 -0.0794 -0.0048 -0.0585 109 GLN A C   
446 C C   B GLN A 46 ? 0.1989 0.4355 0.2172 -0.0137 0.0776  -0.0467 109 GLN A C   
447 O O   A GLN A 46 ? 0.2175 0.2064 0.3394 -0.0355 -0.0545 -0.0481 109 GLN A O   
448 O O   B GLN A 46 ? 0.1420 0.4386 0.1897 -0.0645 0.0353  -0.0934 109 GLN A O   
449 C CB  A GLN A 46 ? 0.2584 0.5265 0.4514 -0.0338 0.1373  -0.1131 109 GLN A CB  
450 C CB  B GLN A 46 ? 0.3366 0.5441 0.3901 -0.0039 0.1482  -0.1212 109 GLN A CB  
451 C CG  A GLN A 46 ? 0.5713 0.7337 0.4505 0.1362  0.1209  -0.1638 109 GLN A CG  
452 C CG  B GLN A 46 ? 0.5187 0.5729 0.3204 0.0365  0.1236  -0.1306 109 GLN A CG  
453 C CD  A GLN A 46 ? 0.6479 0.7214 0.3639 0.0872  0.1775  -0.1399 109 GLN A CD  
454 C CD  B GLN A 46 ? 0.6024 0.6132 0.2983 0.0150  0.1167  -0.1597 109 GLN A CD  
455 O OE1 A GLN A 46 ? 0.4862 0.7186 0.4057 -0.0437 0.1857  -0.1489 109 GLN A OE1 
456 O OE1 B GLN A 46 ? 0.6004 0.5387 0.2907 -0.0319 0.0055  -0.2033 109 GLN A OE1 
457 N NE2 A GLN A 46 ? 0.4049 0.4719 0.4872 -0.1576 0.2201  -0.2022 109 GLN A NE2 
458 N NE2 B GLN A 46 ? 0.5505 0.4434 0.3433 -0.1117 0.0659  -0.1895 109 GLN A NE2 
475 N N   . ILE A 47 ? 0.1994 0.4221 0.2981 -0.0026 0.0305  -0.0925 110 ILE A N   
476 C CA  . ILE A 47 ? 0.2338 0.4688 0.2666 0.0556  -0.0326 -0.0861 110 ILE A CA  
477 C C   . ILE A 47 ? 0.4113 0.5099 0.1641 0.1328  0.0362  0.0128  110 ILE A C   
478 O O   . ILE A 47 ? 0.5475 0.5063 0.1957 0.1375  0.0187  -0.0311 110 ILE A O   
479 C CB  . ILE A 47 ? 0.2542 0.5402 0.4298 0.0869  -0.0244 -0.0982 110 ILE A CB  
480 C CG1 . ILE A 47 ? 0.3213 0.5917 0.5205 0.0004  0.0142  -0.1008 110 ILE A CG1 
481 C CG2 . ILE A 47 ? 0.2362 0.5068 0.6117 0.0993  -0.0172 -0.1605 110 ILE A CG2 
482 C CD1 . ILE A 47 ? 0.4827 0.6287 0.5408 -0.0258 0.0428  -0.1078 110 ILE A CD1 
494 N N   . VAL A 48 ? 0.3288 0.4002 0.3298 0.0316  0.0348  -0.0014 111 VAL A N   
495 C CA  . VAL A 48 ? 0.4246 0.4022 0.3203 0.0862  -0.0107 0.0567  111 VAL A CA  
496 C C   . VAL A 48 ? 0.4402 0.3724 0.2992 0.1164  0.0473  0.1340  111 VAL A C   
497 O O   . VAL A 48 ? 0.5793 0.7261 0.3559 0.2063  0.1445  -0.0306 111 VAL A O   
498 C CB  . VAL A 48 ? 0.4435 0.3305 0.3020 -0.0794 0.0691  0.0473  111 VAL A CB  
499 C CG1 . VAL A 48 ? 0.4983 0.6246 0.3812 0.0305  -0.0015 -0.1253 111 VAL A CG1 
500 C CG2 . VAL A 48 ? 0.5112 0.4671 0.3064 0.0207  -0.0449 -0.0751 111 VAL A CG2 
510 N N   . ASN A 49 ? 0.4785 0.3061 0.3614 0.1144  -0.0153 0.0836  112 ASN A N   
511 C CA  . ASN A 49 ? 0.5300 0.3959 0.4259 0.1386  0.0549  0.1086  112 ASN A CA  
512 C C   . ASN A 49 ? 0.4259 0.4368 0.5272 0.0333  0.2163  -0.0239 112 ASN A C   
513 O O   . ASN A 49 ? 0.4704 0.4297 0.5589 0.0809  0.2183  -0.0384 112 ASN A O   
514 C CB  . ASN A 49 ? 0.4495 0.5108 0.7006 0.0829  0.0197  0.0794  112 ASN A CB  
515 C CG  . ASN A 49 ? 0.7643 0.8175 0.8891 0.1708  0.0681  -0.0053 112 ASN A CG  
516 O OD1 . ASN A 49 ? 0.8701 1.0433 0.9386 0.2575  0.0681  -0.0523 112 ASN A OD1 
517 N ND2 . ASN A 49 ? 0.9142 0.8208 0.9004 0.1522  0.0731  -0.0230 112 ASN A ND2 
523 N N   . ASN A 50 ? 0.6270 0.4930 0.4592 0.2065  0.1456  0.0139  113 ASN A N   
524 C CA  . ASN A 50 ? 0.7184 0.4182 0.5722 0.2501  0.0591  0.0411  113 ASN A CA  
525 C C   . ASN A 50 ? 0.7411 0.2740 0.4875 0.1534  0.0929  0.0318  113 ASN A C   
526 O O   . ASN A 50 ? 0.8921 0.4714 0.4909 0.3355  -0.0907 -0.0998 113 ASN A O   
527 C CB  . ASN A 50 ? 0.5682 0.4486 0.5237 0.1633  0.0168  0.1172  113 ASN A CB  
528 C CG  . ASN A 50 ? 0.5636 0.7205 0.3564 0.1132  0.0662  0.0290  113 ASN A CG  
529 O OD1 . ASN A 50 ? 0.7198 0.6603 0.5365 0.1060  -0.0327 -0.0292 113 ASN A OD1 
530 N ND2 . ASN A 50 ? 0.4999 0.6429 0.6665 -0.0190 0.1245  -0.1868 113 ASN A ND2 
537 N N   . THR A 51 ? 0.8758 0.3262 0.3621 0.1689  0.1912  0.0569  114 THR A N   
538 C CA  . THR A 51 ? 0.7181 0.4208 0.3977 0.1149  0.1013  -0.0395 114 THR A CA  
539 C C   . THR A 51 ? 0.6741 0.3348 0.2711 0.1303  0.0962  0.0735  114 THR A C   
540 O O   . THR A 51 ? 0.7862 0.3552 0.3938 0.2199  0.0781  0.1105  114 THR A O   
541 C CB  . THR A 51 ? 0.7544 0.4753 0.3609 0.0676  0.0965  0.0066  114 THR A CB  
542 O OG1 . THR A 51 ? 0.7029 0.4046 0.4611 0.0460  0.0164  0.0337  114 THR A OG1 
543 C CG2 . THR A 51 ? 0.7825 0.5695 0.3699 0.0913  0.0677  -0.0254 114 THR A CG2 
551 N N   . GLU A 52 ? 0.6092 0.3731 0.2407 0.2023  0.1247  0.0905  115 GLU A N   
552 C CA  . GLU A 52 ? 0.4746 0.4486 0.2151 0.2079  0.1071  0.0575  115 GLU A CA  
553 C C   . GLU A 52 ? 0.5904 0.2936 0.2675 0.1271  0.0940  0.0063  115 GLU A C   
554 O O   . GLU A 52 ? 0.5746 0.3733 0.1966 0.2344  0.0499  0.0113  115 GLU A O   
555 C CB  . GLU A 52 ? 0.5426 0.6042 0.2655 0.3243  0.0984  0.0932  115 GLU A CB  
556 C CG  . GLU A 52 ? 0.4795 0.6577 0.4660 0.2909  0.1582  0.0976  115 GLU A CG  
557 C CD  . GLU A 52 ? 0.6512 0.6920 0.5493 0.3997  0.0557  0.0263  115 GLU A CD  
558 O OE1 . GLU A 52 ? 0.3773 0.5956 0.3814 0.1912  0.1346  0.1380  115 GLU A OE1 
559 O OE2 . GLU A 52 ? 0.5360 0.3199 0.4477 0.1533  0.1733  0.1178  115 GLU A OE2 
566 N N   . GLY A 53 ? 0.7723 0.2317 0.2265 0.1009  0.0592  0.0187  116 GLY A N   
567 C CA  . GLY A 53 ? 0.7148 0.2790 0.2044 0.1187  -0.0183 0.0224  116 GLY A CA  
568 C C   . GLY A 53 ? 0.6622 0.3246 0.2044 0.1310  0.0005  0.0486  116 GLY A C   
569 O O   . GLY A 53 ? 0.6948 0.3086 0.2999 0.0583  -0.0136 0.0528  116 GLY A O   
573 N N   . ASP A 54 ? 0.5727 0.3637 0.1691 0.1215  0.0574  -0.0043 117 ASP A N   
574 C CA  . ASP A 54 ? 0.4910 0.3145 0.1381 0.0811  0.0458  0.0026  117 ASP A CA  
575 C C   . ASP A 54 ? 0.3854 0.2622 0.1674 0.0898  0.0567  -0.0027 117 ASP A C   
576 O O   . ASP A 54 ? 0.5025 0.2408 0.1698 0.1251  -0.0149 -0.0046 117 ASP A O   
577 C CB  . ASP A 54 ? 0.6773 0.2715 0.2374 -0.0038 -0.0181 -0.0827 117 ASP A CB  
578 C CG  . ASP A 54 ? 0.7457 0.4447 0.4150 0.0197  -0.0582 -0.1423 117 ASP A CG  
579 O OD1 . ASP A 54 ? 1.0991 0.5262 0.3088 0.2003  -0.0937 -0.0510 117 ASP A OD1 
580 O OD2 . ASP A 54 ? 0.8140 0.7446 0.5539 0.2088  -0.1854 -0.2880 117 ASP A OD2 
585 N N   . TRP A 55 ? 0.2587 0.1872 0.1623 0.0546  0.0353  -0.0524 118 TRP A N   
586 C CA  . TRP A 55 ? 0.2091 0.1656 0.1584 0.0376  0.0302  -0.0148 118 TRP A CA  
587 C C   . TRP A 55 ? 0.2021 0.1704 0.1861 0.0396  0.0262  -0.0159 118 TRP A C   
588 O O   . TRP A 55 ? 0.2407 0.1870 0.2077 0.0512  0.0621  -0.0353 118 TRP A O   
589 C CB  . TRP A 55 ? 0.1798 0.2061 0.1508 0.0616  0.0424  -0.0035 118 TRP A CB  
590 C CG  . TRP A 55 ? 0.2260 0.1894 0.1552 0.0453  0.0545  -0.0194 118 TRP A CG  
591 C CD1 . TRP A 55 ? 0.2591 0.1941 0.1956 0.0405  0.0573  -0.0371 118 TRP A CD1 
592 C CD2 . TRP A 55 ? 0.1754 0.1930 0.1553 0.0449  0.0711  -0.0042 118 TRP A CD2 
593 N NE1 . TRP A 55 ? 0.2417 0.1940 0.1969 0.0207  0.0302  -0.0437 118 TRP A NE1 
594 C CE2 . TRP A 55 ? 0.1674 0.1683 0.1940 0.0088  0.0255  -0.0307 118 TRP A CE2 
595 C CE3 . TRP A 55 ? 0.1882 0.1887 0.1831 0.0602  0.0505  -0.0097 118 TRP A CE3 
596 C CZ2 . TRP A 55 ? 0.1839 0.2176 0.1553 0.0447  0.0520  0.0009  118 TRP A CZ2 
597 C CZ3 . TRP A 55 ? 0.2403 0.2128 0.1513 0.0640  0.0326  0.0067  118 TRP A CZ3 
598 C CH2 . TRP A 55 ? 0.2359 0.1777 0.1845 0.0500  0.0234  0.0011  118 TRP A CH2 
609 N N   . TRP A 56 ? 0.1958 0.2136 0.1584 0.0464  0.0274  -0.0118 119 TRP A N   
610 C CA  . TRP A 56 ? 0.1477 0.2610 0.1441 -0.0050 0.0438  -0.0133 119 TRP A CA  
611 C C   . TRP A 56 ? 0.1966 0.2337 0.0807 0.0361  0.0135  -0.0024 119 TRP A C   
612 O O   . TRP A 56 ? 0.2017 0.2196 0.1451 0.0201  0.0062  -0.0134 119 TRP A O   
613 C CB  . TRP A 56 ? 0.1561 0.3414 0.1952 0.0294  -0.0289 -0.0403 119 TRP A CB  
614 C CG  . TRP A 56 ? 0.1838 0.3571 0.2803 0.0157  -0.0681 -0.0614 119 TRP A CG  
615 C CD1 . TRP A 56 ? 0.5073 0.4576 0.3278 0.1823  -0.1645 -0.1468 119 TRP A CD1 
616 C CD2 . TRP A 56 ? 0.2932 0.4007 0.2854 0.0811  -0.1139 -0.0559 119 TRP A CD2 
617 N NE1 . TRP A 56 ? 0.3959 0.4406 0.2704 0.1197  -0.1397 -0.0973 119 TRP A NE1 
618 C CE2 . TRP A 56 ? 0.4339 0.4629 0.2634 0.1498  -0.1581 -0.0460 119 TRP A CE2 
619 C CE3 . TRP A 56 ? 0.3920 0.3296 0.2670 0.0839  -0.1136 -0.0096 119 TRP A CE3 
620 C CZ2 . TRP A 56 ? 0.5134 0.4588 0.3826 0.1483  -0.1530 -0.0511 119 TRP A CZ2 
621 C CZ3 . TRP A 56 ? 0.4243 0.3954 0.2998 0.1171  -0.1362 -0.0309 119 TRP A CZ3 
622 C CH2 . TRP A 56 ? 0.5360 0.5282 0.3566 0.1816  -0.1959 -0.1112 119 TRP A CH2 
633 N N   . LEU A 57 ? 0.2472 0.2185 0.1026 0.0341  0.0147  -0.0367 120 LEU A N   
634 C CA  . LEU A 57 ? 0.1975 0.1927 0.1114 0.0035  0.0254  -0.0145 120 LEU A CA  
635 C C   . LEU A 57 ? 0.2070 0.1921 0.1528 -0.0009 0.0294  -0.0231 120 LEU A C   
636 O O   . LEU A 57 ? 0.2011 0.2621 0.1667 0.0097  0.0170  -0.0395 120 LEU A O   
637 C CB  . LEU A 57 ? 0.2042 0.1978 0.1446 -0.0003 0.0216  -0.0036 120 LEU A CB  
638 C CG  . LEU A 57 ? 0.2496 0.2331 0.1384 0.0001  0.0210  0.0050  120 LEU A CG  
639 C CD1 . LEU A 57 ? 0.2737 0.2284 0.1583 -0.0004 0.0282  -0.0021 120 LEU A CD1 
640 C CD2 . LEU A 57 ? 0.3191 0.2408 0.1532 -0.0018 0.0024  0.0251  120 LEU A CD2 
652 N N   . ALA A 58 ? 0.1987 0.1965 0.1431 0.0510  0.0218  -0.0253 121 ALA A N   
653 C CA  . ALA A 58 ? 0.2180 0.2228 0.1021 0.0565  0.0235  -0.0241 121 ALA A CA  
654 C C   . ALA A 58 ? 0.2199 0.2653 0.0998 0.0857  0.0412  0.0047  121 ALA A C   
655 O O   . ALA A 58 ? 0.2065 0.2519 0.1191 0.0733  0.0305  -0.0202 121 ALA A O   
656 C CB  . ALA A 58 ? 0.3038 0.2404 0.1156 0.1071  0.0025  -0.0126 121 ALA A CB  
662 N N   . HIS A 59 ? 0.1516 0.2576 0.1415 0.0494  0.0205  -0.0411 122 HIS A N   
663 C CA  . HIS A 59 ? 0.1979 0.2227 0.1084 0.0557  0.0342  -0.0047 122 HIS A CA  
664 C C   . HIS A 59 ? 0.1672 0.2937 0.1032 0.0786  -0.0116 -0.0405 122 HIS A C   
665 O O   . HIS A 59 ? 0.1767 0.2732 0.1576 0.0561  -0.0252 -0.0370 122 HIS A O   
666 C CB  . HIS A 59 ? 0.2402 0.2250 0.0934 0.0634  0.0265  -0.0143 122 HIS A CB  
667 C CG  . HIS A 59 ? 0.1981 0.2784 0.1189 0.0495  0.0356  -0.0362 122 HIS A CG  
668 N ND1 . HIS A 59 ? 0.2050 0.2767 0.1256 0.0261  0.0399  -0.0287 122 HIS A ND1 
669 C CD2 . HIS A 59 ? 0.2016 0.3398 0.1682 0.0671  0.0540  -0.0546 122 HIS A CD2 
670 C CE1 . HIS A 59 ? 0.2326 0.2824 0.1503 0.0475  0.0314  -0.0258 122 HIS A CE1 
671 N NE2 . HIS A 59 ? 0.3138 0.3057 0.1715 0.0782  0.0230  -0.0297 122 HIS A NE2 
680 N N   . SER A 60 ? 0.1687 0.2455 0.1421 0.1105  0.0007  -0.0208 123 SER A N   
681 C CA  . SER A 60 ? 0.1865 0.2378 0.1460 0.1227  -0.0080 -0.0233 123 SER A CA  
682 C C   . SER A 60 ? 0.1626 0.2527 0.1359 0.0879  -0.0136 -0.0454 123 SER A C   
683 O O   . SER A 60 ? 0.2093 0.2398 0.1509 0.0889  -0.0131 -0.0261 123 SER A O   
684 C CB  . SER A 60 ? 0.2427 0.1632 0.1756 0.0881  0.0053  -0.0159 123 SER A CB  
685 O OG  . SER A 60 ? 0.2424 0.1642 0.1735 0.0825  0.0296  -0.0167 123 SER A OG  
691 N N   . LEU A 61 ? 0.1717 0.2932 0.1447 0.1087  0.0087  -0.0435 124 LEU A N   
692 C CA  . LEU A 61 ? 0.1858 0.3212 0.1943 0.1191  0.0413  -0.0134 124 LEU A CA  
693 C C   . LEU A 61 ? 0.2354 0.3288 0.1460 0.1240  0.0563  0.0119  124 LEU A C   
694 O O   . LEU A 61 ? 0.2824 0.3391 0.1773 0.1013  0.0613  -0.0613 124 LEU A O   
695 C CB  . LEU A 61 ? 0.2069 0.3821 0.3302 0.1482  0.0180  -0.0337 124 LEU A CB  
696 C CG  . LEU A 61 ? 0.3174 0.4407 0.4084 0.1663  -0.0583 -0.0148 124 LEU A CG  
697 C CD1 . LEU A 61 ? 0.2274 0.4602 0.4801 0.1224  -0.0787 -0.0670 124 LEU A CD1 
698 C CD2 . LEU A 61 ? 0.2653 0.4184 0.7059 0.0358  -0.0472 -0.1025 124 LEU A CD2 
710 N N   . THR A 62 ? 0.2763 0.3038 0.1494 0.1679  0.0292  0.0184  125 THR A N   
711 C CA  . THR A 62 ? 0.2996 0.2776 0.1344 0.1710  0.0266  0.0266  125 THR A CA  
712 C C   . THR A 62 ? 0.2699 0.2259 0.1577 0.1192  0.0336  0.0019  125 THR A C   
713 O O   . THR A 62 ? 0.3369 0.2531 0.1617 0.1324  0.0088  -0.0270 125 THR A O   
714 C CB  . THR A 62 ? 0.3702 0.2559 0.1424 0.1648  0.0306  0.0388  125 THR A CB  
715 O OG1 . THR A 62 ? 0.3705 0.3334 0.1508 0.1832  -0.0016 -0.0044 125 THR A OG1 
716 C CG2 . THR A 62 ? 0.4290 0.2545 0.1775 0.1714  0.0624  0.0516  125 THR A CG2 
724 N N   . THR A 63 ? 0.2776 0.2015 0.1248 0.1199  0.0214  0.0062  126 THR A N   
725 C CA  . THR A 63 ? 0.2585 0.1672 0.1282 0.0554  0.0421  0.0039  126 THR A CA  
726 C C   . THR A 63 ? 0.2357 0.1102 0.1468 0.0480  0.0474  -0.0054 126 THR A C   
727 O O   . THR A 63 ? 0.2502 0.1717 0.1480 0.0643  0.0145  -0.0280 126 THR A O   
728 C CB  . THR A 63 ? 0.2707 0.1604 0.1313 0.0366  0.0559  0.0028  126 THR A CB  
729 O OG1 . THR A 63 ? 0.2277 0.1566 0.1813 0.0630  0.0231  0.0032  126 THR A OG1 
730 C CG2 . THR A 63 ? 0.2803 0.1854 0.1736 0.0423  0.0652  0.0214  126 THR A CG2 
738 N N   . GLY A 64 ? 0.2084 0.1378 0.1331 0.0815  0.0345  0.0009  127 GLY A N   
739 C CA  . GLY A 64 ? 0.1825 0.1531 0.1441 0.0932  0.0256  0.0113  127 GLY A CA  
740 C C   . GLY A 64 ? 0.2010 0.1311 0.0885 0.0367  0.0316  0.0174  127 GLY A C   
741 O O   . GLY A 64 ? 0.2103 0.1765 0.1139 0.0473  0.0449  0.0080  127 GLY A O   
745 N N   . GLU A 65 ? 0.2277 0.1464 0.0901 0.0670  0.0329  -0.0004 128 GLU A N   
746 C CA  . GLU A 65 ? 0.1873 0.1505 0.1376 0.0355  0.0317  -0.0498 128 GLU A CA  
747 C C   . GLU A 65 ? 0.2150 0.1476 0.0889 0.0945  0.0259  0.0224  128 GLU A C   
748 O O   . GLU A 65 ? 0.2127 0.1820 0.1281 0.0952  0.0000  -0.0196 128 GLU A O   
749 C CB  . GLU A 65 ? 0.1737 0.1471 0.1240 0.0283  0.0240  -0.0233 128 GLU A CB  
750 C CG  . GLU A 65 ? 0.2173 0.1499 0.1850 -0.0129 0.0204  -0.0499 128 GLU A CG  
751 C CD  . GLU A 65 ? 0.2956 0.2028 0.2339 -0.0428 0.0565  -0.0662 128 GLU A CD  
752 O OE1 . GLU A 65 ? 0.3636 0.3405 0.3407 -0.0613 0.1681  -0.1023 128 GLU A OE1 
753 O OE2 . GLU A 65 ? 0.3471 0.2255 0.2841 0.0057  0.0394  -0.0451 128 GLU A OE2 
756 N N   . THR A 66 ? 0.1887 0.1150 0.1383 0.0598  0.0220  0.0014  129 THR A N   
757 C CA  . THR A 66 ? 0.1879 0.1304 0.1236 0.0499  0.0416  -0.0128 129 THR A CA  
758 C C   . THR A 66 ? 0.2150 0.1659 0.0894 0.0469  0.0519  -0.0108 129 THR A C   
759 O O   . THR A 66 ? 0.2835 0.2564 0.1184 0.1041  -0.0068 -0.0525 129 THR A O   
760 C CB  . THR A 66 ? 0.2549 0.1328 0.1229 0.0359  0.0441  -0.0363 129 THR A CB  
761 O OG1 . THR A 66 ? 0.2720 0.1687 0.1123 0.0519  0.0721  -0.0031 129 THR A OG1 
762 C CG2 . THR A 66 ? 0.3072 0.1459 0.1434 0.0415  0.0554  -0.0204 129 THR A CG2 
770 N N   . GLY A 67 ? 0.1984 0.1682 0.0950 0.0613  0.0498  -0.0091 130 GLY A N   
771 C CA  . GLY A 67 ? 0.1884 0.1565 0.0897 0.0583  0.0243  -0.0203 130 GLY A CA  
772 C C   . GLY A 67 ? 0.1499 0.1384 0.1109 0.0508  0.0166  -0.0068 130 GLY A C   
773 O O   . GLY A 67 ? 0.1658 0.1801 0.1150 0.0687  0.0238  -0.0147 130 GLY A O   
777 N N   . TYR A 68 ? 0.1504 0.1488 0.1137 0.0650  0.0311  -0.0124 131 TYR A N   
778 C CA  . TYR A 68 ? 0.1560 0.1500 0.0838 0.0460  0.0364  -0.0025 131 TYR A CA  
779 C C   . TYR A 68 ? 0.1902 0.1494 0.0831 0.0381  0.0220  -0.0077 131 TYR A C   
780 O O   . TYR A 68 ? 0.2031 0.1493 0.1156 0.0498  0.0129  -0.0224 131 TYR A O   
781 C CB  . TYR A 68 ? 0.1655 0.1476 0.1234 0.0519  0.0268  -0.0215 131 TYR A CB  
782 C CG  . TYR A 68 ? 0.2189 0.1264 0.1061 0.0498  0.0511  0.0028  131 TYR A CG  
783 C CD1 . TYR A 68 ? 0.2057 0.1535 0.1912 0.0095  0.0633  -0.0448 131 TYR A CD1 
784 C CD2 . TYR A 68 ? 0.2580 0.1464 0.1019 0.0834  0.0248  -0.0076 131 TYR A CD2 
785 C CE1 . TYR A 68 ? 0.3027 0.1246 0.1811 -0.0050 0.0935  -0.0300 131 TYR A CE1 
786 C CE2 . TYR A 68 ? 0.3184 0.1693 0.1258 0.0813  0.0326  -0.0143 131 TYR A CE2 
787 C CZ  . TYR A 68 ? 0.3788 0.1740 0.1399 0.0506  0.0947  0.0081  131 TYR A CZ  
788 O OH  . TYR A 68 ? 0.4638 0.1845 0.1956 0.0587  0.1382  0.0106  131 TYR A OH  
798 N N   . ILE A 69 ? 0.2134 0.1840 0.0765 0.0639  0.0130  0.0006  132 ILE A N   
799 C CA  . ILE A 69 ? 0.1868 0.1856 0.0884 0.0631  0.0307  -0.0043 132 ILE A CA  
800 C C   . ILE A 69 ? 0.2709 0.1877 0.0938 0.0953  0.0250  0.0037  132 ILE A C   
801 O O   . ILE A 69 ? 0.2308 0.2055 0.1219 0.0695  0.0241  -0.0150 132 ILE A O   
802 C CB  . ILE A 69 ? 0.1977 0.1969 0.1291 0.0727  0.0314  -0.0227 132 ILE A CB  
803 C CG1 . ILE A 69 ? 0.2066 0.2412 0.1709 0.0994  0.0425  -0.0351 132 ILE A CG1 
804 C CG2 . ILE A 69 ? 0.2900 0.1630 0.1259 0.0928  0.0419  -0.0131 132 ILE A CG2 
805 C CD1 . ILE A 69 ? 0.3712 0.2965 0.2065 0.1528  0.0671  -0.0146 132 ILE A CD1 
817 N N   . PRO A 70 ? 0.2679 0.1659 0.0889 0.0722  0.0314  0.0139  133 PRO A N   
818 C CA  . PRO A 70 ? 0.2734 0.2498 0.0951 0.0961  0.0202  -0.0084 133 PRO A CA  
819 C C   . PRO A 70 ? 0.2907 0.2387 0.1280 0.0768  -0.0039 -0.0342 133 PRO A C   
820 O O   . PRO A 70 ? 0.3351 0.2433 0.1179 0.1136  0.0009  -0.0178 133 PRO A O   
821 C CB  . PRO A 70 ? 0.2991 0.2152 0.1697 0.1032  0.0631  0.0063  133 PRO A CB  
822 C CG  . PRO A 70 ? 0.2780 0.1760 0.1678 0.0760  0.0593  0.0298  133 PRO A CG  
823 C CD  . PRO A 70 ? 0.2391 0.1618 0.1453 0.0500  0.0479  0.0405  133 PRO A CD  
831 N N   . SER A 71 ? 0.2984 0.2598 0.1658 0.0886  -0.0277 -0.0087 134 SER A N   
832 C CA  . SER A 71 ? 0.3027 0.2309 0.2870 0.0643  -0.0735 -0.0058 134 SER A CA  
833 C C   . SER A 71 ? 0.4354 0.2464 0.1924 0.1433  -0.0746 0.0081  134 SER A C   
834 O O   . SER A 71 ? 0.4545 0.3140 0.2408 0.2044  -0.0725 -0.0256 134 SER A O   
835 C CB  . SER A 71 ? 0.4424 0.2703 0.5193 0.0861  -0.1401 -0.0814 134 SER A CB  
836 O OG  . SER A 71 ? 0.5340 0.3477 0.5244 0.1694  -0.2598 -0.1470 134 SER A OG  
842 N N   . ASN A 72 ? 0.4888 0.2787 0.1412 0.1222  -0.0377 -0.0112 135 ASN A N   
843 C CA  . ASN A 72 ? 0.5082 0.3356 0.1534 0.1543  -0.0194 -0.0081 135 ASN A CA  
844 C C   . ASN A 72 ? 0.5436 0.2867 0.1682 0.1903  -0.0410 -0.0134 135 ASN A C   
845 O O   . ASN A 72 ? 0.6602 0.3230 0.1975 0.2417  -0.0171 -0.0088 135 ASN A O   
846 C CB  . ASN A 72 ? 0.5956 0.3502 0.1673 0.1489  -0.0120 0.0032  135 ASN A CB  
847 C CG  . ASN A 72 ? 0.6336 0.4128 0.2159 0.0828  0.0585  -0.0159 135 ASN A CG  
848 O OD1 . ASN A 72 ? 0.6081 0.4620 0.2627 0.0848  -0.0357 -0.0906 135 ASN A OD1 
849 N ND2 . ASN A 72 ? 0.6462 0.4496 0.1773 0.0738  0.0561  -0.0132 135 ASN A ND2 
856 N N   . TYR A 73 ? 0.4270 0.2489 0.1442 0.1601  -0.0274 -0.0004 136 TYR A N   
857 C CA  . TYR A 73 ? 0.4029 0.2125 0.1877 0.1456  -0.0053 0.0202  136 TYR A CA  
858 C C   . TYR A 73 ? 0.3937 0.2982 0.1699 0.1463  -0.0363 -0.0161 136 TYR A C   
859 O O   . TYR A 73 ? 0.4414 0.2425 0.2074 0.1402  -0.0010 -0.0033 136 TYR A O   
860 C CB  . TYR A 73 ? 0.3617 0.2423 0.1636 0.1324  0.0296  0.0276  136 TYR A CB  
861 C CG  . TYR A 73 ? 0.3305 0.2682 0.1898 0.1130  0.0501  0.0446  136 TYR A CG  
862 C CD1 . TYR A 73 ? 0.4477 0.2866 0.1915 0.1456  0.0694  0.0850  136 TYR A CD1 
863 C CD2 . TYR A 73 ? 0.3941 0.2721 0.1947 0.1646  0.0126  0.0550  136 TYR A CD2 
864 C CE1 . TYR A 73 ? 0.4935 0.2753 0.2606 0.1580  0.0708  0.1005  136 TYR A CE1 
865 C CE2 . TYR A 73 ? 0.4036 0.3285 0.2483 0.1961  0.0371  0.0629  136 TYR A CE2 
866 C CZ  . TYR A 73 ? 0.4064 0.3343 0.2592 0.1623  0.1155  0.1334  136 TYR A CZ  
867 O OH  . TYR A 73 ? 0.4248 0.4752 0.3468 0.2007  0.1597  0.1589  136 TYR A OH  
877 N N   . VAL A 74 ? 0.3515 0.3033 0.1807 0.1193  -0.0507 -0.0169 137 VAL A N   
878 C CA  . VAL A 74 ? 0.3218 0.3126 0.2177 0.1048  -0.0494 0.0051  137 VAL A CA  
879 C C   . VAL A 74 ? 0.3674 0.3984 0.2403 0.1581  -0.0555 -0.0273 137 VAL A C   
880 O O   . VAL A 74 ? 0.4760 0.4490 0.2274 0.2448  -0.0840 -0.0673 137 VAL A O   
881 C CB  . VAL A 74 ? 0.4212 0.2643 0.2344 0.1125  -0.0620 0.0085  137 VAL A CB  
882 C CG1 . VAL A 74 ? 0.4383 0.2807 0.2328 0.1230  -0.0892 -0.0224 137 VAL A CG1 
883 C CG2 . VAL A 74 ? 0.4634 0.2917 0.2532 0.1185  -0.0100 0.0270  137 VAL A CG2 
893 N N   . ALA A 75 ? 0.3680 0.4597 0.2157 0.1317  -0.0836 -0.0242 138 ALA A N   
894 C CA  . ALA A 75 ? 0.4809 0.4955 0.2072 0.1631  -0.0931 0.0132  138 ALA A CA  
895 C C   . ALA A 75 ? 0.4613 0.4730 0.2444 0.1224  -0.1388 -0.0320 138 ALA A C   
896 O O   . ALA A 75 ? 0.3970 0.5366 0.2419 0.1609  -0.1259 -0.0590 138 ALA A O   
897 C CB  . ALA A 75 ? 0.4603 0.6145 0.2054 0.1739  -0.0531 0.0278  138 ALA A CB  
903 N N   . PRO A 76 ? 0.4946 0.5991 0.2419 0.0943  -0.1273 -0.0733 139 PRO A N   
904 C CA  . PRO A 76 ? 0.6190 0.5763 0.2325 0.1321  -0.1182 0.0154  139 PRO A CA  
905 C C   . PRO A 76 ? 0.5884 0.6638 0.3039 0.1919  -0.0808 0.0485  139 PRO A C   
906 O O   . PRO A 76 ? 0.5280 0.7293 0.3315 0.2321  -0.0534 0.0542  139 PRO A O   
907 C CB  . PRO A 76 ? 0.6016 0.6451 0.3260 0.0796  -0.1785 -0.1266 139 PRO A CB  
908 C CG  . PRO A 76 ? 0.5586 0.6684 0.3645 0.0699  -0.1424 -0.1387 139 PRO A CG  
909 C CD  . PRO A 76 ? 0.4850 0.5886 0.3259 0.0289  -0.1147 -0.1106 139 PRO A CD  
917 N N   . SER A 77 ? 0.4086 0.6781 0.3634 0.1237  -0.0867 0.0580  140 SER A N   
918 C CA  . SER A 77 ? 0.5695 0.5638 0.5454 0.1259  -0.0119 0.1007  140 SER A CA  
919 C C   . SER A 77 ? 0.6734 0.7360 0.7678 0.1966  0.0555  0.0451  140 SER A C   
920 O O   . SER A 77 ? 0.6008 0.8833 0.9433 0.1411  0.1520  -0.0390 140 SER A O   
921 C CB  . SER A 77 ? 0.7008 0.5944 0.5767 0.1359  0.0387  0.0377  140 SER A CB  
922 O OG  . SER A 77 ? 0.5536 0.7758 0.7097 0.1402  0.0971  -0.0580 140 SER A OG  
928 C C1  . PGE B .  ? 0.3294 0.1411 0.2343 0.0042  0.0902  0.0379  201 PGE A C1  
929 O O1  . PGE B .  ? 0.5519 0.1866 0.5110 0.0034  0.0162  -0.1280 201 PGE A O1  
930 C C2  . PGE B .  ? 0.2953 0.2738 0.3359 0.0717  0.1017  -0.0649 201 PGE A C2  
931 O O2  . PGE B .  ? 0.3043 0.3014 0.2850 0.1142  0.0978  -0.0540 201 PGE A O2  
932 C C3  . PGE B .  ? 0.1742 0.1416 0.1549 -0.0225 0.0851  0.0033  201 PGE A C3  
933 C C4  . PGE B .  ? 0.2344 0.2388 0.1609 0.0185  0.0746  0.0107  201 PGE A C4  
934 O O4  . PGE B .  ? 0.2807 0.2399 0.2512 0.0293  0.0258  0.0055  201 PGE A O4  
935 C C6  . PGE B .  ? 0.4416 0.4595 0.3157 0.1923  -0.0466 -0.0929 201 PGE A C6  
936 C C5  . PGE B .  ? 0.2245 0.3316 0.2993 0.0564  0.0928  0.0482  201 PGE A C5  
937 O O3  . PGE B .  ? 0.3787 0.3643 0.2853 0.1483  0.0950  0.0304  201 PGE A O3  
938 C C1  . PEG C .  ? 0.8139 0.5379 0.7912 -0.2079 0.0672  -0.1239 202 PEG A C1  
939 O O1  . PEG C .  ? 0.9006 0.8691 0.7647 0.0272  0.0459  -0.1608 202 PEG A O1  
940 C C2  . PEG C .  ? 0.7814 0.4525 0.7621 -0.2728 0.0550  -0.1172 202 PEG A C2  
941 O O2  . PEG C .  ? 0.6880 0.5324 0.7137 -0.2273 0.0787  -0.0585 202 PEG A O2  
942 C C3  . PEG C .  ? 0.5415 0.5139 0.7758 -0.2454 0.1454  0.0295  202 PEG A C3  
943 C C4  . PEG C .  ? 0.6419 0.5863 0.8815 -0.0878 0.0779  0.0212  202 PEG A C4  
944 O O4  . PEG C .  ? 0.5709 0.5195 0.9182 -0.1398 0.2618  0.1460  202 PEG A O4  
955 C C1  . PEG D .  ? 0.5908 0.3880 0.9854 -0.0623 -0.0545 -0.1796 203 PEG A C1  
956 O O1  . PEG D .  ? 0.8775 0.5155 0.9964 0.1656  -0.0417 -0.1265 203 PEG A O1  
957 C C2  . PEG D .  ? 0.7593 0.2805 0.9007 -0.0531 0.0391  -0.0780 203 PEG A C2  
958 O O2  . PEG D .  ? 0.6400 0.3335 0.8566 -0.1773 0.1850  -0.0976 203 PEG A O2  
959 C C3  . PEG D .  ? 0.8816 0.3544 0.9354 -0.0107 -0.0473 -0.1987 203 PEG A C3  
960 C C4  . PEG D .  ? 0.6966 0.3962 0.9119 -0.1242 -0.0054 -0.1657 203 PEG A C4  
961 O O4  . PEG D .  ? 0.6850 0.4530 0.8162 -0.2040 0.1182  -0.0913 203 PEG A O4  
972 S S   . SO4 E .  ? 0.1619 0.2124 0.3598 -0.0056 0.0573  0.0039  204 SO4 A S   
973 O O1  . SO4 E .  ? 0.1737 0.3012 0.3655 0.0434  0.1186  0.0569  204 SO4 A O1  
974 O O2  . SO4 E .  ? 0.3679 0.1067 0.3849 -0.0440 -0.0007 -0.0265 204 SO4 A O2  
975 O O3  . SO4 E .  ? 0.0878 0.1565 0.3062 0.0272  0.0078  -0.0225 204 SO4 A O3  
976 O O4  . SO4 E .  ? 0.2817 0.5498 0.3291 0.1948  0.0684  0.0313  204 SO4 A O4  
977 C C1  . GOL F .  ? 0.6002 0.5510 0.5996 -0.0789 0.1228  0.1113  205 GOL A C1  
978 O O1  . GOL F .  ? 0.7330 0.6228 0.7263 0.0285  0.0317  0.0265  205 GOL A O1  
979 C C2  . GOL F .  ? 0.5588 0.6010 0.5985 -0.0299 0.0156  0.0402  205 GOL A C2  
980 O O2  . GOL F .  ? 0.7502 0.7862 0.7900 0.1701  -0.0058 -0.0342 205 GOL A O2  
981 C C3  . GOL F .  ? 0.5823 0.6888 0.5598 0.0541  0.0266  0.0419  205 GOL A C3  
982 O O3  . GOL F .  ? 0.6949 0.6192 0.6667 0.0944  0.0421  0.0334  205 GOL A O3  
# 
loop_
_pdbx_poly_seq_scheme.asym_id 
_pdbx_poly_seq_scheme.entity_id 
_pdbx_poly_seq_scheme.seq_id 
_pdbx_poly_seq_scheme.mon_id 
_pdbx_poly_seq_scheme.ndb_seq_num 
_pdbx_poly_seq_scheme.pdb_seq_num 
_pdbx_poly_seq_scheme.auth_seq_num 
_pdbx_poly_seq_scheme.pdb_mon_id 
_pdbx_poly_seq_scheme.auth_mon_id 
_pdbx_poly_seq_scheme.pdb_strand_id 
_pdbx_poly_seq_scheme.pdb_ins_code 
_pdbx_poly_seq_scheme.hetero 
A 1 1  MET 1  64  ?   ?   ?   A . n 
A 1 2  GLY 2  65  ?   ?   ?   A . n 
A 1 3  SER 3  66  ?   ?   ?   A . n 
A 1 4  SER 4  67  ?   ?   ?   A . n 
A 1 5  HIS 5  68  ?   ?   ?   A . n 
A 1 6  HIS 6  69  ?   ?   ?   A . n 
A 1 7  HIS 7  70  ?   ?   ?   A . n 
A 1 8  HIS 8  71  ?   ?   ?   A . n 
A 1 9  HIS 9  72  ?   ?   ?   A . n 
A 1 10 HIS 10 73  ?   ?   ?   A . n 
A 1 11 SER 11 74  ?   ?   ?   A . n 
A 1 12 SER 12 75  ?   ?   ?   A . n 
A 1 13 GLY 13 76  ?   ?   ?   A . n 
A 1 14 LEU 14 77  ?   ?   ?   A . n 
A 1 15 VAL 15 78  ?   ?   ?   A . n 
A 1 16 PRO 16 79  ?   ?   ?   A . n 
A 1 17 ARG 17 80  ?   ?   ?   A . n 
A 1 18 GLY 18 81  ?   ?   ?   A . n 
A 1 19 SER 19 82  ?   ?   ?   A . n 
A 1 20 HIS 20 83  ?   ?   ?   A . n 
A 1 21 MET 21 84  84  MET MET A . n 
A 1 22 THR 22 85  85  THR THR A . n 
A 1 23 PHE 23 86  86  PHE PHE A . n 
A 1 24 VAL 24 87  87  VAL VAL A . n 
A 1 25 ALA 25 88  88  ALA ALA A . n 
A 1 26 LEU 26 89  89  LEU LEU A . n 
A 1 27 TYR 27 90  90  TYR TYR A . n 
A 1 28 ASP 28 91  91  ASP ASP A . n 
A 1 29 TYR 29 92  92  TYR TYR A . n 
A 1 30 GLU 30 93  93  GLU GLU A . n 
A 1 31 SER 31 94  94  SER SER A . n 
A 1 32 ARG 32 95  95  ARG ARG A . n 
A 1 33 THR 33 96  96  THR THR A . n 
A 1 34 GLU 34 97  97  GLU GLU A . n 
A 1 35 THR 35 98  98  THR THR A . n 
A 1 36 ASP 36 99  99  ASP ASP A . n 
A 1 37 LEU 37 100 100 LEU LEU A . n 
A 1 38 SER 38 101 101 SER SER A . n 
A 1 39 PHE 39 102 102 PHE PHE A . n 
A 1 40 LYS 40 103 103 LYS LYS A . n 
A 1 41 LYS 41 104 104 LYS LYS A . n 
A 1 42 GLY 42 105 105 GLY GLY A . n 
A 1 43 GLU 43 106 106 GLU GLU A . n 
A 1 44 ARG 44 107 107 ARG ARG A . n 
A 1 45 LEU 45 108 108 LEU LEU A . n 
A 1 46 GLN 46 109 109 GLN GLN A . n 
A 1 47 ILE 47 110 110 ILE ILE A . n 
A 1 48 VAL 48 111 111 VAL VAL A . n 
A 1 49 ASN 49 112 112 ASN ASN A . n 
A 1 50 ASN 50 113 113 ASN ASN A . n 
A 1 51 THR 51 114 114 THR THR A . n 
A 1 52 GLU 52 115 115 GLU GLU A . n 
A 1 53 GLY 53 116 116 GLY GLY A . n 
A 1 54 ASP 54 117 117 ASP ASP A . n 
A 1 55 TRP 55 118 118 TRP TRP A . n 
A 1 56 TRP 56 119 119 TRP TRP A . n 
A 1 57 LEU 57 120 120 LEU LEU A . n 
A 1 58 ALA 58 121 121 ALA ALA A . n 
A 1 59 HIS 59 122 122 HIS HIS A . n 
A 1 60 SER 60 123 123 SER SER A . n 
A 1 61 LEU 61 124 124 LEU LEU A . n 
A 1 62 THR 62 125 125 THR THR A . n 
A 1 63 THR 63 126 126 THR THR A . n 
A 1 64 GLY 64 127 127 GLY GLY A . n 
A 1 65 GLU 65 128 128 GLU GLU A . n 
A 1 66 THR 66 129 129 THR THR A . n 
A 1 67 GLY 67 130 130 GLY GLY A . n 
A 1 68 TYR 68 131 131 TYR TYR A . n 
A 1 69 ILE 69 132 132 ILE ILE A . n 
A 1 70 PRO 70 133 133 PRO PRO A . n 
A 1 71 SER 71 134 134 SER SER A . n 
A 1 72 ASN 72 135 135 ASN ASN A . n 
A 1 73 TYR 73 136 136 TYR TYR A . n 
A 1 74 VAL 74 137 137 VAL VAL A . n 
A 1 75 ALA 75 138 138 ALA ALA A . n 
A 1 76 PRO 76 139 139 PRO PRO A . n 
A 1 77 SER 77 140 140 SER SER A . n 
# 
loop_
_pdbx_nonpoly_scheme.asym_id 
_pdbx_nonpoly_scheme.entity_id 
_pdbx_nonpoly_scheme.mon_id 
_pdbx_nonpoly_scheme.ndb_seq_num 
_pdbx_nonpoly_scheme.pdb_seq_num 
_pdbx_nonpoly_scheme.auth_seq_num 
_pdbx_nonpoly_scheme.pdb_mon_id 
_pdbx_nonpoly_scheme.auth_mon_id 
_pdbx_nonpoly_scheme.pdb_strand_id 
_pdbx_nonpoly_scheme.pdb_ins_code 
B 2 PGE 1  201 1  PGE PGE A . 
C 3 PEG 1  202 2  PEG PEG A . 
D 3 PEG 1  203 3  PEG PEG A . 
E 4 SO4 1  204 1  SO4 SO4 A . 
F 5 GOL 1  205 1  GOL GOL A . 
G 6 HOH 1  301 1  HOH HOH A . 
G 6 HOH 2  302 2  HOH HOH A . 
G 6 HOH 3  303 3  HOH HOH A . 
G 6 HOH 4  304 4  HOH HOH A . 
G 6 HOH 5  305 5  HOH HOH A . 
G 6 HOH 6  306 6  HOH HOH A . 
G 6 HOH 7  307 7  HOH HOH A . 
G 6 HOH 8  308 8  HOH HOH A . 
G 6 HOH 9  309 10 HOH HOH A . 
G 6 HOH 10 310 11 HOH HOH A . 
G 6 HOH 11 311 12 HOH HOH A . 
G 6 HOH 12 312 13 HOH HOH A . 
G 6 HOH 13 313 14 HOH HOH A . 
G 6 HOH 14 314 15 HOH HOH A . 
G 6 HOH 15 315 16 HOH HOH A . 
G 6 HOH 16 316 17 HOH HOH A . 
G 6 HOH 17 317 18 HOH HOH A . 
G 6 HOH 18 318 19 HOH HOH A . 
G 6 HOH 19 319 20 HOH HOH A . 
G 6 HOH 20 320 21 HOH HOH A . 
G 6 HOH 21 321 22 HOH HOH A . 
G 6 HOH 22 322 23 HOH HOH A . 
G 6 HOH 23 323 25 HOH HOH A . 
G 6 HOH 24 324 26 HOH HOH A . 
G 6 HOH 25 325 28 HOH HOH A . 
G 6 HOH 26 326 29 HOH HOH A . 
G 6 HOH 27 327 34 HOH HOH A . 
G 6 HOH 28 328 36 HOH HOH A . 
G 6 HOH 29 329 37 HOH HOH A . 
G 6 HOH 30 330 38 HOH HOH A . 
# 
_pdbx_struct_assembly.id                   1 
_pdbx_struct_assembly.details              author_and_software_defined_assembly 
_pdbx_struct_assembly.method_details       PISA 
_pdbx_struct_assembly.oligomeric_details   dimeric 
_pdbx_struct_assembly.oligomeric_count     2 
# 
_pdbx_struct_assembly_gen.assembly_id       1 
_pdbx_struct_assembly_gen.oper_expression   1,2 
_pdbx_struct_assembly_gen.asym_id_list      A,B,C,D,E,F,G 
# 
loop_
_pdbx_struct_assembly_prop.biol_id 
_pdbx_struct_assembly_prop.type 
_pdbx_struct_assembly_prop.value 
_pdbx_struct_assembly_prop.details 
1 'ABSA (A^2)' 6060 ? 
1 MORE         -70  ? 
1 'SSA (A^2)'  7780 ? 
# 
loop_
_pdbx_struct_oper_list.id 
_pdbx_struct_oper_list.type 
_pdbx_struct_oper_list.name 
_pdbx_struct_oper_list.symmetry_operation 
_pdbx_struct_oper_list.matrix[1][1] 
_pdbx_struct_oper_list.matrix[1][2] 
_pdbx_struct_oper_list.matrix[1][3] 
_pdbx_struct_oper_list.vector[1] 
_pdbx_struct_oper_list.matrix[2][1] 
_pdbx_struct_oper_list.matrix[2][2] 
_pdbx_struct_oper_list.matrix[2][3] 
_pdbx_struct_oper_list.vector[2] 
_pdbx_struct_oper_list.matrix[3][1] 
_pdbx_struct_oper_list.matrix[3][2] 
_pdbx_struct_oper_list.matrix[3][3] 
_pdbx_struct_oper_list.vector[3] 
1 'identity operation'         1_555 x,y,z     1.0000000000 0.0000000000 0.0000000000 0.0000000000 0.0000000000 1.0000000000  0.0000000000 0.0000000000  0.0000000000 0.0000000000 1.0000000000  0.0000000000  
2 'crystal symmetry operation' 8_555 x-y,-y,-z 0.3223562981 0.2906735970 0.9008858291 1.5689200643 0.2906735970 -0.9361056168 0.1980281145 -3.7921487244 0.9008858291 0.1980281145 -0.3862506813 -1.0793751956 
# 
loop_
_pdbx_struct_special_symmetry.id 
_pdbx_struct_special_symmetry.PDB_model_num 
_pdbx_struct_special_symmetry.auth_asym_id 
_pdbx_struct_special_symmetry.auth_comp_id 
_pdbx_struct_special_symmetry.auth_seq_id 
_pdbx_struct_special_symmetry.PDB_ins_code 
_pdbx_struct_special_symmetry.label_asym_id 
_pdbx_struct_special_symmetry.label_comp_id 
_pdbx_struct_special_symmetry.label_seq_id 
1 1 A SO4 204 ? E SO4 . 
2 1 A HOH 328 ? G HOH . 
# 
loop_
_pdbx_audit_revision_history.ordinal 
_pdbx_audit_revision_history.data_content_type 
_pdbx_audit_revision_history.major_revision 
_pdbx_audit_revision_history.minor_revision 
_pdbx_audit_revision_history.revision_date 
1 'Structure model' 1 0 2014-12-10 
2 'Structure model' 1 1 2014-12-17 
3 'Structure model' 1 2 2023-09-20 
# 
_pdbx_audit_revision_details.ordinal             1 
_pdbx_audit_revision_details.revision_ordinal    1 
_pdbx_audit_revision_details.data_content_type   'Structure model' 
_pdbx_audit_revision_details.provider            repository 
_pdbx_audit_revision_details.type                'Initial release' 
_pdbx_audit_revision_details.description         ? 
_pdbx_audit_revision_details.details             ? 
# 
loop_
_pdbx_audit_revision_group.ordinal 
_pdbx_audit_revision_group.revision_ordinal 
_pdbx_audit_revision_group.data_content_type 
_pdbx_audit_revision_group.group 
1 2 'Structure model' 'Database references'    
2 3 'Structure model' 'Data collection'        
3 3 'Structure model' 'Database references'    
4 3 'Structure model' 'Derived calculations'   
5 3 'Structure model' 'Refinement description' 
# 
loop_
_pdbx_audit_revision_category.ordinal 
_pdbx_audit_revision_category.revision_ordinal 
_pdbx_audit_revision_category.data_content_type 
_pdbx_audit_revision_category.category 
1 3 'Structure model' chem_comp_atom                
2 3 'Structure model' chem_comp_bond                
3 3 'Structure model' database_2                    
4 3 'Structure model' pdbx_initial_refinement_model 
5 3 'Structure model' struct_ref_seq_dif            
6 3 'Structure model' struct_site                   
# 
loop_
_pdbx_audit_revision_item.ordinal 
_pdbx_audit_revision_item.revision_ordinal 
_pdbx_audit_revision_item.data_content_type 
_pdbx_audit_revision_item.item 
1 3 'Structure model' '_database_2.pdbx_DOI'                
2 3 'Structure model' '_database_2.pdbx_database_accession' 
3 3 'Structure model' '_struct_ref_seq_dif.details'         
4 3 'Structure model' '_struct_site.pdbx_auth_asym_id'      
5 3 'Structure model' '_struct_site.pdbx_auth_comp_id'      
6 3 'Structure model' '_struct_site.pdbx_auth_seq_id'       
# 
_phasing.method   MR 
# 
loop_
_software.pdbx_ordinal 
_software.name 
_software.version 
_software.date 
_software.type 
_software.contact_author 
_software.contact_author_email 
_software.classification 
_software.location 
_software.language 
_software.citation_id 
1 Aimless     0.1.30     30/08/12        program 'Phil Evans'    ?                           'data scaling'    
http://www.mrc-lmb.cam.ac.uk/harry/pre/aimless.html ?   ? 
2 PHASER      .          ?               program 'Randy J. Read' cimr-phaser@lists.cam.ac.uk phasing           
http://www-structmed.cimr.cam.ac.uk/phaser/         ?   ? 
3 PHENIX      1.8.2_1309 ?               package 'Paul D. Adams' PDAdams@lbl.gov             refinement        
http://www.phenix-online.org/                       C++ ? 
4 PDB_EXTRACT 3.14       'Dec. 10, 2013' package PDB             deposit@deposit.rcsb.org    'data extraction' 
http://sw-tools.pdb.org/apps/PDB_EXTRACT/           C++ ? 
5 XDS         .          ?               ?       ?               ?                           'data reduction'  ? ?   ? 
# 
loop_
_pdbx_unobs_or_zero_occ_residues.id 
_pdbx_unobs_or_zero_occ_residues.PDB_model_num 
_pdbx_unobs_or_zero_occ_residues.polymer_flag 
_pdbx_unobs_or_zero_occ_residues.occupancy_flag 
_pdbx_unobs_or_zero_occ_residues.auth_asym_id 
_pdbx_unobs_or_zero_occ_residues.auth_comp_id 
_pdbx_unobs_or_zero_occ_residues.auth_seq_id 
_pdbx_unobs_or_zero_occ_residues.PDB_ins_code 
_pdbx_unobs_or_zero_occ_residues.label_asym_id 
_pdbx_unobs_or_zero_occ_residues.label_comp_id 
_pdbx_unobs_or_zero_occ_residues.label_seq_id 
1  1 Y 1 A MET 64 ? A MET 1  
2  1 Y 1 A GLY 65 ? A GLY 2  
3  1 Y 1 A SER 66 ? A SER 3  
4  1 Y 1 A SER 67 ? A SER 4  
5  1 Y 1 A HIS 68 ? A HIS 5  
6  1 Y 1 A HIS 69 ? A HIS 6  
7  1 Y 1 A HIS 70 ? A HIS 7  
8  1 Y 1 A HIS 71 ? A HIS 8  
9  1 Y 1 A HIS 72 ? A HIS 9  
10 1 Y 1 A HIS 73 ? A HIS 10 
11 1 Y 1 A SER 74 ? A SER 11 
12 1 Y 1 A SER 75 ? A SER 12 
13 1 Y 1 A GLY 76 ? A GLY 13 
14 1 Y 1 A LEU 77 ? A LEU 14 
15 1 Y 1 A VAL 78 ? A VAL 15 
16 1 Y 1 A PRO 79 ? A PRO 16 
17 1 Y 1 A ARG 80 ? A ARG 17 
18 1 Y 1 A GLY 81 ? A GLY 18 
19 1 Y 1 A SER 82 ? A SER 19 
20 1 Y 1 A HIS 83 ? A HIS 20 
# 
loop_
_chem_comp_atom.comp_id 
_chem_comp_atom.atom_id 
_chem_comp_atom.type_symbol 
_chem_comp_atom.pdbx_aromatic_flag 
_chem_comp_atom.pdbx_stereo_config 
_chem_comp_atom.pdbx_ordinal 
ALA N    N N N 1   
ALA CA   C N S 2   
ALA C    C N N 3   
ALA O    O N N 4   
ALA CB   C N N 5   
ALA OXT  O N N 6   
ALA H    H N N 7   
ALA H2   H N N 8   
ALA HA   H N N 9   
ALA HB1  H N N 10  
ALA HB2  H N N 11  
ALA HB3  H N N 12  
ALA HXT  H N N 13  
ARG N    N N N 14  
ARG CA   C N S 15  
ARG C    C N N 16  
ARG O    O N N 17  
ARG CB   C N N 18  
ARG CG   C N N 19  
ARG CD   C N N 20  
ARG NE   N N N 21  
ARG CZ   C N N 22  
ARG NH1  N N N 23  
ARG NH2  N N N 24  
ARG OXT  O N N 25  
ARG H    H N N 26  
ARG H2   H N N 27  
ARG HA   H N N 28  
ARG HB2  H N N 29  
ARG HB3  H N N 30  
ARG HG2  H N N 31  
ARG HG3  H N N 32  
ARG HD2  H N N 33  
ARG HD3  H N N 34  
ARG HE   H N N 35  
ARG HH11 H N N 36  
ARG HH12 H N N 37  
ARG HH21 H N N 38  
ARG HH22 H N N 39  
ARG HXT  H N N 40  
ASN N    N N N 41  
ASN CA   C N S 42  
ASN C    C N N 43  
ASN O    O N N 44  
ASN CB   C N N 45  
ASN CG   C N N 46  
ASN OD1  O N N 47  
ASN ND2  N N N 48  
ASN OXT  O N N 49  
ASN H    H N N 50  
ASN H2   H N N 51  
ASN HA   H N N 52  
ASN HB2  H N N 53  
ASN HB3  H N N 54  
ASN HD21 H N N 55  
ASN HD22 H N N 56  
ASN HXT  H N N 57  
ASP N    N N N 58  
ASP CA   C N S 59  
ASP C    C N N 60  
ASP O    O N N 61  
ASP CB   C N N 62  
ASP CG   C N N 63  
ASP OD1  O N N 64  
ASP OD2  O N N 65  
ASP OXT  O N N 66  
ASP H    H N N 67  
ASP H2   H N N 68  
ASP HA   H N N 69  
ASP HB2  H N N 70  
ASP HB3  H N N 71  
ASP HD2  H N N 72  
ASP HXT  H N N 73  
GLN N    N N N 74  
GLN CA   C N S 75  
GLN C    C N N 76  
GLN O    O N N 77  
GLN CB   C N N 78  
GLN CG   C N N 79  
GLN CD   C N N 80  
GLN OE1  O N N 81  
GLN NE2  N N N 82  
GLN OXT  O N N 83  
GLN H    H N N 84  
GLN H2   H N N 85  
GLN HA   H N N 86  
GLN HB2  H N N 87  
GLN HB3  H N N 88  
GLN HG2  H N N 89  
GLN HG3  H N N 90  
GLN HE21 H N N 91  
GLN HE22 H N N 92  
GLN HXT  H N N 93  
GLU N    N N N 94  
GLU CA   C N S 95  
GLU C    C N N 96  
GLU O    O N N 97  
GLU CB   C N N 98  
GLU CG   C N N 99  
GLU CD   C N N 100 
GLU OE1  O N N 101 
GLU OE2  O N N 102 
GLU OXT  O N N 103 
GLU H    H N N 104 
GLU H2   H N N 105 
GLU HA   H N N 106 
GLU HB2  H N N 107 
GLU HB3  H N N 108 
GLU HG2  H N N 109 
GLU HG3  H N N 110 
GLU HE2  H N N 111 
GLU HXT  H N N 112 
GLY N    N N N 113 
GLY CA   C N N 114 
GLY C    C N N 115 
GLY O    O N N 116 
GLY OXT  O N N 117 
GLY H    H N N 118 
GLY H2   H N N 119 
GLY HA2  H N N 120 
GLY HA3  H N N 121 
GLY HXT  H N N 122 
GOL C1   C N N 123 
GOL O1   O N N 124 
GOL C2   C N N 125 
GOL O2   O N N 126 
GOL C3   C N N 127 
GOL O3   O N N 128 
GOL H11  H N N 129 
GOL H12  H N N 130 
GOL HO1  H N N 131 
GOL H2   H N N 132 
GOL HO2  H N N 133 
GOL H31  H N N 134 
GOL H32  H N N 135 
GOL HO3  H N N 136 
HIS N    N N N 137 
HIS CA   C N S 138 
HIS C    C N N 139 
HIS O    O N N 140 
HIS CB   C N N 141 
HIS CG   C Y N 142 
HIS ND1  N Y N 143 
HIS CD2  C Y N 144 
HIS CE1  C Y N 145 
HIS NE2  N Y N 146 
HIS OXT  O N N 147 
HIS H    H N N 148 
HIS H2   H N N 149 
HIS HA   H N N 150 
HIS HB2  H N N 151 
HIS HB3  H N N 152 
HIS HD1  H N N 153 
HIS HD2  H N N 154 
HIS HE1  H N N 155 
HIS HE2  H N N 156 
HIS HXT  H N N 157 
HOH O    O N N 158 
HOH H1   H N N 159 
HOH H2   H N N 160 
ILE N    N N N 161 
ILE CA   C N S 162 
ILE C    C N N 163 
ILE O    O N N 164 
ILE CB   C N S 165 
ILE CG1  C N N 166 
ILE CG2  C N N 167 
ILE CD1  C N N 168 
ILE OXT  O N N 169 
ILE H    H N N 170 
ILE H2   H N N 171 
ILE HA   H N N 172 
ILE HB   H N N 173 
ILE HG12 H N N 174 
ILE HG13 H N N 175 
ILE HG21 H N N 176 
ILE HG22 H N N 177 
ILE HG23 H N N 178 
ILE HD11 H N N 179 
ILE HD12 H N N 180 
ILE HD13 H N N 181 
ILE HXT  H N N 182 
LEU N    N N N 183 
LEU CA   C N S 184 
LEU C    C N N 185 
LEU O    O N N 186 
LEU CB   C N N 187 
LEU CG   C N N 188 
LEU CD1  C N N 189 
LEU CD2  C N N 190 
LEU OXT  O N N 191 
LEU H    H N N 192 
LEU H2   H N N 193 
LEU HA   H N N 194 
LEU HB2  H N N 195 
LEU HB3  H N N 196 
LEU HG   H N N 197 
LEU HD11 H N N 198 
LEU HD12 H N N 199 
LEU HD13 H N N 200 
LEU HD21 H N N 201 
LEU HD22 H N N 202 
LEU HD23 H N N 203 
LEU HXT  H N N 204 
LYS N    N N N 205 
LYS CA   C N S 206 
LYS C    C N N 207 
LYS O    O N N 208 
LYS CB   C N N 209 
LYS CG   C N N 210 
LYS CD   C N N 211 
LYS CE   C N N 212 
LYS NZ   N N N 213 
LYS OXT  O N N 214 
LYS H    H N N 215 
LYS H2   H N N 216 
LYS HA   H N N 217 
LYS HB2  H N N 218 
LYS HB3  H N N 219 
LYS HG2  H N N 220 
LYS HG3  H N N 221 
LYS HD2  H N N 222 
LYS HD3  H N N 223 
LYS HE2  H N N 224 
LYS HE3  H N N 225 
LYS HZ1  H N N 226 
LYS HZ2  H N N 227 
LYS HZ3  H N N 228 
LYS HXT  H N N 229 
MET N    N N N 230 
MET CA   C N S 231 
MET C    C N N 232 
MET O    O N N 233 
MET CB   C N N 234 
MET CG   C N N 235 
MET SD   S N N 236 
MET CE   C N N 237 
MET OXT  O N N 238 
MET H    H N N 239 
MET H2   H N N 240 
MET HA   H N N 241 
MET HB2  H N N 242 
MET HB3  H N N 243 
MET HG2  H N N 244 
MET HG3  H N N 245 
MET HE1  H N N 246 
MET HE2  H N N 247 
MET HE3  H N N 248 
MET HXT  H N N 249 
PEG C1   C N N 250 
PEG O1   O N N 251 
PEG C2   C N N 252 
PEG O2   O N N 253 
PEG C3   C N N 254 
PEG C4   C N N 255 
PEG O4   O N N 256 
PEG H11  H N N 257 
PEG H12  H N N 258 
PEG HO1  H N N 259 
PEG H21  H N N 260 
PEG H22  H N N 261 
PEG H31  H N N 262 
PEG H32  H N N 263 
PEG H41  H N N 264 
PEG H42  H N N 265 
PEG HO4  H N N 266 
PGE C1   C N N 267 
PGE O1   O N N 268 
PGE C2   C N N 269 
PGE O2   O N N 270 
PGE C3   C N N 271 
PGE C4   C N N 272 
PGE O4   O N N 273 
PGE C6   C N N 274 
PGE C5   C N N 275 
PGE O3   O N N 276 
PGE H1   H N N 277 
PGE H12  H N N 278 
PGE HO1  H N N 279 
PGE H2   H N N 280 
PGE H22  H N N 281 
PGE H3   H N N 282 
PGE H32  H N N 283 
PGE H4   H N N 284 
PGE H42  H N N 285 
PGE HO4  H N N 286 
PGE H6   H N N 287 
PGE H62  H N N 288 
PGE H5   H N N 289 
PGE H52  H N N 290 
PHE N    N N N 291 
PHE CA   C N S 292 
PHE C    C N N 293 
PHE O    O N N 294 
PHE CB   C N N 295 
PHE CG   C Y N 296 
PHE CD1  C Y N 297 
PHE CD2  C Y N 298 
PHE CE1  C Y N 299 
PHE CE2  C Y N 300 
PHE CZ   C Y N 301 
PHE OXT  O N N 302 
PHE H    H N N 303 
PHE H2   H N N 304 
PHE HA   H N N 305 
PHE HB2  H N N 306 
PHE HB3  H N N 307 
PHE HD1  H N N 308 
PHE HD2  H N N 309 
PHE HE1  H N N 310 
PHE HE2  H N N 311 
PHE HZ   H N N 312 
PHE HXT  H N N 313 
PRO N    N N N 314 
PRO CA   C N S 315 
PRO C    C N N 316 
PRO O    O N N 317 
PRO CB   C N N 318 
PRO CG   C N N 319 
PRO CD   C N N 320 
PRO OXT  O N N 321 
PRO H    H N N 322 
PRO HA   H N N 323 
PRO HB2  H N N 324 
PRO HB3  H N N 325 
PRO HG2  H N N 326 
PRO HG3  H N N 327 
PRO HD2  H N N 328 
PRO HD3  H N N 329 
PRO HXT  H N N 330 
SER N    N N N 331 
SER CA   C N S 332 
SER C    C N N 333 
SER O    O N N 334 
SER CB   C N N 335 
SER OG   O N N 336 
SER OXT  O N N 337 
SER H    H N N 338 
SER H2   H N N 339 
SER HA   H N N 340 
SER HB2  H N N 341 
SER HB3  H N N 342 
SER HG   H N N 343 
SER HXT  H N N 344 
SO4 S    S N N 345 
SO4 O1   O N N 346 
SO4 O2   O N N 347 
SO4 O3   O N N 348 
SO4 O4   O N N 349 
THR N    N N N 350 
THR CA   C N S 351 
THR C    C N N 352 
THR O    O N N 353 
THR CB   C N R 354 
THR OG1  O N N 355 
THR CG2  C N N 356 
THR OXT  O N N 357 
THR H    H N N 358 
THR H2   H N N 359 
THR HA   H N N 360 
THR HB   H N N 361 
THR HG1  H N N 362 
THR HG21 H N N 363 
THR HG22 H N N 364 
THR HG23 H N N 365 
THR HXT  H N N 366 
TRP N    N N N 367 
TRP CA   C N S 368 
TRP C    C N N 369 
TRP O    O N N 370 
TRP CB   C N N 371 
TRP CG   C Y N 372 
TRP CD1  C Y N 373 
TRP CD2  C Y N 374 
TRP NE1  N Y N 375 
TRP CE2  C Y N 376 
TRP CE3  C Y N 377 
TRP CZ2  C Y N 378 
TRP CZ3  C Y N 379 
TRP CH2  C Y N 380 
TRP OXT  O N N 381 
TRP H    H N N 382 
TRP H2   H N N 383 
TRP HA   H N N 384 
TRP HB2  H N N 385 
TRP HB3  H N N 386 
TRP HD1  H N N 387 
TRP HE1  H N N 388 
TRP HE3  H N N 389 
TRP HZ2  H N N 390 
TRP HZ3  H N N 391 
TRP HH2  H N N 392 
TRP HXT  H N N 393 
TYR N    N N N 394 
TYR CA   C N S 395 
TYR C    C N N 396 
TYR O    O N N 397 
TYR CB   C N N 398 
TYR CG   C Y N 399 
TYR CD1  C Y N 400 
TYR CD2  C Y N 401 
TYR CE1  C Y N 402 
TYR CE2  C Y N 403 
TYR CZ   C Y N 404 
TYR OH   O N N 405 
TYR OXT  O N N 406 
TYR H    H N N 407 
TYR H2   H N N 408 
TYR HA   H N N 409 
TYR HB2  H N N 410 
TYR HB3  H N N 411 
TYR HD1  H N N 412 
TYR HD2  H N N 413 
TYR HE1  H N N 414 
TYR HE2  H N N 415 
TYR HH   H N N 416 
TYR HXT  H N N 417 
VAL N    N N N 418 
VAL CA   C N S 419 
VAL C    C N N 420 
VAL O    O N N 421 
VAL CB   C N N 422 
VAL CG1  C N N 423 
VAL CG2  C N N 424 
VAL OXT  O N N 425 
VAL H    H N N 426 
VAL H2   H N N 427 
VAL HA   H N N 428 
VAL HB   H N N 429 
VAL HG11 H N N 430 
VAL HG12 H N N 431 
VAL HG13 H N N 432 
VAL HG21 H N N 433 
VAL HG22 H N N 434 
VAL HG23 H N N 435 
VAL HXT  H N N 436 
# 
loop_
_chem_comp_bond.comp_id 
_chem_comp_bond.atom_id_1 
_chem_comp_bond.atom_id_2 
_chem_comp_bond.value_order 
_chem_comp_bond.pdbx_aromatic_flag 
_chem_comp_bond.pdbx_stereo_config 
_chem_comp_bond.pdbx_ordinal 
ALA N   CA   sing N N 1   
ALA N   H    sing N N 2   
ALA N   H2   sing N N 3   
ALA CA  C    sing N N 4   
ALA CA  CB   sing N N 5   
ALA CA  HA   sing N N 6   
ALA C   O    doub N N 7   
ALA C   OXT  sing N N 8   
ALA CB  HB1  sing N N 9   
ALA CB  HB2  sing N N 10  
ALA CB  HB3  sing N N 11  
ALA OXT HXT  sing N N 12  
ARG N   CA   sing N N 13  
ARG N   H    sing N N 14  
ARG N   H2   sing N N 15  
ARG CA  C    sing N N 16  
ARG CA  CB   sing N N 17  
ARG CA  HA   sing N N 18  
ARG C   O    doub N N 19  
ARG C   OXT  sing N N 20  
ARG CB  CG   sing N N 21  
ARG CB  HB2  sing N N 22  
ARG CB  HB3  sing N N 23  
ARG CG  CD   sing N N 24  
ARG CG  HG2  sing N N 25  
ARG CG  HG3  sing N N 26  
ARG CD  NE   sing N N 27  
ARG CD  HD2  sing N N 28  
ARG CD  HD3  sing N N 29  
ARG NE  CZ   sing N N 30  
ARG NE  HE   sing N N 31  
ARG CZ  NH1  sing N N 32  
ARG CZ  NH2  doub N N 33  
ARG NH1 HH11 sing N N 34  
ARG NH1 HH12 sing N N 35  
ARG NH2 HH21 sing N N 36  
ARG NH2 HH22 sing N N 37  
ARG OXT HXT  sing N N 38  
ASN N   CA   sing N N 39  
ASN N   H    sing N N 40  
ASN N   H2   sing N N 41  
ASN CA  C    sing N N 42  
ASN CA  CB   sing N N 43  
ASN CA  HA   sing N N 44  
ASN C   O    doub N N 45  
ASN C   OXT  sing N N 46  
ASN CB  CG   sing N N 47  
ASN CB  HB2  sing N N 48  
ASN CB  HB3  sing N N 49  
ASN CG  OD1  doub N N 50  
ASN CG  ND2  sing N N 51  
ASN ND2 HD21 sing N N 52  
ASN ND2 HD22 sing N N 53  
ASN OXT HXT  sing N N 54  
ASP N   CA   sing N N 55  
ASP N   H    sing N N 56  
ASP N   H2   sing N N 57  
ASP CA  C    sing N N 58  
ASP CA  CB   sing N N 59  
ASP CA  HA   sing N N 60  
ASP C   O    doub N N 61  
ASP C   OXT  sing N N 62  
ASP CB  CG   sing N N 63  
ASP CB  HB2  sing N N 64  
ASP CB  HB3  sing N N 65  
ASP CG  OD1  doub N N 66  
ASP CG  OD2  sing N N 67  
ASP OD2 HD2  sing N N 68  
ASP OXT HXT  sing N N 69  
GLN N   CA   sing N N 70  
GLN N   H    sing N N 71  
GLN N   H2   sing N N 72  
GLN CA  C    sing N N 73  
GLN CA  CB   sing N N 74  
GLN CA  HA   sing N N 75  
GLN C   O    doub N N 76  
GLN C   OXT  sing N N 77  
GLN CB  CG   sing N N 78  
GLN CB  HB2  sing N N 79  
GLN CB  HB3  sing N N 80  
GLN CG  CD   sing N N 81  
GLN CG  HG2  sing N N 82  
GLN CG  HG3  sing N N 83  
GLN CD  OE1  doub N N 84  
GLN CD  NE2  sing N N 85  
GLN NE2 HE21 sing N N 86  
GLN NE2 HE22 sing N N 87  
GLN OXT HXT  sing N N 88  
GLU N   CA   sing N N 89  
GLU N   H    sing N N 90  
GLU N   H2   sing N N 91  
GLU CA  C    sing N N 92  
GLU CA  CB   sing N N 93  
GLU CA  HA   sing N N 94  
GLU C   O    doub N N 95  
GLU C   OXT  sing N N 96  
GLU CB  CG   sing N N 97  
GLU CB  HB2  sing N N 98  
GLU CB  HB3  sing N N 99  
GLU CG  CD   sing N N 100 
GLU CG  HG2  sing N N 101 
GLU CG  HG3  sing N N 102 
GLU CD  OE1  doub N N 103 
GLU CD  OE2  sing N N 104 
GLU OE2 HE2  sing N N 105 
GLU OXT HXT  sing N N 106 
GLY N   CA   sing N N 107 
GLY N   H    sing N N 108 
GLY N   H2   sing N N 109 
GLY CA  C    sing N N 110 
GLY CA  HA2  sing N N 111 
GLY CA  HA3  sing N N 112 
GLY C   O    doub N N 113 
GLY C   OXT  sing N N 114 
GLY OXT HXT  sing N N 115 
GOL C1  O1   sing N N 116 
GOL C1  C2   sing N N 117 
GOL C1  H11  sing N N 118 
GOL C1  H12  sing N N 119 
GOL O1  HO1  sing N N 120 
GOL C2  O2   sing N N 121 
GOL C2  C3   sing N N 122 
GOL C2  H2   sing N N 123 
GOL O2  HO2  sing N N 124 
GOL C3  O3   sing N N 125 
GOL C3  H31  sing N N 126 
GOL C3  H32  sing N N 127 
GOL O3  HO3  sing N N 128 
HIS N   CA   sing N N 129 
HIS N   H    sing N N 130 
HIS N   H2   sing N N 131 
HIS CA  C    sing N N 132 
HIS CA  CB   sing N N 133 
HIS CA  HA   sing N N 134 
HIS C   O    doub N N 135 
HIS C   OXT  sing N N 136 
HIS CB  CG   sing N N 137 
HIS CB  HB2  sing N N 138 
HIS CB  HB3  sing N N 139 
HIS CG  ND1  sing Y N 140 
HIS CG  CD2  doub Y N 141 
HIS ND1 CE1  doub Y N 142 
HIS ND1 HD1  sing N N 143 
HIS CD2 NE2  sing Y N 144 
HIS CD2 HD2  sing N N 145 
HIS CE1 NE2  sing Y N 146 
HIS CE1 HE1  sing N N 147 
HIS NE2 HE2  sing N N 148 
HIS OXT HXT  sing N N 149 
HOH O   H1   sing N N 150 
HOH O   H2   sing N N 151 
ILE N   CA   sing N N 152 
ILE N   H    sing N N 153 
ILE N   H2   sing N N 154 
ILE CA  C    sing N N 155 
ILE CA  CB   sing N N 156 
ILE CA  HA   sing N N 157 
ILE C   O    doub N N 158 
ILE C   OXT  sing N N 159 
ILE CB  CG1  sing N N 160 
ILE CB  CG2  sing N N 161 
ILE CB  HB   sing N N 162 
ILE CG1 CD1  sing N N 163 
ILE CG1 HG12 sing N N 164 
ILE CG1 HG13 sing N N 165 
ILE CG2 HG21 sing N N 166 
ILE CG2 HG22 sing N N 167 
ILE CG2 HG23 sing N N 168 
ILE CD1 HD11 sing N N 169 
ILE CD1 HD12 sing N N 170 
ILE CD1 HD13 sing N N 171 
ILE OXT HXT  sing N N 172 
LEU N   CA   sing N N 173 
LEU N   H    sing N N 174 
LEU N   H2   sing N N 175 
LEU CA  C    sing N N 176 
LEU CA  CB   sing N N 177 
LEU CA  HA   sing N N 178 
LEU C   O    doub N N 179 
LEU C   OXT  sing N N 180 
LEU CB  CG   sing N N 181 
LEU CB  HB2  sing N N 182 
LEU CB  HB3  sing N N 183 
LEU CG  CD1  sing N N 184 
LEU CG  CD2  sing N N 185 
LEU CG  HG   sing N N 186 
LEU CD1 HD11 sing N N 187 
LEU CD1 HD12 sing N N 188 
LEU CD1 HD13 sing N N 189 
LEU CD2 HD21 sing N N 190 
LEU CD2 HD22 sing N N 191 
LEU CD2 HD23 sing N N 192 
LEU OXT HXT  sing N N 193 
LYS N   CA   sing N N 194 
LYS N   H    sing N N 195 
LYS N   H2   sing N N 196 
LYS CA  C    sing N N 197 
LYS CA  CB   sing N N 198 
LYS CA  HA   sing N N 199 
LYS C   O    doub N N 200 
LYS C   OXT  sing N N 201 
LYS CB  CG   sing N N 202 
LYS CB  HB2  sing N N 203 
LYS CB  HB3  sing N N 204 
LYS CG  CD   sing N N 205 
LYS CG  HG2  sing N N 206 
LYS CG  HG3  sing N N 207 
LYS CD  CE   sing N N 208 
LYS CD  HD2  sing N N 209 
LYS CD  HD3  sing N N 210 
LYS CE  NZ   sing N N 211 
LYS CE  HE2  sing N N 212 
LYS CE  HE3  sing N N 213 
LYS NZ  HZ1  sing N N 214 
LYS NZ  HZ2  sing N N 215 
LYS NZ  HZ3  sing N N 216 
LYS OXT HXT  sing N N 217 
MET N   CA   sing N N 218 
MET N   H    sing N N 219 
MET N   H2   sing N N 220 
MET CA  C    sing N N 221 
MET CA  CB   sing N N 222 
MET CA  HA   sing N N 223 
MET C   O    doub N N 224 
MET C   OXT  sing N N 225 
MET CB  CG   sing N N 226 
MET CB  HB2  sing N N 227 
MET CB  HB3  sing N N 228 
MET CG  SD   sing N N 229 
MET CG  HG2  sing N N 230 
MET CG  HG3  sing N N 231 
MET SD  CE   sing N N 232 
MET CE  HE1  sing N N 233 
MET CE  HE2  sing N N 234 
MET CE  HE3  sing N N 235 
MET OXT HXT  sing N N 236 
PEG C1  O1   sing N N 237 
PEG C1  C2   sing N N 238 
PEG C1  H11  sing N N 239 
PEG C1  H12  sing N N 240 
PEG O1  HO1  sing N N 241 
PEG C2  O2   sing N N 242 
PEG C2  H21  sing N N 243 
PEG C2  H22  sing N N 244 
PEG O2  C3   sing N N 245 
PEG C3  C4   sing N N 246 
PEG C3  H31  sing N N 247 
PEG C3  H32  sing N N 248 
PEG C4  O4   sing N N 249 
PEG C4  H41  sing N N 250 
PEG C4  H42  sing N N 251 
PEG O4  HO4  sing N N 252 
PGE C1  O1   sing N N 253 
PGE C1  C2   sing N N 254 
PGE C1  H1   sing N N 255 
PGE C1  H12  sing N N 256 
PGE O1  HO1  sing N N 257 
PGE C2  O2   sing N N 258 
PGE C2  H2   sing N N 259 
PGE C2  H22  sing N N 260 
PGE O2  C3   sing N N 261 
PGE C3  C4   sing N N 262 
PGE C3  H3   sing N N 263 
PGE C3  H32  sing N N 264 
PGE C4  O3   sing N N 265 
PGE C4  H4   sing N N 266 
PGE C4  H42  sing N N 267 
PGE O4  C6   sing N N 268 
PGE O4  HO4  sing N N 269 
PGE C6  C5   sing N N 270 
PGE C6  H6   sing N N 271 
PGE C6  H62  sing N N 272 
PGE C5  O3   sing N N 273 
PGE C5  H5   sing N N 274 
PGE C5  H52  sing N N 275 
PHE N   CA   sing N N 276 
PHE N   H    sing N N 277 
PHE N   H2   sing N N 278 
PHE CA  C    sing N N 279 
PHE CA  CB   sing N N 280 
PHE CA  HA   sing N N 281 
PHE C   O    doub N N 282 
PHE C   OXT  sing N N 283 
PHE CB  CG   sing N N 284 
PHE CB  HB2  sing N N 285 
PHE CB  HB3  sing N N 286 
PHE CG  CD1  doub Y N 287 
PHE CG  CD2  sing Y N 288 
PHE CD1 CE1  sing Y N 289 
PHE CD1 HD1  sing N N 290 
PHE CD2 CE2  doub Y N 291 
PHE CD2 HD2  sing N N 292 
PHE CE1 CZ   doub Y N 293 
PHE CE1 HE1  sing N N 294 
PHE CE2 CZ   sing Y N 295 
PHE CE2 HE2  sing N N 296 
PHE CZ  HZ   sing N N 297 
PHE OXT HXT  sing N N 298 
PRO N   CA   sing N N 299 
PRO N   CD   sing N N 300 
PRO N   H    sing N N 301 
PRO CA  C    sing N N 302 
PRO CA  CB   sing N N 303 
PRO CA  HA   sing N N 304 
PRO C   O    doub N N 305 
PRO C   OXT  sing N N 306 
PRO CB  CG   sing N N 307 
PRO CB  HB2  sing N N 308 
PRO CB  HB3  sing N N 309 
PRO CG  CD   sing N N 310 
PRO CG  HG2  sing N N 311 
PRO CG  HG3  sing N N 312 
PRO CD  HD2  sing N N 313 
PRO CD  HD3  sing N N 314 
PRO OXT HXT  sing N N 315 
SER N   CA   sing N N 316 
SER N   H    sing N N 317 
SER N   H2   sing N N 318 
SER CA  C    sing N N 319 
SER CA  CB   sing N N 320 
SER CA  HA   sing N N 321 
SER C   O    doub N N 322 
SER C   OXT  sing N N 323 
SER CB  OG   sing N N 324 
SER CB  HB2  sing N N 325 
SER CB  HB3  sing N N 326 
SER OG  HG   sing N N 327 
SER OXT HXT  sing N N 328 
SO4 S   O1   doub N N 329 
SO4 S   O2   doub N N 330 
SO4 S   O3   sing N N 331 
SO4 S   O4   sing N N 332 
THR N   CA   sing N N 333 
THR N   H    sing N N 334 
THR N   H2   sing N N 335 
THR CA  C    sing N N 336 
THR CA  CB   sing N N 337 
THR CA  HA   sing N N 338 
THR C   O    doub N N 339 
THR C   OXT  sing N N 340 
THR CB  OG1  sing N N 341 
THR CB  CG2  sing N N 342 
THR CB  HB   sing N N 343 
THR OG1 HG1  sing N N 344 
THR CG2 HG21 sing N N 345 
THR CG2 HG22 sing N N 346 
THR CG2 HG23 sing N N 347 
THR OXT HXT  sing N N 348 
TRP N   CA   sing N N 349 
TRP N   H    sing N N 350 
TRP N   H2   sing N N 351 
TRP CA  C    sing N N 352 
TRP CA  CB   sing N N 353 
TRP CA  HA   sing N N 354 
TRP C   O    doub N N 355 
TRP C   OXT  sing N N 356 
TRP CB  CG   sing N N 357 
TRP CB  HB2  sing N N 358 
TRP CB  HB3  sing N N 359 
TRP CG  CD1  doub Y N 360 
TRP CG  CD2  sing Y N 361 
TRP CD1 NE1  sing Y N 362 
TRP CD1 HD1  sing N N 363 
TRP CD2 CE2  doub Y N 364 
TRP CD2 CE3  sing Y N 365 
TRP NE1 CE2  sing Y N 366 
TRP NE1 HE1  sing N N 367 
TRP CE2 CZ2  sing Y N 368 
TRP CE3 CZ3  doub Y N 369 
TRP CE3 HE3  sing N N 370 
TRP CZ2 CH2  doub Y N 371 
TRP CZ2 HZ2  sing N N 372 
TRP CZ3 CH2  sing Y N 373 
TRP CZ3 HZ3  sing N N 374 
TRP CH2 HH2  sing N N 375 
TRP OXT HXT  sing N N 376 
TYR N   CA   sing N N 377 
TYR N   H    sing N N 378 
TYR N   H2   sing N N 379 
TYR CA  C    sing N N 380 
TYR CA  CB   sing N N 381 
TYR CA  HA   sing N N 382 
TYR C   O    doub N N 383 
TYR C   OXT  sing N N 384 
TYR CB  CG   sing N N 385 
TYR CB  HB2  sing N N 386 
TYR CB  HB3  sing N N 387 
TYR CG  CD1  doub Y N 388 
TYR CG  CD2  sing Y N 389 
TYR CD1 CE1  sing Y N 390 
TYR CD1 HD1  sing N N 391 
TYR CD2 CE2  doub Y N 392 
TYR CD2 HD2  sing N N 393 
TYR CE1 CZ   doub Y N 394 
TYR CE1 HE1  sing N N 395 
TYR CE2 CZ   sing Y N 396 
TYR CE2 HE2  sing N N 397 
TYR CZ  OH   sing N N 398 
TYR OH  HH   sing N N 399 
TYR OXT HXT  sing N N 400 
VAL N   CA   sing N N 401 
VAL N   H    sing N N 402 
VAL N   H2   sing N N 403 
VAL CA  C    sing N N 404 
VAL CA  CB   sing N N 405 
VAL CA  HA   sing N N 406 
VAL C   O    doub N N 407 
VAL C   OXT  sing N N 408 
VAL CB  CG1  sing N N 409 
VAL CB  CG2  sing N N 410 
VAL CB  HB   sing N N 411 
VAL CG1 HG11 sing N N 412 
VAL CG1 HG12 sing N N 413 
VAL CG1 HG13 sing N N 414 
VAL CG2 HG21 sing N N 415 
VAL CG2 HG22 sing N N 416 
VAL CG2 HG23 sing N N 417 
VAL OXT HXT  sing N N 418 
# 
loop_
_pdbx_entity_nonpoly.entity_id 
_pdbx_entity_nonpoly.name 
_pdbx_entity_nonpoly.comp_id 
2 'TRIETHYLENE GLYCOL'    PGE 
3 'DI(HYDROXYETHYL)ETHER' PEG 
4 'SULFATE ION'           SO4 
5 GLYCEROL                GOL 
6 water                   HOH 
# 
_pdbx_initial_refinement_model.id               1 
_pdbx_initial_refinement_model.entity_id_list   ? 
_pdbx_initial_refinement_model.type             'experimental model' 
_pdbx_initial_refinement_model.source_name      PDB 
_pdbx_initial_refinement_model.accession_code   4JZ4 
_pdbx_initial_refinement_model.details          'PDB ENTRY 4JZ4' 
# 
